data_8ORU
#
_entry.id   8ORU
#
_cell.length_a   71.234
_cell.length_b   71.478
_cell.length_c   103.543
_cell.angle_alpha   97.015
_cell.angle_beta   103.424
_cell.angle_gamma   99.045
#
_symmetry.space_group_name_H-M   'P 1'
#
loop_
_entity.id
_entity.type
_entity.pdbx_description
1 polymer 'Cyclic 2,3-diphosphoglycerate synthetase'
2 non-polymer "ADENOSINE-5'-DIPHOSPHATE"
3 non-polymer 1,2-ETHANEDIOL
4 non-polymer '(2R)-2,3-diphosphoglyceric acid'
5 non-polymer 'MAGNESIUM ION'
6 non-polymer 'PHOSPHATE ION'
7 water water
#
_entity_poly.entity_id   1
_entity_poly.type   'polypeptide(L)'
_entity_poly.pdbx_seq_one_letter_code
;GETKKMICLVDGEHYFPVVKDSIEILDDLEHIDVVAVVFIGGTEKLQIEDPKEYSEKLGKPVFFGPDPKKIPYDVIKKCV
KKYNADIVMDLSDEPVVDYTKRFRIASIVLKEGAVYQGADFKFEPLTEYDVLEKPSIKIIGTGKRIGKTAVSAYAARVIH
KHKYNPCVVAMGRGGPREPEIVEGNKIEITAEYLLEQADKGVHAASDHWEDALMSRILTVGCRRCGGGMLGDTFITNVKR
GAEIANKLDSDFVIMEGSGAAIPPVKTNRQIVTVGANQPMININNFFGPFRIGLADLVIITMCEEPMATTEKIKKVEKFI
KEINPSANVIPTVFRPKPVGNVEGKKVLFATTAPKVVVGKLVNYLESKYGCDVVGVTPHLSNRPLLRRDLKKYINKADLM
LTELKAAAVDVATRVAIEAGLDVVYCDNIPVVIDESYGNIDDAIIEVVEMAIDDFKNNR
;
_entity_poly.pdbx_strand_id   AAA,BBB,CCC,DDD
#
loop_
_chem_comp.id
_chem_comp.type
_chem_comp.name
_chem_comp.formula
ADP non-polymer ADENOSINE-5'-DIPHOSPHATE 'C10 H15 N5 O10 P2'
DG2 non-polymer '(2R)-2,3-diphosphoglyceric acid' 'C3 H8 O10 P2'
EDO non-polymer 1,2-ETHANEDIOL 'C2 H6 O2'
MG non-polymer 'MAGNESIUM ION' 'Mg 2'
PO4 non-polymer 'PHOSPHATE ION' 'O4 P -3'
#
# COMPACT_ATOMS: atom_id res chain seq x y z
N GLY A 1 27.31 -20.35 13.04
CA GLY A 1 26.89 -19.06 13.64
C GLY A 1 27.13 -17.90 12.68
N GLU A 2 26.04 -17.29 12.20
CA GLU A 2 26.08 -16.17 11.22
C GLU A 2 25.25 -14.99 11.76
N THR A 3 25.66 -13.77 11.44
CA THR A 3 25.07 -12.53 12.00
C THR A 3 23.65 -12.34 11.45
N LYS A 4 22.70 -12.00 12.32
CA LYS A 4 21.29 -11.79 11.96
C LYS A 4 21.04 -10.29 11.82
N LYS A 5 20.41 -9.90 10.71
CA LYS A 5 20.11 -8.48 10.37
C LYS A 5 18.80 -8.10 11.06
N MET A 6 18.87 -7.12 11.97
CA MET A 6 17.73 -6.70 12.82
C MET A 6 17.28 -5.29 12.39
N ILE A 7 15.97 -5.10 12.27
CA ILE A 7 15.31 -3.77 12.15
C ILE A 7 14.61 -3.49 13.47
N CYS A 8 14.79 -2.28 14.02
CA CYS A 8 14.17 -1.85 15.30
C CYS A 8 12.94 -0.99 15.00
N LEU A 9 11.82 -1.29 15.66
CA LEU A 9 10.61 -0.42 15.64
C LEU A 9 10.64 0.47 16.90
N VAL A 10 10.61 1.79 16.69
CA VAL A 10 10.76 2.80 17.77
C VAL A 10 9.63 3.82 17.63
N ASP A 11 9.42 4.62 18.67
CA ASP A 11 8.31 5.61 18.69
C ASP A 11 8.77 6.91 19.37
N GLY A 12 7.97 7.95 19.19
CA GLY A 12 8.18 9.29 19.77
C GLY A 12 7.49 9.42 21.12
N GLU A 13 7.08 8.29 21.72
CA GLU A 13 6.57 8.23 23.10
C GLU A 13 7.71 7.87 24.05
N HIS A 14 8.85 7.47 23.52
CA HIS A 14 10.12 7.32 24.28
C HIS A 14 11.00 8.52 23.97
N TYR A 15 11.76 9.01 24.95
CA TYR A 15 12.78 10.07 24.74
C TYR A 15 13.95 9.43 23.99
N PHE A 16 14.53 10.16 23.04
CA PHE A 16 15.56 9.65 22.10
C PHE A 16 16.68 8.90 22.83
N PRO A 17 17.30 9.44 23.92
CA PRO A 17 18.49 8.79 24.49
C PRO A 17 18.29 7.34 24.98
N VAL A 18 17.12 6.99 25.50
CA VAL A 18 16.83 5.60 25.98
C VAL A 18 16.65 4.69 24.75
N VAL A 19 16.14 5.22 23.63
CA VAL A 19 16.04 4.49 22.34
C VAL A 19 17.45 4.26 21.78
N LYS A 20 18.29 5.29 21.76
CA LYS A 20 19.69 5.19 21.30
C LYS A 20 20.42 4.13 22.13
N ASP A 21 20.26 4.17 23.45
CA ASP A 21 20.89 3.17 24.37
C ASP A 21 20.42 1.77 24.00
N SER A 22 19.12 1.60 23.74
CA SER A 22 18.53 0.29 23.40
C SER A 22 19.11 -0.23 22.08
N ILE A 23 19.20 0.62 21.07
CA ILE A 23 19.73 0.25 19.73
C ILE A 23 21.20 -0.13 19.86
N GLU A 24 21.99 0.65 20.61
CA GLU A 24 23.44 0.37 20.82
C GLU A 24 23.60 -0.97 21.56
N ILE A 25 22.69 -1.27 22.51
CA ILE A 25 22.73 -2.55 23.28
C ILE A 25 22.43 -3.73 22.34
N LEU A 26 21.44 -3.59 21.47
CA LEU A 26 21.04 -4.65 20.51
C LEU A 26 22.14 -4.85 19.47
N ASP A 27 22.70 -3.76 18.95
CA ASP A 27 23.72 -3.81 17.88
C ASP A 27 25.02 -4.42 18.44
N ASP A 28 25.33 -4.17 19.71
CA ASP A 28 26.60 -4.62 20.35
C ASP A 28 26.50 -6.08 20.78
N LEU A 29 25.35 -6.73 20.61
CA LEU A 29 25.20 -8.20 20.83
C LEU A 29 26.00 -8.97 19.78
N GLU A 30 26.50 -10.15 20.17
CA GLU A 30 27.15 -11.13 19.26
C GLU A 30 26.10 -11.68 18.28
N HIS A 31 26.47 -11.80 17.00
CA HIS A 31 25.66 -12.37 15.89
C HIS A 31 24.34 -11.63 15.66
N ILE A 32 24.24 -10.37 16.07
CA ILE A 32 23.14 -9.43 15.69
C ILE A 32 23.76 -8.13 15.20
N ASP A 33 23.26 -7.60 14.08
CA ASP A 33 23.59 -6.25 13.57
C ASP A 33 22.27 -5.49 13.39
N VAL A 34 22.12 -4.33 14.01
CA VAL A 34 20.97 -3.43 13.72
C VAL A 34 21.30 -2.73 12.41
N VAL A 35 20.47 -2.92 11.38
CA VAL A 35 20.75 -2.45 9.99
C VAL A 35 19.86 -1.25 9.63
N ALA A 36 18.70 -1.12 10.28
CA ALA A 36 17.77 0.00 10.07
C ALA A 36 16.82 0.14 11.25
N VAL A 37 16.16 1.28 11.32
CA VAL A 37 15.17 1.64 12.36
C VAL A 37 13.94 2.18 11.65
N VAL A 38 12.75 1.73 12.05
CA VAL A 38 11.47 2.31 11.56
C VAL A 38 10.77 2.99 12.72
N PHE A 39 10.54 4.29 12.57
CA PHE A 39 9.79 5.12 13.53
C PHE A 39 8.29 4.95 13.26
N ILE A 40 7.57 4.27 14.16
CA ILE A 40 6.19 3.78 13.86
C ILE A 40 5.11 4.76 14.37
N GLY A 41 5.50 5.90 14.96
CA GLY A 41 4.54 6.97 15.33
C GLY A 41 4.82 7.60 16.68
N GLY A 42 3.89 8.44 17.16
CA GLY A 42 3.99 9.16 18.45
C GLY A 42 4.82 10.44 18.32
N THR A 43 4.57 11.46 19.15
CA THR A 43 5.19 12.81 18.94
C THR A 43 5.68 13.46 20.25
N GLU A 44 5.02 13.23 21.39
CA GLU A 44 5.13 14.20 22.52
C GLU A 44 6.56 14.22 23.07
N LYS A 45 7.33 13.14 22.99
CA LYS A 45 8.74 13.08 23.51
C LYS A 45 9.77 13.47 22.44
N LEU A 46 9.32 13.93 21.26
CA LEU A 46 10.20 14.55 20.23
C LEU A 46 10.47 16.03 20.55
N GLN A 47 11.61 16.32 21.20
CA GLN A 47 12.21 17.69 21.23
C GLN A 47 12.98 17.93 19.93
N ILE A 48 13.42 16.87 19.22
CA ILE A 48 13.97 16.93 17.84
C ILE A 48 12.95 17.64 16.94
N GLU A 49 13.40 18.67 16.22
CA GLU A 49 12.57 19.47 15.29
C GLU A 49 12.56 18.82 13.91
N ASP A 50 13.72 18.34 13.44
CA ASP A 50 13.95 17.80 12.08
C ASP A 50 14.16 16.28 12.15
N PRO A 51 13.31 15.46 11.48
CA PRO A 51 13.50 14.00 11.44
C PRO A 51 14.91 13.53 11.05
N LYS A 52 15.69 14.30 10.29
CA LYS A 52 17.07 13.94 9.86
C LYS A 52 18.04 13.87 11.06
N GLU A 53 17.76 14.62 12.13
CA GLU A 53 18.56 14.59 13.39
C GLU A 53 18.58 13.15 13.94
N TYR A 54 17.45 12.44 13.92
CA TYR A 54 17.24 11.10 14.52
C TYR A 54 18.26 10.09 13.95
N SER A 55 18.36 10.02 12.63
CA SER A 55 19.30 9.10 11.91
C SER A 55 20.75 9.52 12.16
N GLU A 56 21.02 10.84 12.15
CA GLU A 56 22.36 11.42 12.36
C GLU A 56 22.87 10.98 13.75
N LYS A 57 22.01 11.11 14.77
CA LYS A 57 22.38 10.89 16.20
C LYS A 57 22.48 9.39 16.51
N LEU A 58 21.73 8.53 15.81
CA LEU A 58 21.78 7.04 15.99
C LEU A 58 22.95 6.42 15.23
N GLY A 59 23.39 7.02 14.12
CA GLY A 59 24.38 6.39 13.22
C GLY A 59 23.79 5.17 12.53
N LYS A 60 22.46 5.18 12.35
CA LYS A 60 21.66 4.13 11.68
C LYS A 60 20.68 4.80 10.74
N PRO A 61 20.33 4.18 9.60
CA PRO A 61 19.27 4.70 8.74
C PRO A 61 17.94 4.59 9.49
N VAL A 62 17.09 5.62 9.37
CA VAL A 62 15.78 5.71 10.07
C VAL A 62 14.73 6.06 9.03
N PHE A 63 13.60 5.36 9.07
CA PHE A 63 12.49 5.49 8.10
C PHE A 63 11.22 5.83 8.87
N PHE A 64 10.38 6.68 8.28
CA PHE A 64 9.20 7.31 8.92
C PHE A 64 7.97 7.05 8.05
N GLY A 65 6.80 7.04 8.67
CA GLY A 65 5.50 7.01 7.96
C GLY A 65 5.15 8.38 7.41
N PRO A 66 4.23 8.46 6.42
CA PRO A 66 3.70 9.74 5.94
C PRO A 66 2.82 10.44 6.99
N ASP A 67 2.16 9.66 7.85
CA ASP A 67 1.22 10.13 8.90
C ASP A 67 1.72 9.66 10.27
N PRO A 68 2.09 10.57 11.20
CA PRO A 68 2.57 10.16 12.52
C PRO A 68 1.49 9.54 13.44
N LYS A 69 0.21 9.57 13.04
CA LYS A 69 -0.92 9.00 13.81
C LYS A 69 -1.20 7.55 13.39
N LYS A 70 -0.53 7.02 12.36
CA LYS A 70 -0.83 5.67 11.81
C LYS A 70 0.46 4.82 11.73
N ILE A 71 0.35 3.52 11.98
CA ILE A 71 1.49 2.55 11.88
C ILE A 71 1.89 2.48 10.40
N PRO A 72 3.15 2.74 10.05
CA PRO A 72 3.61 2.69 8.66
C PRO A 72 3.90 1.25 8.20
N TYR A 73 2.84 0.45 8.12
CA TYR A 73 2.87 -0.99 7.76
C TYR A 73 3.67 -1.20 6.47
N ASP A 74 3.39 -0.38 5.46
CA ASP A 74 4.01 -0.42 4.11
C ASP A 74 5.52 -0.20 4.24
N VAL A 75 5.94 0.75 5.06
CA VAL A 75 7.37 1.12 5.25
C VAL A 75 8.08 -0.03 5.98
N ILE A 76 7.43 -0.65 6.96
CA ILE A 76 7.98 -1.84 7.69
C ILE A 76 8.25 -2.94 6.67
N LYS A 77 7.25 -3.29 5.85
CA LYS A 77 7.32 -4.33 4.80
C LYS A 77 8.47 -4.03 3.83
N LYS A 78 8.52 -2.80 3.31
CA LYS A 78 9.52 -2.34 2.31
C LYS A 78 10.94 -2.41 2.91
N CYS A 79 11.10 -2.06 4.18
CA CYS A 79 12.43 -2.10 4.86
C CYS A 79 12.87 -3.55 5.14
N VAL A 80 11.96 -4.41 5.60
CA VAL A 80 12.30 -5.85 5.84
C VAL A 80 12.77 -6.48 4.51
N LYS A 81 12.08 -6.18 3.40
CA LYS A 81 12.47 -6.63 2.03
C LYS A 81 13.83 -6.03 1.64
N LYS A 82 13.96 -4.70 1.67
CA LYS A 82 15.16 -3.95 1.21
C LYS A 82 16.41 -4.50 1.90
N TYR A 83 16.37 -4.75 3.22
CA TYR A 83 17.55 -5.11 4.05
C TYR A 83 17.65 -6.63 4.19
N ASN A 84 16.67 -7.39 3.69
CA ASN A 84 16.61 -8.88 3.84
C ASN A 84 16.76 -9.21 5.33
N ALA A 85 15.95 -8.57 6.17
CA ALA A 85 16.05 -8.61 7.65
C ALA A 85 15.61 -9.98 8.17
N ASP A 86 16.35 -10.48 9.17
CA ASP A 86 16.13 -11.77 9.86
C ASP A 86 15.20 -11.55 11.05
N ILE A 87 15.28 -10.37 11.68
CA ILE A 87 14.53 -10.05 12.93
C ILE A 87 13.95 -8.65 12.82
N VAL A 88 12.72 -8.46 13.32
CA VAL A 88 12.16 -7.12 13.65
C VAL A 88 11.91 -7.07 15.15
N MET A 89 12.55 -6.10 15.81
CA MET A 89 12.53 -5.93 17.28
C MET A 89 11.65 -4.74 17.62
N ASP A 90 10.64 -4.96 18.46
CA ASP A 90 9.62 -3.96 18.84
C ASP A 90 10.04 -3.29 20.16
N LEU A 91 10.42 -2.01 20.09
CA LEU A 91 10.79 -1.17 21.26
C LEU A 91 9.71 -0.12 21.49
N SER A 92 8.45 -0.49 21.26
CA SER A 92 7.26 0.38 21.45
C SER A 92 6.38 -0.18 22.57
N ASP A 93 5.21 0.44 22.77
CA ASP A 93 4.22 0.10 23.83
C ASP A 93 2.96 0.92 23.52
N GLU A 94 1.87 0.68 24.26
CA GLU A 94 0.74 1.62 24.37
C GLU A 94 1.31 3.03 24.58
N PRO A 95 0.80 4.10 23.93
CA PRO A 95 -0.41 4.08 23.11
C PRO A 95 -0.20 3.74 21.63
N VAL A 96 1.07 3.66 21.20
CA VAL A 96 1.44 3.61 19.77
C VAL A 96 1.05 2.24 19.19
N VAL A 97 1.23 1.15 19.95
CA VAL A 97 0.77 -0.21 19.56
C VAL A 97 -0.09 -0.82 20.67
N ASP A 98 -1.21 -1.45 20.31
CA ASP A 98 -1.96 -2.40 21.17
C ASP A 98 -1.72 -3.80 20.60
N TYR A 99 -2.35 -4.82 21.17
CA TYR A 99 -2.19 -6.23 20.75
C TYR A 99 -2.55 -6.38 19.28
N THR A 100 -3.65 -5.75 18.85
CA THR A 100 -4.18 -5.88 17.47
C THR A 100 -3.14 -5.34 16.49
N LYS A 101 -2.60 -4.16 16.77
CA LYS A 101 -1.56 -3.53 15.93
C LYS A 101 -0.32 -4.42 15.89
N ARG A 102 0.06 -5.02 17.03
CA ARG A 102 1.25 -5.93 17.09
C ARG A 102 1.01 -7.15 16.21
N PHE A 103 -0.19 -7.72 16.21
CA PHE A 103 -0.50 -8.91 15.35
C PHE A 103 -0.55 -8.49 13.88
N ARG A 104 -0.96 -7.25 13.57
CA ARG A 104 -0.89 -6.71 12.18
C ARG A 104 0.57 -6.58 11.76
N ILE A 105 1.44 -6.03 12.62
CA ILE A 105 2.90 -5.89 12.34
C ILE A 105 3.50 -7.30 12.20
N ALA A 106 3.18 -8.19 13.15
CA ALA A 106 3.68 -9.58 13.16
C ALA A 106 3.37 -10.24 11.81
N SER A 107 2.12 -10.13 11.36
CA SER A 107 1.61 -10.79 10.12
C SER A 107 2.43 -10.34 8.91
N ILE A 108 2.83 -9.06 8.85
CA ILE A 108 3.68 -8.52 7.75
C ILE A 108 5.09 -9.08 7.84
N VAL A 109 5.72 -8.96 9.02
CA VAL A 109 7.13 -9.36 9.26
C VAL A 109 7.29 -10.87 9.02
N LEU A 110 6.38 -11.68 9.56
CA LEU A 110 6.48 -13.16 9.48
C LEU A 110 6.30 -13.62 8.03
N LYS A 111 5.49 -12.91 7.23
CA LYS A 111 5.22 -13.26 5.81
C LYS A 111 6.50 -13.05 5.00
N GLU A 112 7.34 -12.08 5.38
CA GLU A 112 8.64 -11.81 4.71
C GLU A 112 9.71 -12.75 5.24
N GLY A 113 9.38 -13.68 6.13
CA GLY A 113 10.34 -14.70 6.63
C GLY A 113 11.23 -14.17 7.75
N ALA A 114 10.88 -13.03 8.34
CA ALA A 114 11.60 -12.46 9.50
C ALA A 114 10.91 -12.88 10.82
N VAL A 115 11.70 -13.02 11.87
CA VAL A 115 11.20 -13.15 13.27
C VAL A 115 10.59 -11.80 13.69
N TYR A 116 9.47 -11.82 14.40
CA TYR A 116 8.94 -10.64 15.12
C TYR A 116 9.07 -10.89 16.63
N GLN A 117 9.71 -9.98 17.34
CA GLN A 117 9.94 -10.13 18.80
C GLN A 117 9.89 -8.78 19.51
N GLY A 118 9.66 -8.83 20.82
CA GLY A 118 9.67 -7.66 21.73
C GLY A 118 10.25 -8.05 23.07
N ALA A 119 9.94 -7.27 24.11
CA ALA A 119 10.46 -7.44 25.48
C ALA A 119 10.14 -8.85 26.02
N ASP A 120 8.94 -9.40 25.74
CA ASP A 120 8.44 -10.62 26.43
C ASP A 120 7.84 -11.65 25.45
N PHE A 121 8.00 -11.46 24.13
CA PHE A 121 7.36 -12.31 23.10
C PHE A 121 8.27 -12.48 21.90
N LYS A 122 8.14 -13.64 21.24
CA LYS A 122 8.85 -13.97 19.99
C LYS A 122 7.94 -14.83 19.09
N PHE A 123 7.89 -14.52 17.80
CA PHE A 123 7.15 -15.31 16.77
C PHE A 123 8.11 -15.70 15.65
N GLU A 124 8.09 -17.00 15.30
CA GLU A 124 8.96 -17.63 14.27
C GLU A 124 8.18 -17.72 12.97
N PRO A 125 8.76 -17.32 11.81
CA PRO A 125 8.12 -17.48 10.51
C PRO A 125 8.02 -18.96 10.09
N LEU A 126 7.09 -19.30 9.20
CA LEU A 126 6.82 -20.70 8.74
C LEU A 126 8.04 -21.27 8.01
N THR A 127 8.52 -22.44 8.43
CA THR A 127 9.50 -23.24 7.64
C THR A 127 8.80 -23.72 6.37
N GLU A 128 9.51 -23.73 5.24
CA GLU A 128 8.92 -24.09 3.95
C GLU A 128 9.98 -24.74 3.06
N TYR A 129 9.91 -26.06 2.89
CA TYR A 129 10.82 -26.86 2.03
C TYR A 129 10.39 -26.73 0.57
N ASP A 130 11.34 -26.36 -0.29
CA ASP A 130 11.11 -26.17 -1.74
C ASP A 130 11.46 -27.48 -2.46
N VAL A 131 10.54 -28.44 -2.51
CA VAL A 131 10.83 -29.85 -2.91
C VAL A 131 9.89 -30.36 -4.01
N LEU A 132 8.75 -29.71 -4.30
CA LEU A 132 7.78 -30.26 -5.28
C LEU A 132 8.27 -30.05 -6.73
N GLU A 133 8.19 -31.08 -7.57
CA GLU A 133 8.63 -31.08 -8.99
C GLU A 133 7.38 -31.13 -9.88
N LYS A 134 6.24 -30.65 -9.37
CA LYS A 134 4.93 -30.63 -10.06
C LYS A 134 4.17 -29.37 -9.68
N PRO A 135 3.25 -28.88 -10.54
CA PRO A 135 2.42 -27.73 -10.17
C PRO A 135 1.56 -28.10 -8.96
N SER A 136 1.25 -27.14 -8.10
CA SER A 136 0.71 -27.45 -6.75
C SER A 136 -0.13 -26.34 -6.12
N ILE A 137 -1.04 -26.78 -5.25
CA ILE A 137 -1.92 -25.92 -4.39
C ILE A 137 -1.81 -26.43 -2.95
N LYS A 138 -1.72 -25.49 -2.00
CA LYS A 138 -1.90 -25.79 -0.56
C LYS A 138 -3.37 -25.53 -0.20
N ILE A 139 -4.01 -26.47 0.49
CA ILE A 139 -5.36 -26.25 1.06
C ILE A 139 -5.24 -26.26 2.59
N ILE A 140 -5.43 -25.09 3.19
CA ILE A 140 -5.25 -24.86 4.65
C ILE A 140 -6.53 -24.22 5.18
N GLY A 141 -6.66 -24.18 6.50
CA GLY A 141 -7.84 -23.58 7.13
C GLY A 141 -7.55 -23.02 8.49
N THR A 142 -8.60 -22.47 9.09
CA THR A 142 -8.59 -21.69 10.36
C THR A 142 -9.00 -22.59 11.53
N GLY A 143 -9.44 -23.83 11.31
CA GLY A 143 -9.95 -24.70 12.39
C GLY A 143 -10.24 -26.13 11.93
N LYS A 144 -10.81 -26.94 12.81
CA LYS A 144 -11.26 -28.33 12.52
C LYS A 144 -12.76 -28.30 12.21
N ARG A 145 -13.22 -29.25 11.38
CA ARG A 145 -14.63 -29.41 10.91
C ARG A 145 -15.12 -28.11 10.28
N ILE A 146 -14.27 -27.40 9.53
CA ILE A 146 -14.69 -26.23 8.69
C ILE A 146 -14.74 -26.59 7.20
N GLY A 147 -14.27 -27.79 6.80
CA GLY A 147 -14.42 -28.29 5.42
C GLY A 147 -13.14 -28.28 4.58
N LYS A 148 -11.97 -28.24 5.20
CA LYS A 148 -10.68 -28.32 4.47
C LYS A 148 -10.69 -29.59 3.62
N THR A 149 -11.02 -30.74 4.22
CA THR A 149 -11.06 -32.06 3.54
C THR A 149 -12.13 -32.02 2.45
N ALA A 150 -13.33 -31.56 2.78
CA ALA A 150 -14.48 -31.48 1.85
C ALA A 150 -14.08 -30.67 0.59
N VAL A 151 -13.47 -29.51 0.80
CA VAL A 151 -13.00 -28.60 -0.29
C VAL A 151 -11.89 -29.30 -1.08
N SER A 152 -11.00 -30.01 -0.38
CA SER A 152 -9.82 -30.70 -0.98
C SER A 152 -10.27 -31.85 -1.90
N ALA A 153 -11.20 -32.68 -1.44
CA ALA A 153 -11.81 -33.77 -2.24
C ALA A 153 -12.42 -33.16 -3.51
N TYR A 154 -13.21 -32.07 -3.36
CA TYR A 154 -13.91 -31.39 -4.48
C TYR A 154 -12.87 -30.88 -5.49
N ALA A 155 -11.86 -30.16 -5.01
CA ALA A 155 -10.79 -29.56 -5.83
C ALA A 155 -10.11 -30.65 -6.66
N ALA A 156 -9.84 -31.81 -6.05
CA ALA A 156 -9.21 -32.97 -6.72
C ALA A 156 -10.09 -33.41 -7.90
N ARG A 157 -11.41 -33.54 -7.70
CA ARG A 157 -12.33 -33.97 -8.77
C ARG A 157 -12.39 -32.92 -9.88
N VAL A 158 -12.42 -31.63 -9.52
CA VAL A 158 -12.42 -30.52 -10.49
C VAL A 158 -11.14 -30.60 -11.32
N ILE A 159 -9.99 -30.83 -10.70
CA ILE A 159 -8.69 -30.93 -11.41
C ILE A 159 -8.70 -32.14 -12.35
N HIS A 160 -9.33 -33.25 -11.94
CA HIS A 160 -9.47 -34.47 -12.79
C HIS A 160 -10.32 -34.12 -14.02
N LYS A 161 -11.49 -33.51 -13.83
CA LYS A 161 -12.40 -33.08 -14.92
C LYS A 161 -11.66 -32.13 -15.88
N HIS A 162 -10.69 -31.38 -15.38
CA HIS A 162 -9.85 -30.43 -16.17
C HIS A 162 -8.66 -31.15 -16.81
N LYS A 163 -8.70 -32.48 -16.89
CA LYS A 163 -7.78 -33.37 -17.67
C LYS A 163 -6.39 -33.43 -17.04
N TYR A 164 -6.25 -33.16 -15.73
CA TYR A 164 -5.01 -33.41 -14.96
C TYR A 164 -5.22 -34.59 -14.00
N ASN A 165 -4.12 -35.13 -13.48
CA ASN A 165 -4.11 -36.30 -12.55
C ASN A 165 -3.58 -35.83 -11.20
N PRO A 166 -4.46 -35.38 -10.27
CA PRO A 166 -4.02 -34.86 -8.99
C PRO A 166 -3.65 -35.93 -7.97
N CYS A 167 -2.69 -35.58 -7.12
CA CYS A 167 -2.28 -36.33 -5.90
C CYS A 167 -2.54 -35.43 -4.69
N VAL A 168 -3.22 -35.94 -3.66
CA VAL A 168 -3.35 -35.21 -2.36
C VAL A 168 -2.37 -35.80 -1.35
N VAL A 169 -1.42 -34.98 -0.89
CA VAL A 169 -0.60 -35.23 0.32
C VAL A 169 -1.35 -34.61 1.49
N ALA A 170 -1.94 -35.43 2.36
CA ALA A 170 -2.75 -35.00 3.52
C ALA A 170 -1.90 -35.04 4.79
N MET A 171 -1.65 -33.89 5.40
CA MET A 171 -0.91 -33.75 6.68
C MET A 171 -1.89 -33.94 7.82
N GLY A 172 -2.09 -35.17 8.30
CA GLY A 172 -2.99 -35.47 9.45
C GLY A 172 -2.28 -35.39 10.79
N ARG A 173 -2.97 -35.69 11.92
CA ARG A 173 -2.35 -35.76 13.27
C ARG A 173 -2.05 -37.20 13.68
N GLY A 174 -1.59 -38.02 12.74
CA GLY A 174 -1.31 -39.44 13.02
C GLY A 174 -0.92 -40.17 11.76
N GLY A 175 -0.41 -41.40 11.92
CA GLY A 175 0.00 -42.26 10.80
C GLY A 175 1.44 -42.73 10.93
N PRO A 176 1.85 -43.70 10.07
CA PRO A 176 3.17 -44.31 10.15
C PRO A 176 4.28 -43.29 9.89
N ARG A 177 5.49 -43.56 10.37
CA ARG A 177 6.68 -42.70 10.17
C ARG A 177 6.96 -42.57 8.67
N GLU A 178 6.87 -43.66 7.91
CA GLU A 178 6.95 -43.63 6.43
C GLU A 178 5.55 -43.33 5.89
N PRO A 179 5.34 -42.25 5.11
CA PRO A 179 4.01 -41.89 4.64
C PRO A 179 3.34 -43.03 3.86
N GLU A 180 2.04 -43.20 4.12
CA GLU A 180 1.18 -44.28 3.62
C GLU A 180 0.58 -43.89 2.27
N ILE A 181 0.68 -44.72 1.24
CA ILE A 181 0.23 -44.40 -0.15
C ILE A 181 -1.07 -45.16 -0.40
N VAL A 182 -2.11 -44.48 -0.86
CA VAL A 182 -3.43 -45.08 -1.19
C VAL A 182 -3.72 -44.80 -2.66
N GLU A 183 -3.85 -45.86 -3.48
CA GLU A 183 -4.00 -45.74 -4.96
C GLU A 183 -5.50 -45.77 -5.30
N GLY A 184 -6.24 -44.76 -4.83
CA GLY A 184 -7.69 -44.63 -5.03
C GLY A 184 -8.08 -44.41 -6.48
N ASN A 185 -7.10 -44.20 -7.36
CA ASN A 185 -7.32 -44.10 -8.84
C ASN A 185 -7.34 -45.48 -9.47
N LYS A 186 -6.75 -46.50 -8.81
CA LYS A 186 -6.57 -47.87 -9.35
C LYS A 186 -7.37 -48.91 -8.54
N ILE A 187 -7.69 -48.62 -7.29
CA ILE A 187 -8.34 -49.57 -6.34
C ILE A 187 -9.79 -49.13 -6.12
N GLU A 188 -10.71 -50.09 -6.13
CA GLU A 188 -12.13 -49.91 -5.75
C GLU A 188 -12.23 -50.04 -4.22
N ILE A 189 -12.28 -48.92 -3.51
CA ILE A 189 -12.23 -48.89 -2.01
C ILE A 189 -13.64 -49.18 -1.48
N THR A 190 -13.88 -50.40 -1.01
CA THR A 190 -15.19 -50.85 -0.44
C THR A 190 -15.14 -50.85 1.09
N ALA A 191 -16.32 -50.96 1.71
CA ALA A 191 -16.50 -51.08 3.18
C ALA A 191 -15.68 -52.27 3.71
N GLU A 192 -15.72 -53.41 3.01
CA GLU A 192 -14.99 -54.65 3.42
C GLU A 192 -13.48 -54.40 3.33
N TYR A 193 -13.03 -53.65 2.33
CA TYR A 193 -11.59 -53.31 2.16
C TYR A 193 -11.16 -52.40 3.32
N LEU A 194 -11.96 -51.40 3.66
CA LEU A 194 -11.66 -50.45 4.76
C LEU A 194 -11.61 -51.21 6.10
N LEU A 195 -12.47 -52.20 6.33
CA LEU A 195 -12.44 -53.04 7.55
C LEU A 195 -11.18 -53.89 7.57
N GLU A 196 -10.76 -54.42 6.41
CA GLU A 196 -9.49 -55.18 6.27
C GLU A 196 -8.33 -54.27 6.70
N GLN A 197 -8.37 -52.99 6.32
CA GLN A 197 -7.33 -51.99 6.70
C GLN A 197 -7.40 -51.72 8.20
N ALA A 198 -8.60 -51.48 8.75
CA ALA A 198 -8.80 -51.16 10.18
C ALA A 198 -8.29 -52.31 11.04
N ASP A 199 -8.49 -53.55 10.59
CA ASP A 199 -8.03 -54.79 11.28
C ASP A 199 -6.49 -54.88 11.25
N LYS A 200 -5.85 -54.35 10.19
CA LYS A 200 -4.37 -54.25 10.08
C LYS A 200 -3.84 -53.07 10.92
N GLY A 201 -4.73 -52.29 11.56
CA GLY A 201 -4.38 -51.14 12.42
C GLY A 201 -4.19 -49.84 11.65
N VAL A 202 -4.59 -49.80 10.38
CA VAL A 202 -4.56 -48.58 9.50
C VAL A 202 -5.71 -47.66 9.89
N HIS A 203 -5.47 -46.35 9.89
CA HIS A 203 -6.46 -45.29 10.24
C HIS A 203 -7.33 -45.03 9.00
N ALA A 204 -8.25 -45.95 8.69
CA ALA A 204 -8.98 -46.03 7.39
C ALA A 204 -9.97 -44.87 7.22
N ALA A 205 -10.28 -44.11 8.27
CA ALA A 205 -11.17 -42.93 8.24
C ALA A 205 -10.37 -41.61 8.12
N SER A 206 -9.05 -41.69 7.88
CA SER A 206 -8.17 -40.51 7.69
C SER A 206 -8.52 -39.79 6.39
N ASP A 207 -8.01 -38.56 6.24
CA ASP A 207 -8.31 -37.68 5.10
C ASP A 207 -7.73 -38.26 3.80
N HIS A 208 -6.54 -38.88 3.85
CA HIS A 208 -5.94 -39.48 2.63
C HIS A 208 -6.82 -40.64 2.15
N TRP A 209 -7.35 -41.45 3.07
CA TRP A 209 -8.33 -42.53 2.75
C TRP A 209 -9.61 -41.90 2.22
N GLU A 210 -10.10 -40.86 2.87
CA GLU A 210 -11.36 -40.20 2.47
C GLU A 210 -11.19 -39.63 1.07
N ASP A 211 -10.17 -38.83 0.83
CA ASP A 211 -9.94 -38.19 -0.50
C ASP A 211 -9.75 -39.27 -1.57
N ALA A 212 -9.08 -40.38 -1.24
CA ALA A 212 -8.86 -41.51 -2.18
C ALA A 212 -10.22 -42.07 -2.63
N LEU A 213 -11.15 -42.28 -1.70
CA LEU A 213 -12.48 -42.87 -1.96
C LEU A 213 -13.39 -41.81 -2.60
N MET A 214 -13.49 -40.64 -2.00
CA MET A 214 -14.48 -39.59 -2.39
C MET A 214 -14.12 -39.02 -3.78
N SER A 215 -12.85 -39.03 -4.19
CA SER A 215 -12.38 -38.35 -5.41
C SER A 215 -11.64 -39.29 -6.37
N ARG A 216 -11.55 -40.58 -6.03
CA ARG A 216 -10.94 -41.66 -6.87
C ARG A 216 -9.57 -41.22 -7.36
N ILE A 217 -8.68 -40.88 -6.43
CA ILE A 217 -7.32 -40.32 -6.70
C ILE A 217 -6.26 -41.03 -5.85
N LEU A 218 -5.01 -40.89 -6.29
CA LEU A 218 -3.80 -41.23 -5.51
C LEU A 218 -3.66 -40.25 -4.33
N THR A 219 -3.40 -40.75 -3.13
CA THR A 219 -3.19 -39.90 -1.94
C THR A 219 -2.02 -40.43 -1.10
N VAL A 220 -1.36 -39.52 -0.39
CA VAL A 220 -0.23 -39.82 0.53
C VAL A 220 -0.61 -39.36 1.93
N GLY A 221 -0.60 -40.27 2.89
CA GLY A 221 -0.97 -40.05 4.31
C GLY A 221 0.26 -39.65 5.11
N CYS A 222 0.37 -38.36 5.42
CA CYS A 222 1.45 -37.78 6.25
C CYS A 222 0.93 -37.45 7.66
N ARG A 223 1.87 -37.24 8.59
CA ARG A 223 1.56 -37.02 10.01
C ARG A 223 2.32 -35.78 10.52
N ARG A 224 1.80 -35.16 11.58
CA ARG A 224 2.45 -34.02 12.26
C ARG A 224 2.00 -33.97 13.71
N CYS A 225 2.73 -33.21 14.51
CA CYS A 225 2.38 -32.95 15.92
C CYS A 225 2.46 -31.45 16.21
N GLY A 226 1.46 -30.94 16.91
CA GLY A 226 1.35 -29.52 17.27
C GLY A 226 0.97 -28.67 16.07
N GLY A 227 0.34 -27.54 16.36
CA GLY A 227 -0.02 -26.52 15.36
C GLY A 227 0.01 -25.17 16.04
N GLY A 228 1.01 -24.35 15.73
CA GLY A 228 1.27 -23.07 16.41
C GLY A 228 0.25 -22.01 16.03
N MET A 229 0.42 -20.81 16.55
CA MET A 229 -0.52 -19.68 16.31
C MET A 229 -0.46 -19.27 14.83
N LEU A 230 0.74 -19.12 14.28
CA LEU A 230 0.97 -18.73 12.86
C LEU A 230 0.61 -19.91 11.95
N GLY A 231 0.73 -21.13 12.44
CA GLY A 231 0.30 -22.35 11.74
C GLY A 231 1.42 -23.38 11.54
N ASP A 232 2.61 -23.10 12.06
CA ASP A 232 3.76 -24.02 11.92
C ASP A 232 3.51 -25.27 12.78
N THR A 233 4.24 -26.35 12.50
CA THR A 233 4.07 -27.64 13.19
C THR A 233 5.41 -28.05 13.81
N PHE A 234 5.37 -28.78 14.93
CA PHE A 234 6.59 -29.11 15.70
C PHE A 234 7.43 -30.13 14.93
N ILE A 235 6.83 -31.28 14.59
CA ILE A 235 7.46 -32.33 13.71
C ILE A 235 6.45 -32.75 12.64
N THR A 236 6.95 -33.16 11.47
CA THR A 236 6.13 -33.74 10.39
C THR A 236 7.00 -34.54 9.41
N ASN A 237 6.39 -35.47 8.68
CA ASN A 237 7.04 -36.25 7.58
C ASN A 237 6.51 -35.77 6.22
N VAL A 238 5.91 -34.57 6.15
CA VAL A 238 5.33 -33.98 4.91
C VAL A 238 6.44 -33.72 3.87
N LYS A 239 7.68 -33.43 4.28
CA LYS A 239 8.81 -33.28 3.32
C LYS A 239 8.97 -34.59 2.54
N ARG A 240 9.00 -35.72 3.25
CA ARG A 240 9.09 -37.08 2.66
C ARG A 240 7.84 -37.36 1.81
N GLY A 241 6.65 -36.94 2.24
CA GLY A 241 5.40 -37.11 1.48
C GLY A 241 5.45 -36.41 0.13
N ALA A 242 5.99 -35.19 0.10
CA ALA A 242 6.15 -34.38 -1.14
C ALA A 242 7.19 -35.04 -2.05
N GLU A 243 8.28 -35.59 -1.48
CA GLU A 243 9.33 -36.35 -2.22
C GLU A 243 8.70 -37.60 -2.86
N ILE A 244 7.85 -38.31 -2.11
CA ILE A 244 7.08 -39.48 -2.62
C ILE A 244 6.16 -39.03 -3.76
N ALA A 245 5.40 -37.95 -3.58
CA ALA A 245 4.43 -37.44 -4.56
C ALA A 245 5.13 -37.11 -5.89
N ASN A 246 6.39 -36.66 -5.86
CA ASN A 246 7.18 -36.37 -7.07
C ASN A 246 7.36 -37.64 -7.91
N LYS A 247 7.64 -38.78 -7.27
CA LYS A 247 8.02 -40.07 -7.94
C LYS A 247 6.78 -40.75 -8.54
N LEU A 248 5.59 -40.55 -7.95
CA LEU A 248 4.39 -41.37 -8.27
C LEU A 248 3.65 -40.78 -9.48
N ASP A 249 2.66 -41.53 -9.99
CA ASP A 249 1.91 -41.24 -11.24
C ASP A 249 0.85 -40.17 -10.95
N SER A 250 1.22 -38.91 -11.14
CA SER A 250 0.37 -37.71 -10.99
C SER A 250 1.06 -36.53 -11.69
N ASP A 251 0.34 -35.46 -11.98
CA ASP A 251 0.92 -34.25 -12.65
C ASP A 251 0.40 -32.96 -12.01
N PHE A 252 -0.26 -33.07 -10.85
CA PHE A 252 -0.65 -31.94 -9.98
C PHE A 252 -0.68 -32.42 -8.53
N VAL A 253 -0.21 -31.59 -7.59
CA VAL A 253 -0.14 -31.97 -6.15
C VAL A 253 -0.95 -30.98 -5.31
N ILE A 254 -1.86 -31.52 -4.49
CA ILE A 254 -2.55 -30.76 -3.42
C ILE A 254 -1.87 -31.13 -2.09
N MET A 255 -1.31 -30.13 -1.41
CA MET A 255 -0.83 -30.26 -0.02
C MET A 255 -1.95 -29.81 0.92
N GLU A 256 -2.61 -30.75 1.59
CA GLU A 256 -3.77 -30.46 2.48
C GLU A 256 -3.31 -30.43 3.94
N GLY A 257 -3.70 -29.39 4.65
CA GLY A 257 -3.39 -29.20 6.07
C GLY A 257 -4.32 -29.97 6.96
N SER A 258 -4.19 -29.72 8.26
CA SER A 258 -5.01 -30.26 9.36
C SER A 258 -5.11 -29.17 10.43
N GLY A 259 -6.24 -29.12 11.15
CA GLY A 259 -6.54 -28.03 12.10
C GLY A 259 -6.21 -26.68 11.48
N ALA A 260 -5.55 -25.80 12.24
CA ALA A 260 -5.10 -24.48 11.73
C ALA A 260 -3.66 -24.58 11.19
N ALA A 261 -3.11 -25.78 11.12
CA ALA A 261 -1.69 -26.01 10.75
C ALA A 261 -1.52 -26.02 9.22
N ILE A 262 -0.34 -25.56 8.78
CA ILE A 262 0.02 -25.27 7.35
C ILE A 262 1.15 -26.21 6.94
N PRO A 263 0.96 -27.07 5.91
CA PRO A 263 2.04 -27.93 5.42
C PRO A 263 3.30 -27.15 5.08
N PRO A 264 4.47 -27.53 5.63
CA PRO A 264 5.71 -26.77 5.45
C PRO A 264 6.43 -27.08 4.14
N VAL A 265 5.67 -27.14 3.05
CA VAL A 265 6.21 -27.41 1.69
C VAL A 265 5.74 -26.27 0.79
N LYS A 266 6.63 -25.75 -0.04
CA LYS A 266 6.33 -24.62 -0.97
C LYS A 266 5.34 -25.10 -2.03
N THR A 267 4.31 -24.29 -2.29
CA THR A 267 3.31 -24.56 -3.34
C THR A 267 3.17 -23.31 -4.22
N ASN A 268 2.69 -23.50 -5.44
CA ASN A 268 2.53 -22.38 -6.41
C ASN A 268 1.41 -21.46 -5.91
N ARG A 269 0.30 -22.01 -5.42
CA ARG A 269 -0.92 -21.23 -5.06
C ARG A 269 -1.55 -21.79 -3.78
N GLN A 270 -2.45 -21.03 -3.15
CA GLN A 270 -3.06 -21.41 -1.85
C GLN A 270 -4.57 -21.15 -1.86
N ILE A 271 -5.31 -22.15 -1.37
CA ILE A 271 -6.76 -22.07 -1.06
C ILE A 271 -6.88 -22.08 0.46
N VAL A 272 -7.56 -21.10 1.03
CA VAL A 272 -7.75 -20.96 2.50
C VAL A 272 -9.23 -21.15 2.80
N THR A 273 -9.53 -22.04 3.75
CA THR A 273 -10.91 -22.34 4.18
C THR A 273 -11.18 -21.59 5.48
N VAL A 274 -12.28 -20.85 5.55
CA VAL A 274 -12.66 -20.09 6.77
C VAL A 274 -14.12 -20.43 7.13
N GLY A 275 -14.32 -21.09 8.26
CA GLY A 275 -15.65 -21.36 8.81
C GLY A 275 -16.27 -20.09 9.37
N ALA A 276 -17.44 -19.69 8.89
CA ALA A 276 -18.17 -18.49 9.36
C ALA A 276 -18.70 -18.76 10.77
N ASN A 277 -18.73 -20.02 11.21
CA ASN A 277 -19.17 -20.46 12.56
C ASN A 277 -18.14 -20.06 13.64
N GLN A 278 -16.90 -19.73 13.26
CA GLN A 278 -15.80 -19.43 14.22
C GLN A 278 -15.92 -17.99 14.73
N PRO A 279 -15.45 -17.67 15.95
CA PRO A 279 -15.51 -16.30 16.47
C PRO A 279 -14.77 -15.31 15.55
N MET A 280 -15.33 -14.11 15.37
CA MET A 280 -14.73 -13.08 14.47
C MET A 280 -13.27 -12.83 14.84
N ILE A 281 -12.92 -12.83 16.14
CA ILE A 281 -11.53 -12.50 16.61
C ILE A 281 -10.54 -13.50 16.01
N ASN A 282 -10.96 -14.77 15.80
CA ASN A 282 -10.08 -15.82 15.20
C ASN A 282 -9.89 -15.56 13.70
N ILE A 283 -10.80 -14.82 13.07
CA ILE A 283 -10.79 -14.48 11.61
C ILE A 283 -10.10 -13.12 11.40
N ASN A 284 -10.44 -12.11 12.20
CA ASN A 284 -10.01 -10.70 11.95
C ASN A 284 -8.92 -10.25 12.93
N ASN A 285 -8.50 -11.12 13.85
CA ASN A 285 -7.38 -10.79 14.78
C ASN A 285 -6.42 -11.99 14.89
N PHE A 286 -5.36 -11.84 15.67
CA PHE A 286 -4.28 -12.84 15.82
C PHE A 286 -3.73 -13.14 14.42
N PHE A 287 -3.61 -14.42 14.04
CA PHE A 287 -3.02 -14.80 12.73
C PHE A 287 -4.10 -15.37 11.80
N GLY A 288 -5.38 -15.07 12.06
CA GLY A 288 -6.44 -15.24 11.05
C GLY A 288 -6.11 -14.41 9.80
N PRO A 289 -5.93 -13.08 9.93
CA PRO A 289 -5.58 -12.23 8.80
C PRO A 289 -4.31 -12.68 8.05
N PHE A 290 -3.34 -13.24 8.75
CA PHE A 290 -2.12 -13.82 8.14
C PHE A 290 -2.52 -14.96 7.21
N ARG A 291 -3.34 -15.91 7.69
CA ARG A 291 -3.78 -17.09 6.90
C ARG A 291 -4.59 -16.63 5.69
N ILE A 292 -5.54 -15.73 5.90
CA ILE A 292 -6.39 -15.16 4.81
C ILE A 292 -5.48 -14.46 3.79
N GLY A 293 -4.41 -13.81 4.25
CA GLY A 293 -3.44 -13.11 3.38
C GLY A 293 -2.63 -14.04 2.49
N LEU A 294 -2.60 -15.36 2.77
CA LEU A 294 -1.87 -16.35 1.93
C LEU A 294 -2.72 -16.74 0.71
N ALA A 295 -4.02 -16.46 0.75
CA ALA A 295 -5.01 -17.03 -0.20
C ALA A 295 -4.94 -16.38 -1.58
N ASP A 296 -5.02 -17.21 -2.62
CA ASP A 296 -5.44 -16.82 -3.99
C ASP A 296 -6.96 -16.96 -4.08
N LEU A 297 -7.51 -17.97 -3.40
CA LEU A 297 -8.97 -18.21 -3.28
C LEU A 297 -9.30 -18.50 -1.82
N VAL A 298 -10.30 -17.80 -1.26
CA VAL A 298 -10.83 -18.07 0.10
C VAL A 298 -12.21 -18.72 -0.07
N ILE A 299 -12.37 -19.92 0.44
CA ILE A 299 -13.70 -20.57 0.58
C ILE A 299 -14.19 -20.24 1.99
N ILE A 300 -15.22 -19.42 2.11
CA ILE A 300 -15.96 -19.25 3.39
C ILE A 300 -16.97 -20.38 3.46
N THR A 301 -17.00 -21.10 4.58
CA THR A 301 -17.87 -22.29 4.78
C THR A 301 -18.83 -22.04 5.95
N MET A 302 -19.85 -22.90 6.08
CA MET A 302 -20.91 -22.84 7.11
C MET A 302 -21.71 -21.54 6.99
N CYS A 303 -21.92 -21.03 5.77
CA CYS A 303 -22.62 -19.74 5.52
C CYS A 303 -24.15 -19.91 5.53
N GLU A 304 -24.71 -20.33 6.67
CA GLU A 304 -26.17 -20.49 6.86
C GLU A 304 -26.52 -20.57 8.35
N GLU A 305 -27.75 -20.25 8.71
CA GLU A 305 -28.35 -20.61 10.03
C GLU A 305 -28.40 -22.13 10.09
N PRO A 306 -28.19 -22.79 11.25
CA PRO A 306 -27.90 -22.11 12.52
C PRO A 306 -26.44 -21.71 12.77
N MET A 307 -25.54 -22.02 11.83
CA MET A 307 -24.06 -21.94 12.03
C MET A 307 -23.57 -20.49 12.04
N ALA A 308 -24.13 -19.63 11.19
CA ALA A 308 -23.76 -18.20 11.10
C ALA A 308 -24.94 -17.35 10.62
N THR A 309 -25.06 -16.12 11.13
CA THR A 309 -26.12 -15.16 10.74
C THR A 309 -25.69 -14.47 9.44
N THR A 310 -26.65 -13.88 8.71
CA THR A 310 -26.38 -13.11 7.47
C THR A 310 -25.38 -11.98 7.79
N GLU A 311 -25.52 -11.30 8.93
CA GLU A 311 -24.66 -10.16 9.34
C GLU A 311 -23.23 -10.66 9.51
N LYS A 312 -23.06 -11.82 10.14
CA LYS A 312 -21.74 -12.47 10.37
C LYS A 312 -21.09 -12.78 9.02
N ILE A 313 -21.82 -13.45 8.13
CA ILE A 313 -21.35 -13.85 6.78
C ILE A 313 -20.86 -12.60 6.03
N LYS A 314 -21.63 -11.51 6.09
CA LYS A 314 -21.29 -10.21 5.42
C LYS A 314 -20.02 -9.61 6.05
N LYS A 315 -19.86 -9.73 7.37
CA LYS A 315 -18.69 -9.17 8.10
C LYS A 315 -17.42 -9.91 7.68
N VAL A 316 -17.51 -11.26 7.60
CA VAL A 316 -16.39 -12.14 7.17
C VAL A 316 -16.02 -11.78 5.73
N GLU A 317 -16.99 -11.77 4.81
CA GLU A 317 -16.77 -11.40 3.38
C GLU A 317 -16.08 -10.04 3.28
N LYS A 318 -16.60 -9.03 4.00
CA LYS A 318 -16.13 -7.63 3.91
C LYS A 318 -14.67 -7.56 4.39
N PHE A 319 -14.38 -8.24 5.50
CA PHE A 319 -13.03 -8.22 6.11
C PHE A 319 -12.02 -8.82 5.13
N ILE A 320 -12.33 -10.00 4.58
CA ILE A 320 -11.43 -10.76 3.67
C ILE A 320 -11.08 -9.86 2.48
N LYS A 321 -12.07 -9.17 1.90
CA LYS A 321 -11.86 -8.30 0.73
C LYS A 321 -11.01 -7.09 1.10
N GLU A 322 -11.14 -6.58 2.34
CA GLU A 322 -10.34 -5.43 2.80
C GLU A 322 -8.87 -5.83 2.89
N ILE A 323 -8.54 -6.98 3.50
CA ILE A 323 -7.12 -7.37 3.80
C ILE A 323 -6.50 -8.13 2.61
N ASN A 324 -7.31 -8.72 1.73
CA ASN A 324 -6.82 -9.48 0.56
C ASN A 324 -7.72 -9.17 -0.64
N PRO A 325 -7.64 -7.93 -1.20
CA PRO A 325 -8.59 -7.48 -2.23
C PRO A 325 -8.46 -8.22 -3.56
N SER A 326 -7.30 -8.81 -3.85
CA SER A 326 -7.10 -9.56 -5.13
C SER A 326 -7.51 -11.02 -4.99
N ALA A 327 -7.85 -11.51 -3.79
CA ALA A 327 -8.30 -12.90 -3.61
C ALA A 327 -9.74 -13.02 -4.10
N ASN A 328 -10.04 -14.16 -4.74
CA ASN A 328 -11.41 -14.58 -5.07
C ASN A 328 -12.01 -15.15 -3.78
N VAL A 329 -13.27 -14.84 -3.52
CA VAL A 329 -13.94 -15.20 -2.23
C VAL A 329 -15.28 -15.84 -2.56
N ILE A 330 -15.49 -17.08 -2.11
CA ILE A 330 -16.71 -17.87 -2.44
C ILE A 330 -17.35 -18.32 -1.12
N PRO A 331 -18.52 -17.76 -0.73
CA PRO A 331 -19.26 -18.25 0.43
C PRO A 331 -20.11 -19.49 0.08
N THR A 332 -20.06 -20.50 0.96
CA THR A 332 -20.59 -21.86 0.70
C THR A 332 -21.24 -22.47 1.93
N VAL A 333 -22.01 -23.53 1.68
CA VAL A 333 -22.59 -24.45 2.70
C VAL A 333 -22.28 -25.87 2.23
N PHE A 334 -22.34 -26.84 3.14
CA PHE A 334 -22.05 -28.26 2.82
C PHE A 334 -23.36 -29.02 2.72
N ARG A 335 -23.45 -29.91 1.75
CA ARG A 335 -24.60 -30.85 1.57
C ARG A 335 -24.07 -32.24 1.23
N PRO A 336 -24.79 -33.32 1.64
CA PRO A 336 -24.33 -34.68 1.38
C PRO A 336 -24.32 -35.10 -0.10
N LYS A 337 -23.35 -35.93 -0.46
CA LYS A 337 -23.36 -36.69 -1.73
C LYS A 337 -22.90 -38.12 -1.45
N PRO A 338 -23.83 -39.10 -1.44
CA PRO A 338 -23.46 -40.51 -1.37
C PRO A 338 -22.53 -40.93 -2.52
N VAL A 339 -21.51 -41.73 -2.21
CA VAL A 339 -20.59 -42.35 -3.20
C VAL A 339 -21.20 -43.71 -3.53
N GLY A 340 -22.38 -43.68 -4.17
CA GLY A 340 -23.24 -44.84 -4.45
C GLY A 340 -24.69 -44.41 -4.61
N ASN A 341 -25.59 -45.37 -4.80
CA ASN A 341 -27.03 -45.10 -5.08
C ASN A 341 -27.84 -45.39 -3.82
N VAL A 342 -28.69 -44.44 -3.41
CA VAL A 342 -29.56 -44.56 -2.20
C VAL A 342 -31.03 -44.30 -2.57
N GLU A 343 -31.36 -44.25 -3.86
CA GLU A 343 -32.69 -43.81 -4.35
C GLU A 343 -33.76 -44.79 -3.85
N GLY A 344 -34.76 -44.26 -3.15
CA GLY A 344 -35.95 -45.01 -2.66
C GLY A 344 -35.63 -45.97 -1.54
N LYS A 345 -34.42 -45.93 -0.98
CA LYS A 345 -33.97 -46.89 0.08
C LYS A 345 -34.26 -46.32 1.48
N LYS A 346 -34.40 -47.21 2.45
CA LYS A 346 -34.46 -46.86 3.91
C LYS A 346 -33.02 -46.68 4.40
N VAL A 347 -32.69 -45.46 4.81
CA VAL A 347 -31.28 -45.03 5.08
C VAL A 347 -31.11 -44.72 6.57
N LEU A 348 -30.11 -45.34 7.20
CA LEU A 348 -29.55 -44.89 8.51
C LEU A 348 -28.34 -44.00 8.23
N PHE A 349 -28.45 -42.70 8.57
CA PHE A 349 -27.43 -41.67 8.25
C PHE A 349 -26.51 -41.46 9.46
N ALA A 350 -25.20 -41.54 9.24
CA ALA A 350 -24.16 -41.38 10.28
C ALA A 350 -23.23 -40.23 9.91
N THR A 351 -23.07 -39.24 10.80
CA THR A 351 -22.30 -38.01 10.51
C THR A 351 -21.60 -37.51 11.76
N THR A 352 -20.59 -36.64 11.56
CA THR A 352 -19.89 -35.88 12.61
C THR A 352 -20.53 -34.50 12.79
N ALA A 353 -21.53 -34.15 11.97
CA ALA A 353 -22.17 -32.82 11.94
C ALA A 353 -22.86 -32.51 13.27
N PRO A 354 -22.97 -31.22 13.66
CA PRO A 354 -23.74 -30.83 14.85
C PRO A 354 -25.20 -31.30 14.77
N LYS A 355 -25.79 -31.62 15.93
CA LYS A 355 -27.23 -31.98 16.08
C LYS A 355 -28.14 -30.93 15.42
N VAL A 356 -27.79 -29.64 15.54
CA VAL A 356 -28.64 -28.51 15.07
C VAL A 356 -28.74 -28.46 13.53
N VAL A 357 -27.85 -29.15 12.77
CA VAL A 357 -27.85 -29.07 11.27
C VAL A 357 -28.26 -30.42 10.63
N VAL A 358 -28.32 -31.51 11.42
CA VAL A 358 -28.69 -32.86 10.92
C VAL A 358 -30.03 -32.81 10.17
N GLY A 359 -31.02 -32.09 10.69
CA GLY A 359 -32.36 -32.01 10.08
C GLY A 359 -32.30 -31.49 8.65
N LYS A 360 -31.48 -30.47 8.40
CA LYS A 360 -31.26 -29.85 7.07
C LYS A 360 -30.62 -30.88 6.13
N LEU A 361 -29.63 -31.63 6.62
CA LEU A 361 -28.91 -32.64 5.81
C LEU A 361 -29.89 -33.75 5.44
N VAL A 362 -30.70 -34.21 6.40
CA VAL A 362 -31.73 -35.27 6.20
C VAL A 362 -32.77 -34.78 5.19
N ASN A 363 -33.29 -33.58 5.40
CA ASN A 363 -34.32 -32.94 4.53
C ASN A 363 -33.79 -32.88 3.09
N TYR A 364 -32.51 -32.50 2.92
CA TYR A 364 -31.82 -32.46 1.60
C TYR A 364 -31.71 -33.88 1.03
N LEU A 365 -31.21 -34.86 1.81
CA LEU A 365 -30.98 -36.25 1.33
C LEU A 365 -32.30 -36.82 0.78
N GLU A 366 -33.39 -36.69 1.54
CA GLU A 366 -34.72 -37.23 1.18
C GLU A 366 -35.26 -36.51 -0.07
N SER A 367 -35.13 -35.18 -0.12
CA SER A 367 -35.68 -34.35 -1.23
C SER A 367 -34.90 -34.59 -2.54
N LYS A 368 -33.58 -34.78 -2.48
CA LYS A 368 -32.71 -34.90 -3.68
C LYS A 368 -32.68 -36.35 -4.17
N TYR A 369 -32.40 -37.32 -3.28
CA TYR A 369 -32.13 -38.73 -3.66
C TYR A 369 -33.37 -39.60 -3.44
N GLY A 370 -34.46 -39.06 -2.88
CA GLY A 370 -35.75 -39.74 -2.74
C GLY A 370 -35.69 -40.92 -1.79
N CYS A 371 -34.71 -40.94 -0.88
CA CYS A 371 -34.55 -41.96 0.19
C CYS A 371 -35.50 -41.64 1.34
N ASP A 372 -35.64 -42.58 2.27
CA ASP A 372 -36.40 -42.41 3.54
C ASP A 372 -35.40 -42.60 4.68
N VAL A 373 -35.03 -41.52 5.37
CA VAL A 373 -34.05 -41.59 6.49
C VAL A 373 -34.80 -42.08 7.74
N VAL A 374 -34.57 -43.35 8.10
CA VAL A 374 -35.31 -44.06 9.19
C VAL A 374 -34.70 -43.72 10.55
N GLY A 375 -33.48 -43.19 10.57
CA GLY A 375 -32.83 -42.72 11.81
C GLY A 375 -31.50 -42.03 11.51
N VAL A 376 -30.96 -41.30 12.48
CA VAL A 376 -29.65 -40.60 12.34
C VAL A 376 -28.79 -40.87 13.57
N THR A 377 -27.48 -40.99 13.38
CA THR A 377 -26.47 -40.84 14.46
C THR A 377 -25.55 -39.68 14.11
N PRO A 378 -25.57 -38.58 14.92
CA PRO A 378 -24.55 -37.53 14.84
C PRO A 378 -23.30 -37.84 15.67
N HIS A 379 -23.09 -39.10 16.06
CA HIS A 379 -22.10 -39.50 17.10
C HIS A 379 -20.93 -40.30 16.52
N LEU A 380 -20.49 -40.04 15.29
CA LEU A 380 -19.33 -40.75 14.71
C LEU A 380 -18.07 -40.47 15.54
N SER A 381 -18.04 -39.39 16.34
CA SER A 381 -16.89 -39.00 17.22
C SER A 381 -17.03 -39.57 18.64
N ASN A 382 -18.12 -40.25 18.96
CA ASN A 382 -18.45 -40.71 20.35
C ASN A 382 -18.89 -42.18 20.32
N ARG A 383 -17.96 -43.11 20.56
CA ARG A 383 -18.17 -44.56 20.28
C ARG A 383 -19.30 -45.13 21.14
N PRO A 384 -19.42 -44.84 22.46
CA PRO A 384 -20.57 -45.32 23.23
C PRO A 384 -21.94 -44.88 22.68
N LEU A 385 -22.13 -43.59 22.42
CA LEU A 385 -23.44 -43.05 21.95
C LEU A 385 -23.71 -43.52 20.52
N LEU A 386 -22.66 -43.72 19.71
CA LEU A 386 -22.76 -44.28 18.34
C LEU A 386 -23.38 -45.69 18.41
N ARG A 387 -22.86 -46.56 19.27
CA ARG A 387 -23.37 -47.96 19.43
C ARG A 387 -24.82 -47.94 19.90
N ARG A 388 -25.17 -47.03 20.82
CA ARG A 388 -26.56 -46.85 21.33
C ARG A 388 -27.50 -46.52 20.16
N ASP A 389 -27.11 -45.57 19.31
CA ASP A 389 -27.90 -45.16 18.10
C ASP A 389 -27.98 -46.34 17.12
N LEU A 390 -26.87 -47.04 16.87
CA LEU A 390 -26.83 -48.17 15.90
C LEU A 390 -27.78 -49.28 16.35
N LYS A 391 -27.69 -49.72 17.62
CA LYS A 391 -28.58 -50.78 18.18
C LYS A 391 -30.05 -50.37 18.00
N LYS A 392 -30.38 -49.09 18.18
CA LYS A 392 -31.76 -48.57 18.02
C LYS A 392 -32.21 -48.66 16.55
N TYR A 393 -31.41 -48.18 15.58
CA TYR A 393 -31.87 -47.86 14.21
C TYR A 393 -31.44 -48.91 13.17
N ILE A 394 -30.43 -49.74 13.45
CA ILE A 394 -29.78 -50.62 12.42
C ILE A 394 -30.83 -51.49 11.70
N ASN A 395 -31.83 -51.98 12.43
CA ASN A 395 -32.85 -52.95 11.93
C ASN A 395 -33.81 -52.27 10.95
N LYS A 396 -34.01 -50.94 11.03
CA LYS A 396 -35.00 -50.19 10.21
C LYS A 396 -34.50 -49.94 8.78
N ALA A 397 -33.18 -50.05 8.53
CA ALA A 397 -32.52 -49.49 7.34
C ALA A 397 -32.13 -50.59 6.36
N ASP A 398 -32.23 -50.28 5.06
CA ASP A 398 -31.69 -51.08 3.94
C ASP A 398 -30.16 -50.92 3.93
N LEU A 399 -29.69 -49.69 4.07
CA LEU A 399 -28.24 -49.35 4.02
C LEU A 399 -27.90 -48.27 5.04
N MET A 400 -26.63 -48.26 5.44
CA MET A 400 -26.05 -47.19 6.29
C MET A 400 -25.26 -46.23 5.39
N LEU A 401 -25.62 -44.96 5.42
CA LEU A 401 -24.94 -43.86 4.71
C LEU A 401 -24.07 -43.13 5.73
N THR A 402 -22.74 -43.20 5.60
CA THR A 402 -21.82 -42.68 6.64
C THR A 402 -20.74 -41.80 6.03
N GLU A 403 -20.40 -40.70 6.69
CA GLU A 403 -19.13 -39.98 6.45
C GLU A 403 -17.98 -40.97 6.67
N LEU A 404 -16.90 -40.88 5.89
CA LEU A 404 -15.66 -41.67 6.13
C LEU A 404 -14.76 -40.85 7.07
N LYS A 405 -15.22 -40.68 8.32
CA LYS A 405 -14.61 -39.83 9.37
C LYS A 405 -14.75 -40.53 10.73
N ALA A 406 -13.76 -40.40 11.61
CA ALA A 406 -13.78 -40.85 13.04
C ALA A 406 -14.09 -42.35 13.11
N ALA A 407 -15.11 -42.78 13.87
CA ALA A 407 -15.43 -44.20 14.17
C ALA A 407 -16.28 -44.84 13.06
N ALA A 408 -16.28 -44.29 11.85
CA ALA A 408 -17.15 -44.71 10.73
C ALA A 408 -16.77 -46.11 10.24
N VAL A 409 -15.50 -46.50 10.34
CA VAL A 409 -15.04 -47.82 9.85
C VAL A 409 -15.10 -48.83 11.01
N ASP A 410 -14.31 -48.64 12.05
CA ASP A 410 -14.04 -49.69 13.08
C ASP A 410 -15.27 -49.95 13.94
N VAL A 411 -16.21 -48.99 14.07
CA VAL A 411 -17.51 -49.24 14.76
C VAL A 411 -18.63 -49.33 13.72
N ALA A 412 -19.03 -48.22 13.10
CA ALA A 412 -20.29 -48.10 12.32
C ALA A 412 -20.29 -49.08 11.14
N THR A 413 -19.24 -49.10 10.31
CA THR A 413 -19.15 -50.03 9.15
C THR A 413 -19.14 -51.47 9.66
N ARG A 414 -18.36 -51.76 10.71
CA ARG A 414 -18.22 -53.14 11.26
C ARG A 414 -19.60 -53.66 11.69
N VAL A 415 -20.35 -52.87 12.47
CA VAL A 415 -21.71 -53.25 12.95
C VAL A 415 -22.63 -53.46 11.75
N ALA A 416 -22.61 -52.56 10.77
CA ALA A 416 -23.49 -52.58 9.57
C ALA A 416 -23.20 -53.79 8.69
N ILE A 417 -21.92 -54.15 8.51
CA ILE A 417 -21.49 -55.31 7.67
C ILE A 417 -21.89 -56.62 8.37
N GLU A 418 -21.69 -56.72 9.70
CA GLU A 418 -22.05 -57.92 10.49
C GLU A 418 -23.57 -58.04 10.61
N ALA A 419 -24.31 -56.93 10.54
CA ALA A 419 -25.79 -56.89 10.50
C ALA A 419 -26.31 -57.12 9.08
N GLY A 420 -25.42 -57.20 8.08
CA GLY A 420 -25.76 -57.56 6.67
C GLY A 420 -26.33 -56.39 5.87
N LEU A 421 -26.08 -55.14 6.28
CA LEU A 421 -26.48 -53.94 5.49
C LEU A 421 -25.44 -53.66 4.41
N ASP A 422 -25.85 -52.95 3.35
CA ASP A 422 -24.94 -52.21 2.44
C ASP A 422 -24.46 -50.97 3.20
N VAL A 423 -23.19 -50.59 2.96
CA VAL A 423 -22.59 -49.35 3.53
C VAL A 423 -22.18 -48.46 2.37
N VAL A 424 -22.77 -47.26 2.30
CA VAL A 424 -22.44 -46.22 1.29
C VAL A 424 -21.75 -45.07 2.02
N TYR A 425 -20.56 -44.67 1.55
CA TYR A 425 -19.80 -43.54 2.14
C TYR A 425 -20.31 -42.24 1.53
N CYS A 426 -20.31 -41.19 2.36
CA CYS A 426 -20.96 -39.90 2.08
C CYS A 426 -19.93 -38.78 2.09
N ASP A 427 -19.79 -38.08 0.96
CA ASP A 427 -18.97 -36.86 0.82
C ASP A 427 -19.81 -35.69 1.34
N ASN A 428 -19.13 -34.59 1.64
CA ASN A 428 -19.73 -33.28 1.94
C ASN A 428 -19.31 -32.32 0.83
N ILE A 429 -20.27 -31.74 0.12
CA ILE A 429 -20.04 -30.97 -1.14
C ILE A 429 -20.19 -29.49 -0.81
N PRO A 430 -19.20 -28.64 -1.14
CA PRO A 430 -19.36 -27.20 -1.02
C PRO A 430 -20.30 -26.69 -2.13
N VAL A 431 -21.45 -26.14 -1.71
CA VAL A 431 -22.50 -25.55 -2.58
C VAL A 431 -22.46 -24.04 -2.36
N VAL A 432 -22.35 -23.25 -3.43
CA VAL A 432 -22.33 -21.77 -3.35
C VAL A 432 -23.76 -21.29 -3.04
N ILE A 433 -23.89 -20.38 -2.08
CA ILE A 433 -25.20 -19.90 -1.52
C ILE A 433 -25.88 -18.92 -2.48
N ASP A 434 -25.12 -18.25 -3.36
CA ASP A 434 -25.58 -17.11 -4.20
C ASP A 434 -24.82 -17.11 -5.52
N GLU A 435 -25.50 -17.25 -6.67
CA GLU A 435 -24.89 -17.32 -8.02
C GLU A 435 -24.18 -16.00 -8.39
N SER A 436 -24.48 -14.88 -7.73
CA SER A 436 -23.78 -13.58 -7.95
C SER A 436 -22.30 -13.69 -7.55
N TYR A 437 -21.95 -14.65 -6.67
CA TYR A 437 -20.56 -14.94 -6.25
C TYR A 437 -19.84 -15.88 -7.24
N GLY A 438 -20.56 -16.38 -8.24
CA GLY A 438 -19.97 -17.18 -9.33
C GLY A 438 -19.95 -18.65 -8.96
N ASN A 439 -19.25 -19.44 -9.78
CA ASN A 439 -19.22 -20.92 -9.75
C ASN A 439 -17.93 -21.38 -9.05
N ILE A 440 -18.03 -22.33 -8.12
CA ILE A 440 -16.85 -22.78 -7.32
C ILE A 440 -15.85 -23.56 -8.19
N ASP A 441 -16.31 -24.36 -9.18
CA ASP A 441 -15.41 -25.11 -10.09
C ASP A 441 -14.54 -24.12 -10.88
N ASP A 442 -15.15 -23.07 -11.44
CA ASP A 442 -14.45 -22.00 -12.20
C ASP A 442 -13.40 -21.33 -11.30
N ALA A 443 -13.74 -21.10 -10.02
CA ALA A 443 -12.86 -20.47 -9.02
C ALA A 443 -11.64 -21.37 -8.77
N ILE A 444 -11.86 -22.68 -8.62
CA ILE A 444 -10.77 -23.68 -8.45
C ILE A 444 -9.92 -23.75 -9.74
N ILE A 445 -10.56 -23.80 -10.91
CA ILE A 445 -9.86 -23.88 -12.23
C ILE A 445 -8.92 -22.67 -12.35
N GLU A 446 -9.40 -21.47 -12.01
CA GLU A 446 -8.58 -20.23 -12.08
C GLU A 446 -7.27 -20.47 -11.31
N VAL A 447 -7.36 -20.99 -10.08
CA VAL A 447 -6.20 -21.15 -9.16
C VAL A 447 -5.29 -22.25 -9.72
N VAL A 448 -5.89 -23.32 -10.25
CA VAL A 448 -5.15 -24.46 -10.85
C VAL A 448 -4.36 -23.96 -12.06
N GLU A 449 -4.98 -23.15 -12.92
CA GLU A 449 -4.33 -22.55 -14.12
C GLU A 449 -3.19 -21.63 -13.69
N MET A 450 -3.38 -20.85 -12.63
CA MET A 450 -2.30 -19.99 -12.06
C MET A 450 -1.14 -20.87 -11.59
N ALA A 451 -1.43 -21.99 -10.92
CA ALA A 451 -0.40 -22.90 -10.38
C ALA A 451 0.39 -23.52 -11.54
N ILE A 452 -0.28 -23.96 -12.60
CA ILE A 452 0.35 -24.55 -13.82
C ILE A 452 1.22 -23.47 -14.48
N ASP A 453 0.66 -22.28 -14.71
CA ASP A 453 1.39 -21.15 -15.36
C ASP A 453 2.64 -20.81 -14.52
N ASP A 454 2.49 -20.68 -13.20
CA ASP A 454 3.61 -20.37 -12.27
C ASP A 454 4.70 -21.42 -12.40
N PHE A 455 4.33 -22.70 -12.41
CA PHE A 455 5.27 -23.84 -12.43
C PHE A 455 6.05 -23.84 -13.75
N LYS A 456 5.37 -23.61 -14.88
CA LYS A 456 5.97 -23.56 -16.24
C LYS A 456 6.98 -22.41 -16.33
N ASN A 457 6.69 -21.28 -15.69
CA ASN A 457 7.43 -20.00 -15.89
C ASN A 457 8.53 -19.82 -14.84
N ASN A 458 8.40 -20.41 -13.65
CA ASN A 458 9.36 -20.20 -12.51
C ASN A 458 10.45 -21.28 -12.58
N ARG A 459 10.82 -21.72 -13.79
CA ARG A 459 11.93 -22.70 -14.05
C ARG A 459 12.76 -22.20 -15.24
N GLY B 1 25.80 -24.46 31.63
CA GLY B 1 25.02 -25.60 31.06
C GLY B 1 24.26 -26.37 32.12
N GLU B 2 22.97 -26.08 32.29
CA GLU B 2 22.04 -26.81 33.18
C GLU B 2 20.74 -27.07 32.40
N THR B 3 20.05 -28.19 32.67
CA THR B 3 18.82 -28.54 31.92
C THR B 3 17.68 -27.63 32.38
N LYS B 4 16.79 -27.30 31.43
CA LYS B 4 15.48 -26.65 31.73
C LYS B 4 14.41 -27.72 31.84
N LYS B 5 13.58 -27.63 32.89
CA LYS B 5 12.47 -28.58 33.16
C LYS B 5 11.26 -28.17 32.32
N MET B 6 10.84 -29.04 31.41
CA MET B 6 9.76 -28.79 30.43
C MET B 6 8.55 -29.65 30.78
N ILE B 7 7.36 -29.06 30.77
CA ILE B 7 6.05 -29.78 30.78
C ILE B 7 5.46 -29.67 29.37
N CYS B 8 4.97 -30.77 28.83
CA CYS B 8 4.35 -30.82 27.48
C CYS B 8 2.83 -30.82 27.63
N LEU B 9 2.17 -29.93 26.87
CA LEU B 9 0.68 -29.95 26.73
C LEU B 9 0.34 -30.69 25.43
N VAL B 10 -0.45 -31.75 25.54
CA VAL B 10 -0.80 -32.67 24.42
C VAL B 10 -2.32 -32.90 24.44
N ASP B 11 -2.87 -33.51 23.39
CA ASP B 11 -4.34 -33.66 23.24
C ASP B 11 -4.67 -35.01 22.61
N GLY B 12 -5.94 -35.40 22.68
CA GLY B 12 -6.50 -36.64 22.08
C GLY B 12 -6.99 -36.40 20.67
N GLU B 13 -6.63 -35.28 20.04
CA GLU B 13 -6.86 -35.03 18.60
C GLU B 13 -5.63 -35.46 17.80
N HIS B 14 -4.52 -35.76 18.49
CA HIS B 14 -3.34 -36.43 17.90
C HIS B 14 -3.37 -37.92 18.26
N TYR B 15 -2.92 -38.77 17.35
CA TYR B 15 -2.65 -40.21 17.62
C TYR B 15 -1.42 -40.31 18.51
N PHE B 16 -1.46 -41.18 19.51
CA PHE B 16 -0.44 -41.20 20.60
C PHE B 16 0.98 -41.35 20.04
N PRO B 17 1.29 -42.23 19.07
CA PRO B 17 2.68 -42.37 18.59
C PRO B 17 3.38 -41.09 18.10
N VAL B 18 2.65 -40.15 17.49
CA VAL B 18 3.25 -38.88 16.99
C VAL B 18 3.54 -37.98 18.19
N VAL B 19 2.72 -38.05 19.24
CA VAL B 19 2.91 -37.33 20.53
C VAL B 19 4.14 -37.91 21.24
N LYS B 20 4.21 -39.23 21.35
CA LYS B 20 5.35 -39.95 21.97
C LYS B 20 6.64 -39.56 21.26
N ASP B 21 6.64 -39.56 19.92
CA ASP B 21 7.81 -39.17 19.10
C ASP B 21 8.21 -37.73 19.42
N SER B 22 7.23 -36.84 19.53
CA SER B 22 7.48 -35.40 19.82
C SER B 22 8.11 -35.24 21.21
N ILE B 23 7.57 -35.92 22.22
CA ILE B 23 8.05 -35.82 23.62
C ILE B 23 9.47 -36.39 23.67
N GLU B 24 9.73 -37.52 23.01
CA GLU B 24 11.08 -38.15 22.98
C GLU B 24 12.06 -37.23 22.27
N ILE B 25 11.64 -36.50 21.25
CA ILE B 25 12.52 -35.54 20.49
C ILE B 25 12.86 -34.36 21.40
N LEU B 26 11.88 -33.83 22.14
CA LEU B 26 12.10 -32.69 23.08
C LEU B 26 13.02 -33.14 24.23
N ASP B 27 12.75 -34.31 24.80
CA ASP B 27 13.51 -34.83 25.96
C ASP B 27 14.96 -35.15 25.55
N ASP B 28 15.17 -35.60 24.31
CA ASP B 28 16.49 -36.06 23.79
C ASP B 28 17.33 -34.84 23.35
N LEU B 29 16.80 -33.62 23.47
CA LEU B 29 17.62 -32.38 23.33
C LEU B 29 18.61 -32.28 24.49
N GLU B 30 19.78 -31.70 24.23
CA GLU B 30 20.72 -31.18 25.25
C GLU B 30 20.05 -29.97 25.95
N HIS B 31 20.21 -29.86 27.26
CA HIS B 31 19.74 -28.73 28.11
C HIS B 31 18.20 -28.69 28.22
N ILE B 32 17.48 -29.76 27.83
CA ILE B 32 16.02 -29.88 28.16
C ILE B 32 15.75 -31.25 28.77
N ASP B 33 14.94 -31.31 29.82
CA ASP B 33 14.36 -32.54 30.40
C ASP B 33 12.84 -32.40 30.42
N VAL B 34 12.12 -33.29 29.75
CA VAL B 34 10.64 -33.33 29.88
C VAL B 34 10.33 -34.02 31.22
N VAL B 35 9.66 -33.33 32.14
CA VAL B 35 9.43 -33.81 33.54
C VAL B 35 7.98 -34.22 33.76
N ALA B 36 7.03 -33.71 32.99
CA ALA B 36 5.61 -34.14 33.06
C ALA B 36 4.88 -33.83 31.76
N VAL B 37 3.73 -34.46 31.55
CA VAL B 37 2.88 -34.27 30.34
C VAL B 37 1.44 -34.07 30.80
N VAL B 38 0.75 -33.05 30.28
CA VAL B 38 -0.67 -32.81 30.63
C VAL B 38 -1.50 -32.96 29.34
N PHE B 39 -2.47 -33.88 29.35
CA PHE B 39 -3.51 -34.01 28.32
C PHE B 39 -4.58 -32.95 28.54
N ILE B 40 -4.67 -31.97 27.63
CA ILE B 40 -5.52 -30.76 27.81
C ILE B 40 -6.91 -30.93 27.14
N GLY B 41 -7.21 -32.08 26.53
CA GLY B 41 -8.56 -32.35 25.98
C GLY B 41 -8.56 -33.15 24.70
N GLY B 42 -9.76 -33.40 24.13
CA GLY B 42 -9.97 -34.21 22.91
C GLY B 42 -10.04 -35.70 23.23
N THR B 43 -10.85 -36.47 22.47
CA THR B 43 -11.11 -37.91 22.76
C THR B 43 -11.15 -38.78 21.49
N GLU B 44 -10.68 -38.30 20.34
CA GLU B 44 -10.73 -39.08 19.07
C GLU B 44 -9.91 -40.39 19.24
N LYS B 45 -8.80 -40.37 19.99
CA LYS B 45 -8.03 -41.59 20.34
C LYS B 45 -8.21 -41.91 21.84
N LEU B 46 -8.92 -43.00 22.16
CA LEU B 46 -9.04 -43.55 23.53
C LEU B 46 -8.77 -45.07 23.55
N GLN B 47 -8.04 -45.61 22.57
CA GLN B 47 -7.55 -47.02 22.57
C GLN B 47 -6.61 -47.22 23.78
N ILE B 48 -5.69 -46.27 23.96
CA ILE B 48 -4.92 -46.10 25.24
C ILE B 48 -5.87 -45.38 26.20
N GLU B 49 -6.20 -45.99 27.34
CA GLU B 49 -7.49 -45.78 28.06
C GLU B 49 -7.26 -45.15 29.45
N ASP B 50 -6.04 -45.23 29.97
CA ASP B 50 -5.72 -45.09 31.42
C ASP B 50 -4.53 -44.15 31.51
N PRO B 51 -4.53 -43.06 32.34
CA PRO B 51 -3.33 -42.22 32.54
C PRO B 51 -2.04 -42.99 32.85
N LYS B 52 -2.14 -44.11 33.55
CA LYS B 52 -1.00 -45.00 33.90
C LYS B 52 -0.52 -45.75 32.65
N GLU B 53 -1.39 -46.04 31.69
CA GLU B 53 -1.00 -46.70 30.42
C GLU B 53 -0.13 -45.72 29.62
N TYR B 54 -0.64 -44.49 29.44
CA TYR B 54 0.08 -43.38 28.75
C TYR B 54 1.42 -43.13 29.44
N SER B 55 1.42 -43.07 30.77
CA SER B 55 2.60 -42.81 31.62
C SER B 55 3.63 -43.94 31.47
N GLU B 56 3.18 -45.20 31.45
CA GLU B 56 4.05 -46.41 31.30
C GLU B 56 4.81 -46.30 29.96
N LYS B 57 4.10 -45.98 28.88
CA LYS B 57 4.64 -45.98 27.49
C LYS B 57 5.55 -44.77 27.25
N LEU B 58 5.30 -43.64 27.92
CA LEU B 58 6.12 -42.41 27.79
C LEU B 58 7.36 -42.45 28.70
N GLY B 59 7.28 -43.15 29.83
CA GLY B 59 8.30 -43.05 30.90
C GLY B 59 8.27 -41.68 31.57
N LYS B 60 7.11 -41.03 31.56
CA LYS B 60 6.88 -39.67 32.13
C LYS B 60 5.57 -39.69 32.92
N PRO B 61 5.42 -38.89 34.01
CA PRO B 61 4.13 -38.78 34.68
C PRO B 61 3.16 -38.02 33.75
N VAL B 62 1.88 -38.41 33.76
CA VAL B 62 0.86 -37.89 32.81
C VAL B 62 -0.39 -37.50 33.58
N PHE B 63 -0.96 -36.33 33.28
CA PHE B 63 -2.07 -35.71 34.01
C PHE B 63 -3.19 -35.38 33.04
N PHE B 64 -4.43 -35.53 33.52
CA PHE B 64 -5.70 -35.33 32.77
C PHE B 64 -6.60 -34.38 33.57
N GLY B 65 -7.52 -33.71 32.88
CA GLY B 65 -8.56 -32.89 33.54
C GLY B 65 -9.71 -33.77 34.03
N PRO B 66 -10.58 -33.24 34.92
CA PRO B 66 -11.82 -33.92 35.30
C PRO B 66 -12.84 -33.98 34.14
N ASP B 67 -12.79 -33.01 33.22
CA ASP B 67 -13.67 -32.92 32.02
C ASP B 67 -12.82 -32.87 30.76
N PRO B 68 -12.89 -33.88 29.85
CA PRO B 68 -12.10 -33.85 28.61
C PRO B 68 -12.55 -32.79 27.58
N LYS B 69 -13.67 -32.11 27.81
CA LYS B 69 -14.21 -31.04 26.92
C LYS B 69 -13.72 -29.66 27.37
N LYS B 70 -12.97 -29.55 28.47
CA LYS B 70 -12.50 -28.24 29.02
C LYS B 70 -10.99 -28.28 29.25
N ILE B 71 -10.30 -27.15 29.05
CA ILE B 71 -8.84 -27.00 29.34
C ILE B 71 -8.65 -27.12 30.85
N PRO B 72 -7.81 -28.07 31.34
CA PRO B 72 -7.61 -28.25 32.77
C PRO B 72 -6.62 -27.22 33.35
N TYR B 73 -7.03 -25.95 33.34
CA TYR B 73 -6.23 -24.78 33.76
C TYR B 73 -5.61 -25.03 35.14
N ASP B 74 -6.42 -25.50 36.08
CA ASP B 74 -6.01 -25.71 37.50
C ASP B 74 -4.96 -26.82 37.57
N VAL B 75 -5.10 -27.87 36.76
CA VAL B 75 -4.12 -29.00 36.70
C VAL B 75 -2.80 -28.48 36.12
N ILE B 76 -2.84 -27.64 35.08
CA ILE B 76 -1.64 -27.04 34.44
C ILE B 76 -0.90 -26.22 35.51
N LYS B 77 -1.60 -25.34 36.23
CA LYS B 77 -1.06 -24.48 37.31
C LYS B 77 -0.38 -25.34 38.38
N LYS B 78 -1.11 -26.35 38.88
CA LYS B 78 -0.66 -27.26 39.96
C LYS B 78 0.57 -28.06 39.50
N CYS B 79 0.61 -28.49 38.25
CA CYS B 79 1.71 -29.28 37.65
C CYS B 79 2.96 -28.40 37.45
N VAL B 80 2.81 -27.17 36.96
CA VAL B 80 3.95 -26.22 36.78
C VAL B 80 4.59 -25.96 38.14
N LYS B 81 3.78 -25.76 39.20
CA LYS B 81 4.25 -25.59 40.60
C LYS B 81 4.95 -26.88 41.07
N LYS B 82 4.24 -28.01 41.03
CA LYS B 82 4.69 -29.30 41.60
C LYS B 82 6.06 -29.68 41.01
N TYR B 83 6.26 -29.52 39.70
CA TYR B 83 7.48 -29.97 38.96
C TYR B 83 8.45 -28.80 38.79
N ASN B 84 8.05 -27.61 39.20
CA ASN B 84 8.87 -26.37 39.20
C ASN B 84 9.44 -26.17 37.79
N ALA B 85 8.54 -26.13 36.79
CA ALA B 85 8.88 -26.08 35.35
C ALA B 85 9.46 -24.72 34.97
N ASP B 86 10.49 -24.76 34.11
CA ASP B 86 11.09 -23.59 33.44
C ASP B 86 10.30 -23.25 32.16
N ILE B 87 9.80 -24.27 31.46
CA ILE B 87 9.13 -24.16 30.14
C ILE B 87 7.86 -25.00 30.15
N VAL B 88 6.79 -24.47 29.55
CA VAL B 88 5.60 -25.27 29.14
C VAL B 88 5.50 -25.20 27.62
N MET B 89 5.54 -26.37 26.98
CA MET B 89 5.59 -26.53 25.51
C MET B 89 4.22 -27.04 25.05
N ASP B 90 3.61 -26.30 24.11
CA ASP B 90 2.25 -26.54 23.58
C ASP B 90 2.37 -27.36 22.29
N LEU B 91 1.95 -28.63 22.33
CA LEU B 91 1.88 -29.55 21.15
C LEU B 91 0.41 -29.79 20.79
N SER B 92 -0.42 -28.75 20.89
CA SER B 92 -1.86 -28.81 20.56
C SER B 92 -2.18 -27.90 19.36
N ASP B 93 -3.45 -27.79 19.01
CA ASP B 93 -3.98 -27.08 17.82
C ASP B 93 -5.50 -27.00 17.96
N GLU B 94 -6.14 -26.21 17.09
CA GLU B 94 -7.60 -26.29 16.87
C GLU B 94 -7.98 -27.77 16.70
N PRO B 95 -9.10 -28.28 17.26
CA PRO B 95 -10.10 -27.47 17.97
C PRO B 95 -9.88 -27.32 19.48
N VAL B 96 -8.86 -28.01 20.01
CA VAL B 96 -8.64 -28.11 21.49
C VAL B 96 -8.20 -26.74 22.03
N VAL B 97 -7.33 -26.01 21.32
CA VAL B 97 -6.96 -24.61 21.68
C VAL B 97 -7.20 -23.67 20.49
N ASP B 98 -7.82 -22.53 20.78
CA ASP B 98 -7.82 -21.34 19.89
C ASP B 98 -6.89 -20.30 20.52
N TYR B 99 -6.77 -19.12 19.92
CA TYR B 99 -5.85 -18.06 20.41
C TYR B 99 -6.25 -17.66 21.84
N THR B 100 -7.54 -17.55 22.09
CA THR B 100 -8.07 -17.10 23.41
C THR B 100 -7.60 -18.09 24.50
N LYS B 101 -7.81 -19.38 24.26
CA LYS B 101 -7.41 -20.46 25.19
C LYS B 101 -5.89 -20.45 25.36
N ARG B 102 -5.12 -20.21 24.30
CA ARG B 102 -3.64 -20.14 24.41
C ARG B 102 -3.23 -18.98 25.33
N PHE B 103 -3.88 -17.81 25.21
CA PHE B 103 -3.57 -16.65 26.07
C PHE B 103 -4.03 -16.93 27.51
N ARG B 104 -5.11 -17.69 27.71
CA ARG B 104 -5.54 -18.14 29.06
C ARG B 104 -4.47 -19.06 29.66
N ILE B 105 -3.97 -20.04 28.89
CA ILE B 105 -2.89 -20.98 29.35
C ILE B 105 -1.62 -20.17 29.61
N ALA B 106 -1.25 -19.29 28.68
CA ALA B 106 -0.06 -18.42 28.79
C ALA B 106 -0.12 -17.66 30.11
N SER B 107 -1.26 -17.03 30.41
CA SER B 107 -1.47 -16.17 31.59
C SER B 107 -1.18 -16.96 32.88
N ILE B 108 -1.55 -18.23 32.93
CA ILE B 108 -1.30 -19.12 34.10
C ILE B 108 0.20 -19.46 34.18
N VAL B 109 0.76 -19.98 33.09
CA VAL B 109 2.17 -20.46 33.02
C VAL B 109 3.14 -19.32 33.33
N LEU B 110 2.92 -18.14 32.73
CA LEU B 110 3.84 -16.98 32.87
C LEU B 110 3.77 -16.44 34.29
N LYS B 111 2.60 -16.51 34.95
CA LYS B 111 2.42 -16.06 36.36
C LYS B 111 3.24 -16.93 37.31
N GLU B 112 3.38 -18.22 37.01
CA GLU B 112 4.20 -19.17 37.81
C GLU B 112 5.69 -19.05 37.42
N GLY B 113 6.05 -18.10 36.55
CA GLY B 113 7.46 -17.81 36.21
C GLY B 113 8.05 -18.75 35.18
N ALA B 114 7.21 -19.52 34.49
CA ALA B 114 7.64 -20.45 33.40
C ALA B 114 7.46 -19.77 32.04
N VAL B 115 8.34 -20.10 31.09
CA VAL B 115 8.16 -19.74 29.65
C VAL B 115 6.97 -20.52 29.11
N TYR B 116 6.15 -19.89 28.27
CA TYR B 116 5.10 -20.58 27.46
C TYR B 116 5.52 -20.50 26.00
N GLN B 117 5.60 -21.65 25.33
CA GLN B 117 6.02 -21.70 23.90
C GLN B 117 5.29 -22.81 23.16
N GLY B 118 5.27 -22.70 21.82
CA GLY B 118 4.72 -23.69 20.89
C GLY B 118 5.59 -23.77 19.66
N ALA B 119 5.04 -24.28 18.55
CA ALA B 119 5.79 -24.51 17.29
C ALA B 119 6.40 -23.20 16.77
N ASP B 120 5.70 -22.06 16.89
CA ASP B 120 6.03 -20.80 16.18
C ASP B 120 5.97 -19.57 17.12
N PHE B 121 5.81 -19.75 18.43
CA PHE B 121 5.66 -18.63 19.39
C PHE B 121 6.37 -18.96 20.71
N LYS B 122 6.84 -17.92 21.39
CA LYS B 122 7.44 -17.98 22.74
C LYS B 122 7.08 -16.73 23.53
N PHE B 123 6.71 -16.89 24.81
CA PHE B 123 6.44 -15.79 25.76
C PHE B 123 7.33 -15.96 27.00
N GLU B 124 7.96 -14.86 27.42
CA GLU B 124 8.91 -14.79 28.55
C GLU B 124 8.14 -14.30 29.77
N PRO B 125 8.27 -14.96 30.95
CA PRO B 125 7.65 -14.47 32.18
C PRO B 125 8.33 -13.19 32.68
N LEU B 126 7.62 -12.39 33.49
CA LEU B 126 8.14 -11.10 34.03
C LEU B 126 9.28 -11.37 35.00
N THR B 127 10.44 -10.74 34.80
CA THR B 127 11.52 -10.72 35.82
C THR B 127 11.04 -9.83 36.96
N GLU B 128 11.34 -10.19 38.20
CA GLU B 128 10.83 -9.45 39.37
C GLU B 128 11.86 -9.48 40.50
N TYR B 129 12.56 -8.37 40.69
CA TYR B 129 13.66 -8.22 41.68
C TYR B 129 13.06 -7.95 43.06
N ASP B 130 13.41 -8.75 44.05
CA ASP B 130 13.00 -8.58 45.47
C ASP B 130 14.09 -7.74 46.15
N VAL B 131 13.94 -6.41 46.09
CA VAL B 131 15.00 -5.44 46.56
C VAL B 131 14.42 -4.43 47.57
N LEU B 132 13.10 -4.28 47.72
CA LEU B 132 12.52 -3.22 48.57
C LEU B 132 12.61 -3.60 50.05
N GLU B 133 13.03 -2.65 50.89
CA GLU B 133 13.18 -2.82 52.36
C GLU B 133 12.08 -2.03 53.07
N LYS B 134 10.96 -1.78 52.38
CA LYS B 134 9.81 -1.00 52.89
C LYS B 134 8.52 -1.59 52.36
N PRO B 135 7.36 -1.42 53.06
CA PRO B 135 6.08 -1.89 52.54
C PRO B 135 5.76 -1.15 51.25
N SER B 136 5.08 -1.79 50.31
CA SER B 136 4.99 -1.26 48.92
C SER B 136 3.75 -1.71 48.14
N ILE B 137 3.39 -0.87 47.18
CA ILE B 137 2.30 -1.10 46.19
C ILE B 137 2.86 -0.83 44.79
N LYS B 138 2.49 -1.68 43.83
CA LYS B 138 2.71 -1.43 42.38
C LYS B 138 1.44 -0.77 41.83
N ILE B 139 1.59 0.33 41.09
CA ILE B 139 0.46 0.92 40.32
C ILE B 139 0.77 0.75 38.83
N ILE B 140 0.00 -0.11 38.17
CA ILE B 140 0.19 -0.47 36.75
C ILE B 140 -1.14 -0.25 36.02
N GLY B 141 -1.11 -0.29 34.69
CA GLY B 141 -2.34 -0.16 33.90
C GLY B 141 -2.24 -0.84 32.56
N THR B 142 -3.32 -0.74 31.80
CA THR B 142 -3.54 -1.43 30.50
C THR B 142 -3.17 -0.51 29.32
N GLY B 143 -2.85 0.76 29.56
CA GLY B 143 -2.60 1.74 28.48
C GLY B 143 -2.15 3.10 28.97
N LYS B 144 -2.11 4.08 28.06
CA LYS B 144 -1.68 5.48 28.33
C LYS B 144 -2.92 6.38 28.38
N ARG B 145 -2.84 7.48 29.16
CA ARG B 145 -3.94 8.43 29.48
C ARG B 145 -5.18 7.66 29.94
N ILE B 146 -5.00 6.61 30.76
CA ILE B 146 -6.11 5.93 31.49
C ILE B 146 -6.10 6.34 32.97
N GLY B 147 -5.05 7.04 33.45
CA GLY B 147 -5.02 7.64 34.80
C GLY B 147 -4.08 6.95 35.77
N LYS B 148 -3.09 6.18 35.30
CA LYS B 148 -2.10 5.54 36.21
C LYS B 148 -1.47 6.61 37.11
N THR B 149 -0.98 7.70 36.51
CA THR B 149 -0.32 8.82 37.24
C THR B 149 -1.34 9.48 38.18
N ALA B 150 -2.54 9.79 37.67
CA ALA B 150 -3.61 10.47 38.44
C ALA B 150 -3.96 9.64 39.69
N VAL B 151 -4.12 8.33 39.52
CA VAL B 151 -4.43 7.37 40.63
C VAL B 151 -3.23 7.33 41.58
N SER B 152 -2.02 7.32 41.05
CA SER B 152 -0.76 7.24 41.83
C SER B 152 -0.58 8.49 42.72
N ALA B 153 -0.76 9.68 42.16
CA ALA B 153 -0.75 10.95 42.91
C ALA B 153 -1.76 10.87 44.06
N TYR B 154 -3.00 10.45 43.79
CA TYR B 154 -4.10 10.36 44.78
C TYR B 154 -3.70 9.39 45.90
N ALA B 155 -3.26 8.19 45.53
CA ALA B 155 -2.86 7.12 46.47
C ALA B 155 -1.76 7.65 47.41
N ALA B 156 -0.80 8.40 46.88
CA ALA B 156 0.30 9.02 47.66
C ALA B 156 -0.30 9.96 48.72
N ARG B 157 -1.27 10.81 48.35
CA ARG B 157 -1.92 11.76 49.29
C ARG B 157 -2.68 10.98 50.36
N VAL B 158 -3.41 9.93 49.97
CA VAL B 158 -4.16 9.06 50.91
C VAL B 158 -3.18 8.44 51.91
N ILE B 159 -2.03 7.92 51.44
CA ILE B 159 -1.01 7.28 52.31
C ILE B 159 -0.43 8.33 53.26
N HIS B 160 -0.26 9.57 52.80
CA HIS B 160 0.25 10.67 53.66
C HIS B 160 -0.76 10.97 54.76
N LYS B 161 -2.05 11.13 54.42
CA LYS B 161 -3.17 11.33 55.38
C LYS B 161 -3.22 10.19 56.40
N HIS B 162 -2.79 8.98 56.02
CA HIS B 162 -2.76 7.77 56.89
C HIS B 162 -1.48 7.74 57.74
N LYS B 163 -0.73 8.85 57.78
CA LYS B 163 0.43 9.10 58.68
C LYS B 163 1.64 8.26 58.27
N TYR B 164 1.73 7.87 56.98
CA TYR B 164 2.96 7.28 56.37
C TYR B 164 3.60 8.34 55.47
N ASN B 165 4.87 8.15 55.13
CA ASN B 165 5.67 9.02 54.24
C ASN B 165 5.98 8.25 52.96
N PRO B 166 5.12 8.37 51.92
CA PRO B 166 5.30 7.62 50.68
C PRO B 166 6.39 8.21 49.77
N CYS B 167 7.09 7.31 49.10
CA CYS B 167 8.01 7.60 47.99
C CYS B 167 7.45 6.94 46.71
N VAL B 168 7.35 7.70 45.61
CA VAL B 168 6.97 7.12 44.29
C VAL B 168 8.23 6.96 43.45
N VAL B 169 8.55 5.72 43.09
CA VAL B 169 9.52 5.39 42.01
C VAL B 169 8.70 5.25 40.73
N ALA B 170 8.83 6.22 39.83
CA ALA B 170 8.06 6.28 38.55
C ALA B 170 8.95 5.74 37.43
N MET B 171 8.50 4.64 36.81
CA MET B 171 9.14 4.06 35.60
C MET B 171 8.63 4.81 34.37
N GLY B 172 9.32 5.89 34.00
CA GLY B 172 8.94 6.77 32.88
C GLY B 172 9.53 6.30 31.56
N ARG B 173 9.29 7.05 30.49
CA ARG B 173 9.66 6.67 29.09
C ARG B 173 10.98 7.35 28.68
N GLY B 174 11.90 7.52 29.63
CA GLY B 174 13.16 8.25 29.46
C GLY B 174 13.60 8.90 30.77
N GLY B 175 14.76 9.53 30.77
CA GLY B 175 15.37 10.12 31.98
C GLY B 175 16.84 9.78 32.07
N PRO B 176 17.58 10.37 33.04
CA PRO B 176 19.02 10.13 33.16
C PRO B 176 19.30 8.65 33.48
N ARG B 177 20.50 8.18 33.14
CA ARG B 177 20.89 6.76 33.38
C ARG B 177 20.88 6.48 34.89
N GLU B 178 21.38 7.42 35.69
CA GLU B 178 21.27 7.36 37.17
C GLU B 178 19.93 8.00 37.55
N PRO B 179 19.01 7.27 38.23
CA PRO B 179 17.70 7.84 38.58
C PRO B 179 17.79 9.16 39.35
N GLU B 180 16.97 10.14 38.96
CA GLU B 180 16.99 11.48 39.60
C GLU B 180 15.93 11.53 40.72
N ILE B 181 16.29 12.19 41.81
CA ILE B 181 15.45 12.31 43.04
C ILE B 181 14.85 13.71 43.06
N VAL B 182 13.55 13.81 43.31
CA VAL B 182 12.83 15.10 43.46
C VAL B 182 12.24 15.15 44.87
N GLU B 183 12.66 16.13 45.67
CA GLU B 183 12.24 16.29 47.09
C GLU B 183 11.02 17.20 47.14
N GLY B 184 9.89 16.76 46.57
CA GLY B 184 8.62 17.50 46.56
C GLY B 184 7.99 17.61 47.95
N ASN B 185 8.56 16.92 48.93
CA ASN B 185 8.18 16.97 50.36
C ASN B 185 8.88 18.17 51.03
N LYS B 186 9.96 18.70 50.46
CA LYS B 186 10.77 19.80 51.03
C LYS B 186 10.77 21.05 50.14
N ILE B 187 10.58 20.91 48.83
CA ILE B 187 10.86 21.98 47.83
C ILE B 187 9.53 22.53 47.28
N GLU B 188 9.46 23.86 47.14
CA GLU B 188 8.32 24.56 46.50
C GLU B 188 8.52 24.56 44.98
N ILE B 189 7.87 23.63 44.27
CA ILE B 189 8.03 23.45 42.80
C ILE B 189 7.12 24.46 42.09
N THR B 190 7.70 25.54 41.57
CA THR B 190 7.01 26.62 40.82
C THR B 190 7.29 26.49 39.32
N ALA B 191 6.51 27.22 38.51
CA ALA B 191 6.67 27.32 37.04
C ALA B 191 8.11 27.75 36.70
N GLU B 192 8.64 28.75 37.42
CA GLU B 192 10.00 29.30 37.17
C GLU B 192 11.05 28.22 37.50
N TYR B 193 10.82 27.43 38.55
CA TYR B 193 11.73 26.33 38.96
C TYR B 193 11.72 25.24 37.88
N LEU B 194 10.53 24.86 37.38
CA LEU B 194 10.40 23.81 36.34
C LEU B 194 11.12 24.25 35.06
N LEU B 195 11.03 25.54 34.70
CA LEU B 195 11.74 26.09 33.50
C LEU B 195 13.25 26.07 33.74
N GLU B 196 13.68 26.38 34.95
CA GLU B 196 15.12 26.32 35.34
C GLU B 196 15.62 24.87 35.16
N GLN B 197 14.80 23.87 35.50
CA GLN B 197 15.14 22.44 35.32
C GLN B 197 15.15 22.10 33.82
N ALA B 198 14.14 22.53 33.06
CA ALA B 198 14.02 22.26 31.61
C ALA B 198 15.22 22.86 30.86
N ASP B 199 15.74 24.00 31.33
CA ASP B 199 16.96 24.67 30.78
C ASP B 199 18.21 23.82 31.05
N LYS B 200 18.24 23.04 32.14
CA LYS B 200 19.33 22.07 32.44
C LYS B 200 19.15 20.78 31.63
N GLY B 201 18.06 20.67 30.85
CA GLY B 201 17.74 19.48 30.02
C GLY B 201 17.00 18.40 30.79
N VAL B 202 16.48 18.72 31.99
CA VAL B 202 15.68 17.78 32.83
C VAL B 202 14.26 17.66 32.25
N HIS B 203 13.68 16.46 32.26
CA HIS B 203 12.33 16.16 31.72
C HIS B 203 11.28 16.53 32.79
N ALA B 204 11.06 17.84 32.97
CA ALA B 204 10.34 18.42 34.13
C ALA B 204 8.84 18.11 34.10
N ALA B 205 8.29 17.61 32.99
CA ALA B 205 6.86 17.23 32.86
C ALA B 205 6.67 15.72 33.06
N SER B 206 7.71 14.99 33.49
CA SER B 206 7.63 13.52 33.75
C SER B 206 6.78 13.27 35.00
N ASP B 207 6.38 12.02 35.20
CA ASP B 207 5.42 11.63 36.26
C ASP B 207 6.04 11.82 37.64
N HIS B 208 7.34 11.59 37.81
CA HIS B 208 8.02 11.81 39.12
C HIS B 208 7.97 13.29 39.49
N TRP B 209 8.17 14.19 38.53
CA TRP B 209 8.02 15.66 38.72
C TRP B 209 6.55 15.99 39.00
N GLU B 210 5.64 15.39 38.24
CA GLU B 210 4.19 15.66 38.44
C GLU B 210 3.77 15.21 39.84
N ASP B 211 4.06 13.96 40.21
CA ASP B 211 3.68 13.39 41.54
C ASP B 211 4.33 14.19 42.65
N ALA B 212 5.56 14.68 42.47
CA ALA B 212 6.27 15.52 43.46
C ALA B 212 5.45 16.79 43.72
N LEU B 213 4.97 17.47 42.67
CA LEU B 213 4.20 18.73 42.76
C LEU B 213 2.77 18.43 43.23
N MET B 214 2.08 17.51 42.57
CA MET B 214 0.62 17.26 42.78
C MET B 214 0.38 16.65 44.17
N SER B 215 1.34 15.93 44.75
CA SER B 215 1.13 15.16 46.02
C SER B 215 2.15 15.55 47.10
N ARG B 216 3.03 16.51 46.83
CA ARG B 216 4.03 17.11 47.78
C ARG B 216 4.79 15.97 48.47
N ILE B 217 5.44 15.12 47.67
CA ILE B 217 6.15 13.89 48.13
C ILE B 217 7.53 13.78 47.47
N LEU B 218 8.37 12.96 48.09
CA LEU B 218 9.66 12.48 47.53
C LEU B 218 9.36 11.53 46.37
N THR B 219 10.05 11.72 45.23
CA THR B 219 9.87 10.83 44.05
C THR B 219 11.23 10.52 43.42
N VAL B 220 11.34 9.34 42.80
CA VAL B 220 12.54 8.89 42.06
C VAL B 220 12.14 8.67 40.60
N GLY B 221 12.84 9.37 39.70
CA GLY B 221 12.62 9.31 38.24
C GLY B 221 13.45 8.23 37.61
N CYS B 222 12.80 7.11 37.26
CA CYS B 222 13.41 5.98 36.52
C CYS B 222 12.96 6.01 35.06
N ARG B 223 13.63 5.21 34.23
CA ARG B 223 13.43 5.19 32.76
C ARG B 223 13.32 3.75 32.27
N ARG B 224 12.76 3.58 31.06
CA ARG B 224 12.59 2.26 30.41
C ARG B 224 12.46 2.47 28.90
N CYS B 225 12.69 1.41 28.12
CA CYS B 225 12.42 1.37 26.66
C CYS B 225 11.65 0.10 26.32
N GLY B 226 10.63 0.22 25.48
CA GLY B 226 9.79 -0.93 25.08
C GLY B 226 8.84 -1.34 26.18
N GLY B 227 7.73 -1.97 25.80
CA GLY B 227 6.71 -2.49 26.74
C GLY B 227 5.95 -3.59 26.06
N GLY B 228 6.26 -4.83 26.42
CA GLY B 228 5.79 -6.02 25.69
C GLY B 228 4.34 -6.32 25.98
N MET B 229 3.86 -7.43 25.45
CA MET B 229 2.44 -7.85 25.56
C MET B 229 2.14 -8.19 27.01
N LEU B 230 3.01 -8.96 27.68
CA LEU B 230 2.80 -9.39 29.09
C LEU B 230 3.06 -8.19 30.02
N GLY B 231 3.91 -7.27 29.59
CA GLY B 231 4.19 -6.01 30.31
C GLY B 231 5.66 -5.82 30.63
N ASP B 232 6.55 -6.73 30.20
CA ASP B 232 8.00 -6.61 30.48
C ASP B 232 8.55 -5.46 29.63
N THR B 233 9.75 -4.99 29.96
CA THR B 233 10.41 -3.84 29.29
C THR B 233 11.80 -4.30 28.81
N PHE B 234 12.32 -3.70 27.74
CA PHE B 234 13.59 -4.13 27.11
C PHE B 234 14.76 -3.79 28.02
N ILE B 235 14.91 -2.50 28.39
CA ILE B 235 15.89 -2.02 29.41
C ILE B 235 15.16 -1.10 30.40
N THR B 236 15.62 -1.08 31.65
CA THR B 236 15.14 -0.13 32.69
C THR B 236 16.17 0.00 33.81
N ASN B 237 16.13 1.12 34.54
CA ASN B 237 16.97 1.36 35.74
C ASN B 237 16.09 1.32 37.00
N VAL B 238 14.90 0.73 36.94
CA VAL B 238 13.93 0.69 38.07
C VAL B 238 14.51 -0.10 39.27
N LYS B 239 15.34 -1.13 39.02
CA LYS B 239 15.98 -1.90 40.11
C LYS B 239 16.85 -0.94 40.93
N ARG B 240 17.67 -0.12 40.26
CA ARG B 240 18.52 0.93 40.87
C ARG B 240 17.63 1.95 41.61
N GLY B 241 16.49 2.34 41.03
CA GLY B 241 15.56 3.28 41.66
C GLY B 241 15.02 2.76 42.99
N ALA B 242 14.66 1.49 43.04
CA ALA B 242 14.14 0.82 44.27
C ALA B 242 15.26 0.74 45.32
N GLU B 243 16.51 0.48 44.90
CA GLU B 243 17.71 0.48 45.78
C GLU B 243 17.89 1.89 46.37
N ILE B 244 17.77 2.93 45.55
CA ILE B 244 17.87 4.35 46.00
C ILE B 244 16.73 4.64 47.00
N ALA B 245 15.50 4.25 46.67
CA ALA B 245 14.31 4.53 47.51
C ALA B 245 14.46 3.91 48.91
N ASN B 246 15.18 2.78 49.04
CA ASN B 246 15.47 2.14 50.35
C ASN B 246 16.25 3.11 51.25
N LYS B 247 17.24 3.81 50.70
CA LYS B 247 18.21 4.64 51.47
C LYS B 247 17.61 6.01 51.85
N LEU B 248 16.62 6.49 51.12
CA LEU B 248 16.04 7.86 51.31
C LEU B 248 15.00 7.85 52.42
N ASP B 249 14.61 9.05 52.87
CA ASP B 249 13.73 9.29 54.04
C ASP B 249 12.26 9.10 53.62
N SER B 250 11.76 7.87 53.76
CA SER B 250 10.36 7.45 53.44
C SER B 250 10.07 6.12 54.14
N ASP B 251 8.81 5.73 54.30
CA ASP B 251 8.46 4.48 55.03
C ASP B 251 7.35 3.69 54.31
N PHE B 252 7.03 4.07 53.06
CA PHE B 252 6.15 3.32 52.12
C PHE B 252 6.58 3.65 50.70
N VAL B 253 6.58 2.66 49.80
CA VAL B 253 7.04 2.85 48.39
C VAL B 253 5.91 2.50 47.41
N ILE B 254 5.63 3.42 46.49
CA ILE B 254 4.79 3.15 45.28
C ILE B 254 5.73 2.96 44.10
N MET B 255 5.67 1.77 43.47
CA MET B 255 6.32 1.50 42.16
C MET B 255 5.28 1.75 41.06
N GLU B 256 5.42 2.85 40.31
CA GLU B 256 4.42 3.27 39.29
C GLU B 256 4.94 2.89 37.90
N GLY B 257 4.10 2.24 37.11
CA GLY B 257 4.42 1.82 35.74
C GLY B 257 4.24 2.94 34.74
N SER B 258 4.41 2.61 33.46
CA SER B 258 4.18 3.47 32.28
C SER B 258 3.58 2.61 31.15
N GLY B 259 2.69 3.20 30.35
CA GLY B 259 1.92 2.47 29.31
C GLY B 259 1.35 1.20 29.87
N ALA B 260 1.47 0.09 29.15
CA ALA B 260 1.01 -1.25 29.61
C ALA B 260 2.14 -1.95 30.39
N ALA B 261 3.30 -1.30 30.55
CA ALA B 261 4.52 -1.91 31.13
C ALA B 261 4.46 -1.94 32.66
N ILE B 262 5.08 -2.98 33.25
CA ILE B 262 5.00 -3.38 34.68
C ILE B 262 6.39 -3.26 35.30
N PRO B 263 6.60 -2.43 36.35
CA PRO B 263 7.91 -2.35 37.03
C PRO B 263 8.38 -3.73 37.48
N PRO B 264 9.64 -4.13 37.12
CA PRO B 264 10.16 -5.45 37.44
C PRO B 264 10.68 -5.56 38.87
N VAL B 265 9.97 -4.97 39.84
CA VAL B 265 10.35 -4.97 41.27
C VAL B 265 9.18 -5.57 42.05
N LYS B 266 9.47 -6.48 42.96
CA LYS B 266 8.44 -7.16 43.78
C LYS B 266 7.85 -6.15 44.75
N THR B 267 6.53 -6.16 44.88
CA THR B 267 5.77 -5.29 45.82
C THR B 267 4.80 -6.17 46.62
N ASN B 268 4.39 -5.70 47.77
CA ASN B 268 3.50 -6.46 48.69
C ASN B 268 2.12 -6.59 48.05
N ARG B 269 1.60 -5.51 47.45
CA ARG B 269 0.23 -5.47 46.87
C ARG B 269 0.24 -4.68 45.54
N GLN B 270 -0.85 -4.76 44.77
CA GLN B 270 -0.91 -4.17 43.39
C GLN B 270 -2.27 -3.52 43.15
N ILE B 271 -2.24 -2.30 42.60
CA ILE B 271 -3.41 -1.55 42.09
C ILE B 271 -3.29 -1.55 40.57
N VAL B 272 -4.36 -1.98 39.89
CA VAL B 272 -4.39 -2.04 38.40
C VAL B 272 -5.42 -1.02 37.90
N THR B 273 -5.01 -0.17 36.97
CA THR B 273 -5.87 0.86 36.36
C THR B 273 -6.37 0.34 35.01
N VAL B 274 -7.67 0.40 34.77
CA VAL B 274 -8.28 -0.06 33.48
C VAL B 274 -9.22 1.03 32.96
N GLY B 275 -8.87 1.65 31.83
CA GLY B 275 -9.75 2.60 31.12
C GLY B 275 -10.90 1.88 30.44
N ALA B 276 -12.14 2.26 30.75
CA ALA B 276 -13.35 1.69 30.14
C ALA B 276 -13.45 2.10 28.67
N ASN B 277 -12.66 3.11 28.27
CA ASN B 277 -12.57 3.62 26.87
C ASN B 277 -11.83 2.66 25.95
N GLN B 278 -11.08 1.68 26.48
CA GLN B 278 -10.22 0.76 25.67
C GLN B 278 -11.07 -0.35 25.07
N PRO B 279 -10.65 -0.94 23.92
CA PRO B 279 -11.38 -2.07 23.33
C PRO B 279 -11.54 -3.25 24.30
N MET B 280 -12.72 -3.87 24.37
CA MET B 280 -12.96 -5.01 25.30
C MET B 280 -11.90 -6.10 25.11
N ILE B 281 -11.45 -6.36 23.86
CA ILE B 281 -10.48 -7.46 23.57
C ILE B 281 -9.18 -7.19 24.32
N ASN B 282 -8.80 -5.93 24.52
CA ASN B 282 -7.56 -5.56 25.26
C ASN B 282 -7.73 -5.79 26.77
N ILE B 283 -8.98 -5.83 27.25
CA ILE B 283 -9.36 -6.03 28.69
C ILE B 283 -9.59 -7.53 28.94
N ASN B 284 -10.35 -8.21 28.06
CA ASN B 284 -10.85 -9.59 28.32
C ASN B 284 -10.09 -10.63 27.48
N ASN B 285 -9.12 -10.20 26.67
CA ASN B 285 -8.28 -11.15 25.88
C ASN B 285 -6.82 -10.70 25.91
N PHE B 286 -5.94 -11.46 25.25
CA PHE B 286 -4.47 -11.28 25.29
C PHE B 286 -4.02 -11.30 26.75
N PHE B 287 -3.24 -10.31 27.21
CA PHE B 287 -2.72 -10.29 28.60
C PHE B 287 -3.40 -9.17 29.42
N GLY B 288 -4.56 -8.69 28.98
CA GLY B 288 -5.46 -7.90 29.84
C GLY B 288 -5.84 -8.70 31.09
N PRO B 289 -6.44 -9.89 30.93
CA PRO B 289 -6.81 -10.74 32.06
C PRO B 289 -5.64 -11.09 32.99
N PHE B 290 -4.43 -11.21 32.44
CA PHE B 290 -3.20 -11.44 33.24
C PHE B 290 -2.99 -10.23 34.17
N ARG B 291 -3.03 -9.02 33.63
CA ARG B 291 -2.85 -7.77 34.43
C ARG B 291 -3.95 -7.63 35.48
N ILE B 292 -5.20 -7.82 35.10
CA ILE B 292 -6.36 -7.76 36.05
C ILE B 292 -6.17 -8.83 37.14
N GLY B 293 -5.61 -9.98 36.80
CA GLY B 293 -5.35 -11.08 37.75
C GLY B 293 -4.27 -10.74 38.77
N LEU B 294 -3.46 -9.69 38.56
CA LEU B 294 -2.40 -9.27 39.51
C LEU B 294 -3.03 -8.40 40.62
N ALA B 295 -4.23 -7.87 40.41
CA ALA B 295 -4.81 -6.77 41.21
C ALA B 295 -5.29 -7.25 42.59
N ASP B 296 -5.01 -6.46 43.62
CA ASP B 296 -5.75 -6.46 44.91
C ASP B 296 -6.90 -5.47 44.80
N LEU B 297 -6.66 -4.35 44.11
CA LEU B 297 -7.69 -3.30 43.84
C LEU B 297 -7.61 -2.91 42.36
N VAL B 298 -8.74 -2.92 41.66
CA VAL B 298 -8.85 -2.43 40.26
C VAL B 298 -9.59 -1.10 40.29
N ILE B 299 -8.93 -0.04 39.80
CA ILE B 299 -9.60 1.24 39.49
C ILE B 299 -10.01 1.19 38.01
N ILE B 300 -11.30 1.10 37.74
CA ILE B 300 -11.85 1.31 36.38
C ILE B 300 -11.99 2.83 36.20
N THR B 301 -11.44 3.37 35.11
CA THR B 301 -11.44 4.82 34.82
C THR B 301 -12.25 5.11 33.56
N MET B 302 -12.56 6.39 33.34
CA MET B 302 -13.31 6.91 32.17
C MET B 302 -14.73 6.32 32.14
N CYS B 303 -15.35 6.11 33.30
CA CYS B 303 -16.70 5.49 33.45
C CYS B 303 -17.80 6.54 33.23
N GLU B 304 -17.86 7.13 32.03
CA GLU B 304 -18.90 8.11 31.65
C GLU B 304 -18.96 8.27 30.12
N GLU B 305 -20.11 8.70 29.60
CA GLU B 305 -20.20 9.25 28.22
C GLU B 305 -19.34 10.50 28.17
N PRO B 306 -18.65 10.81 27.04
CA PRO B 306 -18.68 10.00 25.82
C PRO B 306 -17.70 8.82 25.79
N MET B 307 -16.89 8.63 26.85
CA MET B 307 -15.72 7.70 26.87
C MET B 307 -16.18 6.24 26.92
N ALA B 308 -17.25 5.92 27.65
CA ALA B 308 -17.82 4.55 27.73
C ALA B 308 -19.33 4.60 28.01
N THR B 309 -20.07 3.65 27.45
CA THR B 309 -21.53 3.50 27.65
C THR B 309 -21.76 2.74 28.96
N THR B 310 -22.98 2.83 29.52
CA THR B 310 -23.37 2.09 30.75
C THR B 310 -23.14 0.58 30.53
N GLU B 311 -23.50 0.06 29.35
CA GLU B 311 -23.42 -1.40 29.05
C GLU B 311 -21.95 -1.81 29.05
N LYS B 312 -21.07 -0.98 28.48
CA LYS B 312 -19.61 -1.22 28.43
C LYS B 312 -19.05 -1.27 29.86
N ILE B 313 -19.37 -0.26 30.66
CA ILE B 313 -18.92 -0.15 32.08
C ILE B 313 -19.34 -1.41 32.85
N LYS B 314 -20.59 -1.87 32.66
CA LYS B 314 -21.13 -3.08 33.34
C LYS B 314 -20.39 -4.33 32.85
N LYS B 315 -20.03 -4.39 31.57
CA LYS B 315 -19.33 -5.56 30.96
C LYS B 315 -17.92 -5.67 31.55
N VAL B 316 -17.23 -4.53 31.67
CA VAL B 316 -15.87 -4.43 32.26
C VAL B 316 -15.94 -4.87 33.73
N GLU B 317 -16.86 -4.28 34.51
CA GLU B 317 -17.08 -4.64 35.94
C GLU B 317 -17.33 -6.15 36.07
N LYS B 318 -18.24 -6.69 35.26
CA LYS B 318 -18.67 -8.12 35.33
C LYS B 318 -17.46 -9.02 35.06
N PHE B 319 -16.67 -8.70 34.03
CA PHE B 319 -15.50 -9.51 33.63
C PHE B 319 -14.47 -9.54 34.78
N ILE B 320 -14.15 -8.38 35.32
CA ILE B 320 -13.13 -8.23 36.42
C ILE B 320 -13.54 -9.12 37.59
N LYS B 321 -14.82 -9.06 37.98
CA LYS B 321 -15.38 -9.85 39.12
C LYS B 321 -15.32 -11.36 38.80
N GLU B 322 -15.51 -11.74 37.54
CA GLU B 322 -15.47 -13.17 37.13
C GLU B 322 -14.05 -13.71 37.30
N ILE B 323 -13.03 -13.00 36.78
CA ILE B 323 -11.64 -13.55 36.71
C ILE B 323 -10.86 -13.24 37.99
N ASN B 324 -11.27 -12.22 38.75
CA ASN B 324 -10.60 -11.85 40.02
C ASN B 324 -11.68 -11.49 41.04
N PRO B 325 -12.45 -12.47 41.55
CA PRO B 325 -13.52 -12.18 42.51
C PRO B 325 -12.97 -11.70 43.87
N SER B 326 -11.71 -11.96 44.18
CA SER B 326 -11.01 -11.51 45.41
C SER B 326 -10.73 -9.99 45.39
N ALA B 327 -10.67 -9.37 44.20
CA ALA B 327 -10.21 -7.98 44.06
C ALA B 327 -11.37 -7.05 44.39
N ASN B 328 -11.05 -5.93 45.04
CA ASN B 328 -11.96 -4.77 45.21
C ASN B 328 -11.95 -4.01 43.89
N VAL B 329 -13.10 -3.47 43.47
CA VAL B 329 -13.26 -2.80 42.15
C VAL B 329 -13.96 -1.47 42.37
N ILE B 330 -13.39 -0.36 41.90
CA ILE B 330 -13.96 1.01 42.05
C ILE B 330 -14.04 1.64 40.65
N PRO B 331 -15.25 1.87 40.11
CA PRO B 331 -15.43 2.64 38.88
C PRO B 331 -15.39 4.15 39.13
N THR B 332 -14.67 4.89 38.27
CA THR B 332 -14.31 6.31 38.49
C THR B 332 -14.35 7.12 37.20
N VAL B 333 -14.36 8.45 37.37
CA VAL B 333 -14.15 9.48 36.32
C VAL B 333 -13.11 10.46 36.85
N PHE B 334 -12.47 11.23 35.97
CA PHE B 334 -11.45 12.23 36.36
C PHE B 334 -12.07 13.61 36.28
N ARG B 335 -11.74 14.45 37.27
CA ARG B 335 -12.14 15.88 37.30
C ARG B 335 -10.94 16.74 37.66
N PRO B 336 -10.80 17.97 37.08
CA PRO B 336 -9.64 18.82 37.32
C PRO B 336 -9.57 19.38 38.75
N LYS B 337 -8.36 19.58 39.25
CA LYS B 337 -8.10 20.30 40.51
C LYS B 337 -6.84 21.17 40.36
N PRO B 338 -6.99 22.50 40.20
CA PRO B 338 -5.83 23.40 40.15
C PRO B 338 -5.01 23.32 41.43
N VAL B 339 -3.68 23.33 41.30
CA VAL B 339 -2.73 23.44 42.44
C VAL B 339 -2.43 24.94 42.61
N GLY B 340 -3.46 25.68 43.03
CA GLY B 340 -3.45 27.15 43.13
C GLY B 340 -4.87 27.70 43.08
N ASN B 341 -5.02 29.02 43.10
CA ASN B 341 -6.34 29.70 43.10
C ASN B 341 -6.59 30.27 41.69
N VAL B 342 -7.76 30.00 41.11
CA VAL B 342 -8.17 30.48 39.77
C VAL B 342 -9.53 31.20 39.84
N GLU B 343 -10.01 31.54 41.05
CA GLU B 343 -11.36 32.14 41.24
C GLU B 343 -11.41 33.50 40.56
N GLY B 344 -12.38 33.68 39.66
CA GLY B 344 -12.69 34.95 38.97
C GLY B 344 -11.62 35.31 37.93
N LYS B 345 -10.70 34.40 37.62
CA LYS B 345 -9.65 34.61 36.59
C LYS B 345 -10.19 34.20 35.21
N LYS B 346 -9.69 34.89 34.18
CA LYS B 346 -9.74 34.47 32.77
C LYS B 346 -8.65 33.42 32.56
N VAL B 347 -9.08 32.19 32.25
CA VAL B 347 -8.18 30.99 32.27
C VAL B 347 -7.99 30.47 30.85
N LEU B 348 -6.74 30.30 30.44
CA LEU B 348 -6.35 29.45 29.27
C LEU B 348 -6.02 28.05 29.78
N PHE B 349 -6.84 27.05 29.44
CA PHE B 349 -6.72 25.66 29.94
C PHE B 349 -5.94 24.81 28.93
N ALA B 350 -4.87 24.15 29.38
CA ALA B 350 -3.98 23.33 28.55
C ALA B 350 -3.98 21.90 29.09
N THR B 351 -4.32 20.92 28.25
CA THR B 351 -4.55 19.52 28.69
C THR B 351 -4.13 18.54 27.59
N THR B 352 -3.98 17.27 27.98
CA THR B 352 -3.77 16.10 27.08
C THR B 352 -5.12 15.41 26.80
N ALA B 353 -6.22 15.88 27.38
CA ALA B 353 -7.54 15.22 27.36
C ALA B 353 -8.09 15.10 25.94
N PRO B 354 -8.93 14.06 25.65
CA PRO B 354 -9.66 13.99 24.39
C PRO B 354 -10.55 15.23 24.16
N LYS B 355 -10.68 15.66 22.89
CA LYS B 355 -11.45 16.86 22.52
C LYS B 355 -12.92 16.69 22.93
N VAL B 356 -13.44 15.46 22.92
CA VAL B 356 -14.87 15.16 23.20
C VAL B 356 -15.22 15.40 24.68
N VAL B 357 -14.24 15.52 25.59
CA VAL B 357 -14.51 15.77 27.04
C VAL B 357 -14.14 17.20 27.46
N VAL B 358 -13.46 17.98 26.62
CA VAL B 358 -13.01 19.36 26.99
C VAL B 358 -14.20 20.22 27.50
N GLY B 359 -15.35 20.16 26.83
CA GLY B 359 -16.54 20.95 27.22
C GLY B 359 -16.98 20.65 28.64
N LYS B 360 -17.00 19.36 29.00
CA LYS B 360 -17.38 18.85 30.34
C LYS B 360 -16.36 19.35 31.37
N LEU B 361 -15.06 19.29 31.05
CA LEU B 361 -13.98 19.73 31.97
C LEU B 361 -14.09 21.24 32.19
N VAL B 362 -14.34 22.01 31.13
CA VAL B 362 -14.50 23.49 31.20
C VAL B 362 -15.74 23.81 32.05
N ASN B 363 -16.86 23.16 31.76
CA ASN B 363 -18.13 23.34 32.50
C ASN B 363 -17.91 23.08 34.00
N TYR B 364 -17.16 22.02 34.34
CA TYR B 364 -16.79 21.68 35.73
C TYR B 364 -15.88 22.76 36.33
N LEU B 365 -14.80 23.14 35.64
CA LEU B 365 -13.81 24.15 36.12
C LEU B 365 -14.53 25.45 36.49
N GLU B 366 -15.38 25.95 35.61
CA GLU B 366 -16.11 27.23 35.78
C GLU B 366 -17.11 27.10 36.94
N SER B 367 -17.86 25.99 37.00
CA SER B 367 -18.94 25.77 38.01
C SER B 367 -18.33 25.62 39.41
N LYS B 368 -17.19 24.94 39.54
CA LYS B 368 -16.61 24.63 40.87
C LYS B 368 -15.70 25.76 41.34
N TYR B 369 -14.76 26.22 40.51
CA TYR B 369 -13.68 27.16 40.91
C TYR B 369 -14.01 28.61 40.52
N GLY B 370 -15.12 28.84 39.81
CA GLY B 370 -15.63 30.21 39.54
C GLY B 370 -14.75 31.01 38.59
N CYS B 371 -13.91 30.35 37.80
CA CYS B 371 -13.10 30.96 36.70
C CYS B 371 -13.97 31.16 35.45
N ASP B 372 -13.46 31.88 34.46
CA ASP B 372 -14.03 31.92 33.08
C ASP B 372 -12.94 31.44 32.12
N VAL B 373 -13.17 30.29 31.50
CA VAL B 373 -12.21 29.68 30.54
C VAL B 373 -12.37 30.38 29.19
N VAL B 374 -11.39 31.23 28.83
CA VAL B 374 -11.41 32.09 27.60
C VAL B 374 -10.99 31.28 26.38
N GLY B 375 -10.31 30.15 26.57
CA GLY B 375 -9.81 29.29 25.48
C GLY B 375 -9.19 28.01 26.02
N VAL B 376 -9.08 26.98 25.18
CA VAL B 376 -8.49 25.66 25.55
C VAL B 376 -7.48 25.23 24.48
N THR B 377 -6.39 24.59 24.91
CA THR B 377 -5.54 23.76 24.02
C THR B 377 -5.53 22.33 24.55
N PRO B 378 -6.09 21.36 23.79
CA PRO B 378 -5.92 19.93 24.08
C PRO B 378 -4.64 19.34 23.44
N HIS B 379 -3.68 20.20 23.07
CA HIS B 379 -2.50 19.82 22.24
C HIS B 379 -1.20 19.87 23.02
N LEU B 380 -1.19 19.57 24.33
CA LEU B 380 0.07 19.51 25.13
C LEU B 380 1.02 18.46 24.55
N SER B 381 0.48 17.47 23.81
CA SER B 381 1.22 16.32 23.22
C SER B 381 1.75 16.64 21.81
N ASN B 382 1.39 17.81 21.24
CA ASN B 382 1.66 18.17 19.82
C ASN B 382 2.23 19.60 19.74
N ARG B 383 3.55 19.75 19.72
CA ARG B 383 4.24 21.06 19.92
C ARG B 383 3.83 22.08 18.84
N PRO B 384 3.78 21.74 17.53
CA PRO B 384 3.30 22.71 16.53
C PRO B 384 1.87 23.23 16.77
N LEU B 385 0.89 22.35 16.99
CA LEU B 385 -0.52 22.76 17.17
C LEU B 385 -0.69 23.49 18.51
N LEU B 386 0.11 23.13 19.52
CA LEU B 386 0.14 23.82 20.84
C LEU B 386 0.50 25.30 20.64
N ARG B 387 1.56 25.60 19.88
CA ARG B 387 2.03 26.99 19.66
C ARG B 387 0.94 27.81 18.94
N ARG B 388 0.26 27.19 17.97
CA ARG B 388 -0.88 27.79 17.24
C ARG B 388 -1.99 28.20 18.22
N ASP B 389 -2.39 27.29 19.12
CA ASP B 389 -3.45 27.53 20.13
C ASP B 389 -2.98 28.63 21.10
N LEU B 390 -1.72 28.60 21.52
CA LEU B 390 -1.17 29.60 22.48
C LEU B 390 -1.26 31.00 21.85
N LYS B 391 -0.76 31.19 20.62
CA LYS B 391 -0.81 32.52 19.96
C LYS B 391 -2.27 33.01 19.83
N LYS B 392 -3.22 32.11 19.58
CA LYS B 392 -4.67 32.45 19.45
C LYS B 392 -5.19 33.01 20.78
N TYR B 393 -4.90 32.37 21.91
CA TYR B 393 -5.63 32.61 23.20
C TYR B 393 -4.79 33.42 24.22
N ILE B 394 -3.45 33.42 24.13
CA ILE B 394 -2.55 33.80 25.27
C ILE B 394 -2.90 35.20 25.79
N ASN B 395 -3.24 36.15 24.92
CA ASN B 395 -3.42 37.58 25.29
C ASN B 395 -4.71 37.77 26.12
N LYS B 396 -5.72 36.91 25.97
CA LYS B 396 -7.04 37.18 26.61
C LYS B 396 -7.18 36.45 27.96
N ALA B 397 -6.14 35.74 28.42
CA ALA B 397 -6.14 35.01 29.72
C ALA B 397 -5.30 35.75 30.75
N ASP B 398 -5.75 35.72 32.01
CA ASP B 398 -5.00 36.19 33.20
C ASP B 398 -3.90 35.18 33.51
N LEU B 399 -4.26 33.89 33.52
CA LEU B 399 -3.32 32.79 33.87
C LEU B 399 -3.57 31.57 32.97
N MET B 400 -2.52 30.76 32.81
CA MET B 400 -2.60 29.46 32.13
C MET B 400 -2.70 28.34 33.17
N LEU B 401 -3.77 27.55 33.09
CA LEU B 401 -4.00 26.35 33.92
C LEU B 401 -3.60 25.14 33.07
N THR B 402 -2.53 24.43 33.43
CA THR B 402 -1.94 23.38 32.58
C THR B 402 -1.73 22.10 33.38
N GLU B 403 -2.03 20.96 32.77
CA GLU B 403 -1.51 19.64 33.24
C GLU B 403 0.02 19.73 33.24
N LEU B 404 0.68 19.08 34.20
CA LEU B 404 2.15 18.96 34.21
C LEU B 404 2.53 17.69 33.44
N LYS B 405 2.26 17.71 32.13
CA LYS B 405 2.38 16.55 31.20
C LYS B 405 2.91 17.06 29.84
N ALA B 406 3.72 16.25 29.16
CA ALA B 406 4.19 16.45 27.76
C ALA B 406 4.90 17.82 27.63
N ALA B 407 4.49 18.69 26.70
CA ALA B 407 5.18 19.97 26.36
C ALA B 407 4.73 21.11 27.30
N ALA B 408 4.18 20.81 28.48
CA ALA B 408 3.59 21.79 29.41
C ALA B 408 4.66 22.73 29.96
N VAL B 409 5.92 22.28 30.09
CA VAL B 409 7.00 23.12 30.68
C VAL B 409 7.72 23.84 29.54
N ASP B 410 8.39 23.12 28.65
CA ASP B 410 9.40 23.72 27.71
C ASP B 410 8.73 24.56 26.63
N VAL B 411 7.44 24.32 26.32
CA VAL B 411 6.66 25.20 25.40
C VAL B 411 5.68 26.04 26.23
N ALA B 412 4.60 25.44 26.75
CA ALA B 412 3.42 26.18 27.27
C ALA B 412 3.81 27.08 28.46
N THR B 413 4.53 26.57 29.46
CA THR B 413 4.95 27.38 30.64
C THR B 413 5.90 28.48 30.16
N ARG B 414 6.85 28.15 29.27
CA ARG B 414 7.87 29.10 28.77
C ARG B 414 7.16 30.29 28.09
N VAL B 415 6.22 30.02 27.20
CA VAL B 415 5.45 31.06 26.45
C VAL B 415 4.65 31.90 27.45
N ALA B 416 3.99 31.27 28.43
CA ALA B 416 3.11 31.95 29.43
C ALA B 416 3.95 32.85 30.35
N ILE B 417 5.13 32.41 30.77
CA ILE B 417 6.05 33.19 31.67
C ILE B 417 6.64 34.37 30.88
N GLU B 418 7.04 34.17 29.62
CA GLU B 418 7.59 35.25 28.74
C GLU B 418 6.49 36.23 28.36
N ALA B 419 5.22 35.81 28.33
CA ALA B 419 4.03 36.66 28.11
C ALA B 419 3.58 37.33 29.43
N GLY B 420 4.20 36.96 30.58
CA GLY B 420 3.94 37.57 31.90
C GLY B 420 2.67 37.07 32.58
N LEU B 421 2.16 35.89 32.21
CA LEU B 421 0.99 35.26 32.88
C LEU B 421 1.45 34.52 34.13
N ASP B 422 0.53 34.28 35.07
CA ASP B 422 0.67 33.24 36.11
C ASP B 422 0.45 31.88 35.45
N VAL B 423 1.17 30.87 35.93
CA VAL B 423 0.97 29.45 35.50
C VAL B 423 0.60 28.62 36.72
N VAL B 424 -0.58 28.01 36.68
CA VAL B 424 -1.10 27.09 37.74
C VAL B 424 -1.16 25.67 37.14
N TYR B 425 -0.55 24.70 37.82
CA TYR B 425 -0.56 23.29 37.39
C TYR B 425 -1.85 22.62 37.86
N CYS B 426 -2.36 21.70 37.04
CA CYS B 426 -3.70 21.06 37.22
C CYS B 426 -3.56 19.55 37.42
N ASP B 427 -4.05 19.03 38.54
CA ASP B 427 -4.15 17.57 38.81
C ASP B 427 -5.44 17.08 38.17
N ASN B 428 -5.52 15.77 37.96
CA ASN B 428 -6.75 15.04 37.57
C ASN B 428 -7.10 14.11 38.75
N ILE B 429 -8.29 14.25 39.31
CA ILE B 429 -8.70 13.58 40.57
C ILE B 429 -9.65 12.44 40.22
N PRO B 430 -9.40 11.19 40.66
CA PRO B 430 -10.37 10.11 40.49
C PRO B 430 -11.55 10.31 41.45
N VAL B 431 -12.74 10.48 40.86
CA VAL B 431 -14.04 10.63 41.58
C VAL B 431 -14.87 9.37 41.33
N VAL B 432 -15.40 8.75 42.39
CA VAL B 432 -16.25 7.54 42.27
C VAL B 432 -17.60 7.96 41.71
N ILE B 433 -18.10 7.25 40.69
CA ILE B 433 -19.36 7.59 39.97
C ILE B 433 -20.57 7.08 40.77
N ASP B 434 -20.37 6.03 41.58
CA ASP B 434 -21.47 5.18 42.11
C ASP B 434 -21.11 4.82 43.55
N GLU B 435 -21.87 5.39 44.48
CA GLU B 435 -21.59 5.28 45.94
C GLU B 435 -21.87 3.84 46.41
N SER B 436 -22.60 3.02 45.64
CA SER B 436 -22.84 1.58 45.96
C SER B 436 -21.50 0.82 45.97
N TYR B 437 -20.49 1.30 45.25
CA TYR B 437 -19.14 0.69 45.15
C TYR B 437 -18.24 1.20 46.28
N GLY B 438 -18.71 2.15 47.11
CA GLY B 438 -17.98 2.62 48.30
C GLY B 438 -16.96 3.70 47.95
N ASN B 439 -16.02 3.93 48.87
CA ASN B 439 -15.14 5.14 48.91
C ASN B 439 -13.74 4.74 48.42
N ILE B 440 -13.14 5.55 47.53
CA ILE B 440 -11.82 5.21 46.91
C ILE B 440 -10.70 5.30 47.97
N ASP B 441 -10.74 6.26 48.91
CA ASP B 441 -9.69 6.39 49.96
C ASP B 441 -9.68 5.13 50.83
N ASP B 442 -10.86 4.67 51.27
CA ASP B 442 -11.01 3.43 52.09
C ASP B 442 -10.46 2.23 51.32
N ALA B 443 -10.71 2.16 50.01
CA ALA B 443 -10.25 1.06 49.12
C ALA B 443 -8.72 1.06 49.05
N ILE B 444 -8.11 2.24 48.91
CA ILE B 444 -6.63 2.41 48.89
C ILE B 444 -6.07 2.05 50.27
N ILE B 445 -6.68 2.54 51.34
CA ILE B 445 -6.24 2.29 52.74
C ILE B 445 -6.23 0.77 53.00
N GLU B 446 -7.27 0.06 52.57
CA GLU B 446 -7.35 -1.41 52.74
C GLU B 446 -6.09 -2.05 52.15
N VAL B 447 -5.71 -1.66 50.93
CA VAL B 447 -4.56 -2.25 50.18
C VAL B 447 -3.26 -1.84 50.90
N VAL B 448 -3.19 -0.61 51.37
CA VAL B 448 -2.00 -0.07 52.11
C VAL B 448 -1.82 -0.88 53.39
N GLU B 449 -2.91 -1.12 54.13
CA GLU B 449 -2.90 -1.92 55.40
C GLU B 449 -2.44 -3.35 55.10
N MET B 450 -2.92 -3.94 53.99
CA MET B 450 -2.49 -5.30 53.56
C MET B 450 -0.99 -5.28 53.27
N ALA B 451 -0.48 -4.24 52.60
CA ALA B 451 0.94 -4.13 52.21
C ALA B 451 1.81 -4.06 53.46
N ILE B 452 1.40 -3.24 54.44
CA ILE B 452 2.12 -3.08 55.74
C ILE B 452 2.10 -4.43 56.47
N ASP B 453 0.93 -5.03 56.61
CA ASP B 453 0.75 -6.33 57.32
C ASP B 453 1.63 -7.41 56.64
N ASP B 454 1.59 -7.50 55.31
CA ASP B 454 2.39 -8.48 54.52
C ASP B 454 3.88 -8.29 54.82
N PHE B 455 4.33 -7.04 54.80
CA PHE B 455 5.77 -6.68 54.97
C PHE B 455 6.23 -7.08 56.38
N LYS B 456 5.42 -6.79 57.40
CA LYS B 456 5.70 -7.14 58.83
C LYS B 456 5.82 -8.66 59.01
N ASN B 457 5.01 -9.45 58.31
CA ASN B 457 4.86 -10.91 58.55
C ASN B 457 5.76 -11.75 57.65
N ASN B 458 6.18 -11.24 56.48
CA ASN B 458 6.94 -12.05 55.48
C ASN B 458 8.38 -11.52 55.39
N ARG B 459 9.37 -12.42 55.37
CA ARG B 459 10.83 -12.07 55.27
C ARG B 459 11.51 -13.00 54.25
N GLY C 1 3.81 -18.91 -30.44
CA GLY C 1 2.32 -18.93 -30.48
C GLY C 1 1.72 -19.18 -29.11
N GLU C 2 1.43 -18.12 -28.36
CA GLU C 2 0.84 -18.14 -27.00
C GLU C 2 -0.20 -17.02 -26.91
N THR C 3 -1.24 -17.17 -26.08
CA THR C 3 -2.17 -16.04 -25.80
C THR C 3 -1.51 -15.12 -24.76
N LYS C 4 -1.75 -13.82 -24.87
CA LYS C 4 -1.35 -12.79 -23.87
C LYS C 4 -2.51 -12.55 -22.90
N LYS C 5 -2.19 -12.53 -21.61
CA LYS C 5 -3.18 -12.37 -20.51
C LYS C 5 -3.41 -10.87 -20.30
N MET C 6 -4.64 -10.42 -20.51
CA MET C 6 -5.03 -9.00 -20.46
C MET C 6 -5.92 -8.75 -19.23
N ILE C 7 -5.64 -7.67 -18.50
CA ILE C 7 -6.53 -7.11 -17.45
C ILE C 7 -7.13 -5.81 -17.99
N CYS C 8 -8.45 -5.62 -17.84
CA CYS C 8 -9.16 -4.42 -18.33
C CYS C 8 -9.42 -3.48 -17.15
N LEU C 9 -9.10 -2.20 -17.30
CA LEU C 9 -9.46 -1.14 -16.32
C LEU C 9 -10.73 -0.45 -16.81
N VAL C 10 -11.78 -0.46 -15.98
CA VAL C 10 -13.14 0.03 -16.34
C VAL C 10 -13.65 0.96 -15.24
N ASP C 11 -14.73 1.71 -15.51
CA ASP C 11 -15.25 2.71 -14.55
C ASP C 11 -16.77 2.73 -14.57
N GLY C 12 -17.35 3.36 -13.55
CA GLY C 12 -18.81 3.55 -13.40
C GLY C 12 -19.28 4.84 -14.06
N GLU C 13 -18.44 5.47 -14.87
CA GLU C 13 -18.82 6.64 -15.71
C GLU C 13 -19.25 6.14 -17.08
N HIS C 14 -19.05 4.86 -17.38
CA HIS C 14 -19.63 4.17 -18.57
C HIS C 14 -20.80 3.30 -18.11
N TYR C 15 -21.87 3.22 -18.92
CA TYR C 15 -22.99 2.26 -18.69
C TYR C 15 -22.47 0.86 -19.03
N PHE C 16 -22.89 -0.11 -18.22
CA PHE C 16 -22.34 -1.49 -18.20
C PHE C 16 -22.32 -2.11 -19.61
N PRO C 17 -23.41 -2.07 -20.42
CA PRO C 17 -23.43 -2.81 -21.69
C PRO C 17 -22.30 -2.48 -22.69
N VAL C 18 -21.85 -1.22 -22.73
CA VAL C 18 -20.78 -0.80 -23.68
C VAL C 18 -19.44 -1.32 -23.15
N VAL C 19 -19.28 -1.43 -21.83
CA VAL C 19 -18.07 -2.02 -21.17
C VAL C 19 -18.06 -3.53 -21.46
N LYS C 20 -19.20 -4.20 -21.25
CA LYS C 20 -19.33 -5.65 -21.54
C LYS C 20 -18.98 -5.91 -23.02
N ASP C 21 -19.52 -5.11 -23.93
CA ASP C 21 -19.25 -5.23 -25.38
C ASP C 21 -17.75 -5.09 -25.63
N SER C 22 -17.11 -4.11 -24.98
CA SER C 22 -15.66 -3.84 -25.16
C SER C 22 -14.84 -5.03 -24.67
N ILE C 23 -15.17 -5.58 -23.51
CA ILE C 23 -14.44 -6.74 -22.91
C ILE C 23 -14.62 -7.95 -23.82
N GLU C 24 -15.84 -8.21 -24.30
CA GLU C 24 -16.11 -9.35 -25.23
C GLU C 24 -15.34 -9.18 -26.54
N ILE C 25 -15.18 -7.94 -27.02
CA ILE C 25 -14.43 -7.64 -28.28
C ILE C 25 -12.94 -7.93 -28.05
N LEU C 26 -12.40 -7.51 -26.91
CA LEU C 26 -10.97 -7.73 -26.56
C LEU C 26 -10.69 -9.22 -26.34
N ASP C 27 -11.58 -9.90 -25.63
CA ASP C 27 -11.41 -11.33 -25.27
C ASP C 27 -11.53 -12.19 -26.54
N ASP C 28 -12.37 -11.79 -27.49
CA ASP C 28 -12.64 -12.56 -28.73
C ASP C 28 -11.52 -12.34 -29.77
N LEU C 29 -10.55 -11.48 -29.49
CA LEU C 29 -9.33 -11.34 -30.33
C LEU C 29 -8.49 -12.61 -30.27
N GLU C 30 -7.80 -12.91 -31.37
CA GLU C 30 -6.79 -13.98 -31.47
C GLU C 30 -5.56 -13.60 -30.63
N HIS C 31 -4.99 -14.55 -29.89
CA HIS C 31 -3.77 -14.41 -29.04
C HIS C 31 -3.95 -13.41 -27.89
N ILE C 32 -5.19 -13.05 -27.53
CA ILE C 32 -5.48 -12.26 -26.30
C ILE C 32 -6.60 -12.95 -25.52
N ASP C 33 -6.44 -13.08 -24.20
CA ASP C 33 -7.46 -13.62 -23.26
C ASP C 33 -7.62 -12.60 -22.14
N VAL C 34 -8.83 -12.07 -21.95
CA VAL C 34 -9.11 -11.18 -20.79
C VAL C 34 -9.28 -12.09 -19.58
N VAL C 35 -8.43 -11.91 -18.56
CA VAL C 35 -8.35 -12.82 -17.38
C VAL C 35 -8.97 -12.17 -16.14
N ALA C 36 -9.03 -10.84 -16.08
CA ALA C 36 -9.66 -10.11 -14.97
C ALA C 36 -10.00 -8.68 -15.39
N VAL C 37 -10.82 -8.04 -14.57
CA VAL C 37 -11.25 -6.63 -14.74
C VAL C 37 -11.04 -5.92 -13.41
N VAL C 38 -10.46 -4.73 -13.44
CA VAL C 38 -10.35 -3.86 -12.24
C VAL C 38 -11.22 -2.62 -12.45
N PHE C 39 -12.19 -2.43 -11.57
CA PHE C 39 -13.08 -1.26 -11.53
C PHE C 39 -12.36 -0.12 -10.81
N ILE C 40 -11.92 0.91 -11.54
CA ILE C 40 -10.95 1.93 -11.00
C ILE C 40 -11.69 3.18 -10.47
N GLY C 41 -13.02 3.20 -10.48
CA GLY C 41 -13.80 4.25 -9.79
C GLY C 41 -15.04 4.71 -10.55
N GLY C 42 -15.69 5.76 -10.04
CA GLY C 42 -16.86 6.41 -10.68
C GLY C 42 -18.17 5.71 -10.29
N THR C 43 -19.29 6.44 -10.32
CA THR C 43 -20.59 5.94 -9.78
C THR C 43 -21.81 6.37 -10.62
N GLU C 44 -21.74 7.45 -11.41
CA GLU C 44 -22.96 8.10 -11.97
C GLU C 44 -23.80 7.12 -12.80
N LYS C 45 -23.17 6.22 -13.57
CA LYS C 45 -23.88 5.28 -14.48
C LYS C 45 -24.07 3.91 -13.82
N LEU C 46 -23.73 3.78 -12.54
CA LEU C 46 -23.63 2.48 -11.83
C LEU C 46 -24.98 2.20 -11.17
N GLN C 47 -26.01 2.04 -12.01
CA GLN C 47 -27.42 1.76 -11.61
C GLN C 47 -27.52 0.40 -10.92
N ILE C 48 -26.63 -0.54 -11.24
CA ILE C 48 -26.48 -1.85 -10.55
C ILE C 48 -25.87 -1.59 -9.17
N GLU C 49 -26.64 -1.81 -8.10
CA GLU C 49 -26.27 -1.43 -6.72
C GLU C 49 -25.32 -2.47 -6.13
N ASP C 50 -25.26 -3.68 -6.71
CA ASP C 50 -24.46 -4.83 -6.20
C ASP C 50 -23.19 -5.07 -7.03
N PRO C 51 -21.98 -4.90 -6.44
CA PRO C 51 -20.73 -5.17 -7.15
C PRO C 51 -20.61 -6.57 -7.77
N LYS C 52 -21.24 -7.57 -7.15
CA LYS C 52 -21.12 -9.01 -7.52
C LYS C 52 -21.90 -9.29 -8.80
N GLU C 53 -22.98 -8.51 -9.06
CA GLU C 53 -23.73 -8.57 -10.34
C GLU C 53 -22.79 -8.30 -11.52
N TYR C 54 -21.89 -7.32 -11.40
CA TYR C 54 -20.93 -6.87 -12.44
C TYR C 54 -20.09 -8.08 -12.94
N SER C 55 -19.52 -8.82 -12.01
CA SER C 55 -18.69 -10.04 -12.30
C SER C 55 -19.56 -11.15 -12.91
N GLU C 56 -20.77 -11.36 -12.37
CA GLU C 56 -21.74 -12.39 -12.82
C GLU C 56 -22.08 -12.11 -14.30
N LYS C 57 -22.37 -10.86 -14.65
CA LYS C 57 -22.86 -10.44 -16.00
C LYS C 57 -21.71 -10.45 -17.02
N LEU C 58 -20.47 -10.20 -16.60
CA LEU C 58 -19.27 -10.25 -17.50
C LEU C 58 -18.77 -11.69 -17.70
N GLY C 59 -18.96 -12.58 -16.73
CA GLY C 59 -18.35 -13.92 -16.72
C GLY C 59 -16.84 -13.82 -16.53
N LYS C 60 -16.40 -12.76 -15.86
CA LYS C 60 -14.98 -12.45 -15.54
C LYS C 60 -14.88 -12.07 -14.08
N PRO C 61 -13.74 -12.36 -13.40
CA PRO C 61 -13.52 -11.84 -12.05
C PRO C 61 -13.36 -10.31 -12.14
N VAL C 62 -13.94 -9.60 -11.17
CA VAL C 62 -13.92 -8.11 -11.10
C VAL C 62 -13.45 -7.70 -9.71
N PHE C 63 -12.50 -6.77 -9.66
CA PHE C 63 -11.86 -6.30 -8.41
C PHE C 63 -12.08 -4.79 -8.27
N PHE C 64 -12.31 -4.34 -7.03
CA PHE C 64 -12.77 -2.97 -6.69
C PHE C 64 -11.82 -2.37 -5.65
N GLY C 65 -11.74 -1.04 -5.60
CA GLY C 65 -11.06 -0.32 -4.51
C GLY C 65 -11.95 -0.23 -3.28
N PRO C 66 -11.38 0.05 -2.09
CA PRO C 66 -12.17 0.33 -0.89
C PRO C 66 -12.92 1.67 -0.96
N ASP C 67 -12.40 2.63 -1.73
CA ASP C 67 -12.97 4.00 -1.91
C ASP C 67 -13.25 4.22 -3.40
N PRO C 68 -14.54 4.41 -3.82
CA PRO C 68 -14.86 4.60 -5.23
C PRO C 68 -14.34 5.92 -5.84
N LYS C 69 -13.84 6.85 -5.02
CA LYS C 69 -13.37 8.19 -5.47
C LYS C 69 -11.86 8.20 -5.66
N LYS C 70 -11.16 7.08 -5.43
CA LYS C 70 -9.69 6.98 -5.57
C LYS C 70 -9.31 5.80 -6.46
N ILE C 71 -8.25 5.95 -7.26
CA ILE C 71 -7.71 4.88 -8.15
C ILE C 71 -7.16 3.78 -7.26
N PRO C 72 -7.60 2.52 -7.39
CA PRO C 72 -7.11 1.42 -6.56
C PRO C 72 -5.75 0.88 -7.07
N TYR C 73 -4.73 1.71 -6.97
CA TYR C 73 -3.35 1.45 -7.45
C TYR C 73 -2.86 0.08 -6.92
N ASP C 74 -3.05 -0.15 -5.62
CA ASP C 74 -2.60 -1.36 -4.90
C ASP C 74 -3.30 -2.60 -5.49
N VAL C 75 -4.59 -2.49 -5.79
CA VAL C 75 -5.41 -3.60 -6.35
C VAL C 75 -4.94 -3.89 -7.78
N ILE C 76 -4.62 -2.86 -8.57
CA ILE C 76 -4.08 -3.02 -9.95
C ILE C 76 -2.77 -3.82 -9.88
N LYS C 77 -1.85 -3.40 -9.00
CA LYS C 77 -0.53 -4.06 -8.78
C LYS C 77 -0.75 -5.54 -8.40
N LYS C 78 -1.60 -5.79 -7.40
CA LYS C 78 -1.90 -7.14 -6.85
C LYS C 78 -2.52 -8.03 -7.95
N CYS C 79 -3.40 -7.48 -8.80
CA CYS C 79 -4.06 -8.26 -9.88
C CYS C 79 -3.07 -8.57 -11.02
N VAL C 80 -2.20 -7.63 -11.41
CA VAL C 80 -1.16 -7.91 -12.45
C VAL C 80 -0.26 -9.06 -11.98
N LYS C 81 0.13 -9.04 -10.70
CA LYS C 81 0.94 -10.11 -10.06
C LYS C 81 0.13 -11.42 -10.02
N LYS C 82 -1.07 -11.43 -9.42
CA LYS C 82 -1.89 -12.65 -9.21
C LYS C 82 -2.06 -13.39 -10.54
N TYR C 83 -2.37 -12.68 -11.64
CA TYR C 83 -2.73 -13.27 -12.95
C TYR C 83 -1.49 -13.38 -13.87
N ASN C 84 -0.33 -12.87 -13.44
CA ASN C 84 0.90 -12.83 -14.28
C ASN C 84 0.56 -12.19 -15.65
N ALA C 85 -0.10 -11.03 -15.62
CA ALA C 85 -0.70 -10.37 -16.80
C ALA C 85 0.38 -9.77 -17.71
N ASP C 86 0.17 -9.89 -19.01
CA ASP C 86 1.06 -9.39 -20.09
C ASP C 86 0.67 -7.97 -20.48
N ILE C 87 -0.63 -7.65 -20.44
CA ILE C 87 -1.19 -6.36 -20.92
C ILE C 87 -2.21 -5.85 -19.90
N VAL C 88 -2.21 -4.55 -19.66
CA VAL C 88 -3.33 -3.85 -18.96
C VAL C 88 -3.92 -2.83 -19.94
N MET C 89 -5.22 -2.98 -20.22
CA MET C 89 -5.98 -2.20 -21.21
C MET C 89 -6.88 -1.21 -20.46
N ASP C 90 -6.74 0.08 -20.78
CA ASP C 90 -7.44 1.20 -20.12
C ASP C 90 -8.70 1.57 -20.93
N LEU C 91 -9.88 1.27 -20.39
CA LEU C 91 -11.20 1.59 -21.00
C LEU C 91 -11.88 2.71 -20.18
N SER C 92 -11.07 3.64 -19.67
CA SER C 92 -11.55 4.78 -18.85
C SER C 92 -11.27 6.11 -19.58
N ASP C 93 -11.56 7.22 -18.91
CA ASP C 93 -11.45 8.60 -19.46
C ASP C 93 -11.63 9.56 -18.29
N GLU C 94 -11.38 10.85 -18.51
CA GLU C 94 -11.88 11.94 -17.62
C GLU C 94 -13.35 11.65 -17.32
N PRO C 95 -13.85 11.83 -16.07
CA PRO C 95 -13.12 12.42 -14.95
C PRO C 95 -12.27 11.44 -14.11
N VAL C 96 -12.42 10.14 -14.35
CA VAL C 96 -11.87 9.07 -13.47
C VAL C 96 -10.34 9.05 -13.59
N VAL C 97 -9.79 9.22 -14.79
CA VAL C 97 -8.31 9.33 -15.00
C VAL C 97 -7.99 10.61 -15.77
N ASP C 98 -6.97 11.33 -15.33
CA ASP C 98 -6.26 12.36 -16.12
C ASP C 98 -4.90 11.78 -16.52
N TYR C 99 -4.07 12.55 -17.21
CA TYR C 99 -2.74 12.09 -17.70
C TYR C 99 -1.88 11.69 -16.50
N THR C 100 -1.91 12.44 -15.41
CA THR C 100 -1.08 12.18 -14.20
C THR C 100 -1.43 10.80 -13.64
N LYS C 101 -2.73 10.54 -13.46
CA LYS C 101 -3.24 9.23 -12.96
C LYS C 101 -2.82 8.12 -13.94
N ARG C 102 -2.89 8.35 -15.24
CA ARG C 102 -2.50 7.35 -16.27
C ARG C 102 -1.02 7.03 -16.13
N PHE C 103 -0.15 8.02 -15.92
CA PHE C 103 1.30 7.80 -15.76
C PHE C 103 1.57 7.10 -14.43
N ARG C 104 0.77 7.35 -13.39
CA ARG C 104 0.85 6.60 -12.10
C ARG C 104 0.48 5.14 -12.33
N ILE C 105 -0.61 4.86 -13.06
CA ILE C 105 -1.05 3.48 -13.39
C ILE C 105 0.03 2.83 -14.27
N ALA C 106 0.48 3.54 -15.31
CA ALA C 106 1.52 3.06 -16.23
C ALA C 106 2.75 2.62 -15.45
N SER C 107 3.22 3.45 -14.52
CA SER C 107 4.47 3.22 -13.73
C SER C 107 4.35 1.91 -12.93
N ILE C 108 3.17 1.61 -12.40
CA ILE C 108 2.89 0.36 -11.63
C ILE C 108 2.91 -0.84 -12.59
N VAL C 109 2.13 -0.77 -13.66
CA VAL C 109 1.94 -1.86 -14.64
C VAL C 109 3.28 -2.21 -15.32
N LEU C 110 4.03 -1.21 -15.76
CA LEU C 110 5.30 -1.40 -16.51
C LEU C 110 6.36 -2.01 -15.58
N LYS C 111 6.33 -1.68 -14.29
CA LYS C 111 7.31 -2.21 -13.30
C LYS C 111 7.07 -3.71 -13.11
N GLU C 112 5.82 -4.16 -13.19
CA GLU C 112 5.47 -5.61 -13.09
C GLU C 112 5.69 -6.31 -14.45
N GLY C 113 6.26 -5.62 -15.45
CA GLY C 113 6.64 -6.22 -16.74
C GLY C 113 5.48 -6.36 -17.71
N ALA C 114 4.35 -5.71 -17.44
CA ALA C 114 3.15 -5.71 -18.30
C ALA C 114 3.16 -4.47 -19.21
N VAL C 115 2.59 -4.61 -20.41
CA VAL C 115 2.28 -3.47 -21.33
C VAL C 115 1.14 -2.67 -20.70
N TYR C 116 1.20 -1.34 -20.76
CA TYR C 116 0.04 -0.47 -20.46
C TYR C 116 -0.41 0.20 -21.77
N GLN C 117 -1.69 0.05 -22.11
CA GLN C 117 -2.24 0.62 -23.37
C GLN C 117 -3.69 1.08 -23.18
N GLY C 118 -4.13 1.95 -24.08
CA GLY C 118 -5.52 2.43 -24.18
C GLY C 118 -5.86 2.69 -25.63
N ALA C 119 -6.87 3.52 -25.90
CA ALA C 119 -7.45 3.71 -27.25
C ALA C 119 -6.38 4.22 -28.23
N ASP C 120 -5.45 5.08 -27.81
CA ASP C 120 -4.52 5.83 -28.71
C ASP C 120 -3.07 5.80 -28.21
N PHE C 121 -2.75 5.00 -27.19
CA PHE C 121 -1.42 4.98 -26.56
C PHE C 121 -1.03 3.55 -26.14
N LYS C 122 0.26 3.28 -26.19
CA LYS C 122 0.86 1.98 -25.76
C LYS C 122 2.25 2.25 -25.20
N PHE C 123 2.56 1.65 -24.04
CA PHE C 123 3.90 1.67 -23.41
C PHE C 123 4.41 0.25 -23.21
N GLU C 124 5.63 -0.02 -23.69
CA GLU C 124 6.35 -1.30 -23.54
C GLU C 124 7.15 -1.27 -22.24
N PRO C 125 7.11 -2.34 -21.41
CA PRO C 125 7.96 -2.45 -20.24
C PRO C 125 9.44 -2.67 -20.63
N LEU C 126 10.36 -2.36 -19.72
CA LEU C 126 11.83 -2.45 -19.97
C LEU C 126 12.24 -3.92 -20.16
N THR C 127 12.93 -4.23 -21.25
CA THR C 127 13.66 -5.52 -21.40
C THR C 127 14.81 -5.52 -20.39
N GLU C 128 15.08 -6.67 -19.76
CA GLU C 128 16.12 -6.77 -18.72
C GLU C 128 16.73 -8.18 -18.75
N TYR C 129 17.94 -8.28 -19.29
CA TYR C 129 18.71 -9.54 -19.44
C TYR C 129 19.37 -9.88 -18.09
N ASP C 130 19.14 -11.09 -17.61
CA ASP C 130 19.76 -11.62 -16.36
C ASP C 130 21.06 -12.33 -16.74
N VAL C 131 22.18 -11.60 -16.83
CA VAL C 131 23.46 -12.09 -17.42
C VAL C 131 24.65 -11.91 -16.47
N LEU C 132 24.56 -11.10 -15.41
CA LEU C 132 25.77 -10.80 -14.58
C LEU C 132 26.07 -11.96 -13.62
N GLU C 133 27.33 -12.35 -13.51
CA GLU C 133 27.82 -13.46 -12.63
C GLU C 133 28.65 -12.85 -11.49
N LYS C 134 28.37 -11.59 -11.15
CA LYS C 134 29.07 -10.83 -10.09
C LYS C 134 28.06 -9.93 -9.37
N PRO C 135 28.29 -9.53 -8.11
CA PRO C 135 27.41 -8.58 -7.44
C PRO C 135 27.47 -7.24 -8.19
N SER C 136 26.36 -6.49 -8.23
CA SER C 136 26.22 -5.37 -9.18
C SER C 136 25.26 -4.26 -8.75
N ILE C 137 25.54 -3.06 -9.26
CA ILE C 137 24.71 -1.83 -9.08
C ILE C 137 24.47 -1.20 -10.46
N LYS C 138 23.25 -0.73 -10.71
CA LYS C 138 22.92 0.14 -11.87
C LYS C 138 23.00 1.58 -11.39
N ILE C 139 23.69 2.43 -12.13
CA ILE C 139 23.70 3.91 -11.87
C ILE C 139 23.02 4.59 -13.06
N ILE C 140 21.83 5.11 -12.82
CA ILE C 140 20.94 5.69 -13.86
C ILE C 140 20.50 7.07 -13.39
N GLY C 141 19.89 7.85 -14.28
CA GLY C 141 19.43 9.19 -13.91
C GLY C 141 18.34 9.71 -14.81
N THR C 142 17.96 10.95 -14.53
CA THR C 142 16.76 11.65 -15.05
C THR C 142 17.15 12.55 -16.24
N GLY C 143 18.43 12.73 -16.54
CA GLY C 143 18.86 13.63 -17.63
C GLY C 143 20.36 13.59 -17.90
N LYS C 144 20.85 14.52 -18.72
CA LYS C 144 22.30 14.69 -19.02
C LYS C 144 22.87 15.83 -18.15
N ARG C 145 24.16 15.75 -17.83
CA ARG C 145 24.93 16.72 -16.99
C ARG C 145 24.22 16.93 -15.65
N ILE C 146 23.69 15.85 -15.06
CA ILE C 146 23.16 15.85 -13.66
C ILE C 146 24.12 15.11 -12.72
N GLY C 147 25.17 14.46 -13.25
CA GLY C 147 26.23 13.84 -12.42
C GLY C 147 26.21 12.32 -12.36
N LYS C 148 25.53 11.64 -13.28
CA LYS C 148 25.53 10.15 -13.30
C LYS C 148 26.97 9.64 -13.34
N THR C 149 27.78 10.16 -14.27
CA THR C 149 29.21 9.76 -14.43
C THR C 149 30.00 10.13 -13.17
N ALA C 150 29.83 11.36 -12.67
CA ALA C 150 30.52 11.88 -11.47
C ALA C 150 30.25 10.95 -10.28
N VAL C 151 28.98 10.59 -10.06
CA VAL C 151 28.53 9.69 -8.96
C VAL C 151 29.09 8.29 -9.20
N SER C 152 29.11 7.84 -10.46
CA SER C 152 29.61 6.49 -10.85
C SER C 152 31.11 6.35 -10.59
N ALA C 153 31.91 7.34 -10.99
CA ALA C 153 33.36 7.40 -10.71
C ALA C 153 33.58 7.32 -9.19
N TYR C 154 32.83 8.12 -8.41
CA TYR C 154 32.93 8.18 -6.94
C TYR C 154 32.63 6.80 -6.35
N ALA C 155 31.50 6.21 -6.73
CA ALA C 155 31.03 4.90 -6.24
C ALA C 155 32.09 3.83 -6.49
N ALA C 156 32.72 3.86 -7.68
CA ALA C 156 33.82 2.94 -8.05
C ALA C 156 34.97 3.07 -7.05
N ARG C 157 35.40 4.30 -6.71
CA ARG C 157 36.51 4.52 -5.75
C ARG C 157 36.11 4.04 -4.36
N VAL C 158 34.88 4.31 -3.94
CA VAL C 158 34.35 3.85 -2.61
C VAL C 158 34.38 2.33 -2.57
N ILE C 159 33.95 1.65 -3.63
CA ILE C 159 33.95 0.16 -3.71
C ILE C 159 35.39 -0.36 -3.64
N HIS C 160 36.34 0.35 -4.28
CA HIS C 160 37.77 -0.03 -4.25
C HIS C 160 38.30 0.08 -2.82
N LYS C 161 38.05 1.21 -2.14
CA LYS C 161 38.44 1.44 -0.72
C LYS C 161 37.85 0.34 0.17
N HIS C 162 36.69 -0.21 -0.20
CA HIS C 162 35.99 -1.30 0.55
C HIS C 162 36.52 -2.68 0.14
N LYS C 163 37.68 -2.74 -0.53
CA LYS C 163 38.48 -3.96 -0.85
C LYS C 163 37.78 -4.84 -1.88
N TYR C 164 36.93 -4.27 -2.73
CA TYR C 164 36.42 -4.91 -3.96
C TYR C 164 37.11 -4.30 -5.18
N ASN C 165 37.05 -5.00 -6.31
CA ASN C 165 37.68 -4.59 -7.60
C ASN C 165 36.56 -4.34 -8.60
N PRO C 166 36.04 -3.10 -8.69
CA PRO C 166 34.88 -2.80 -9.54
C PRO C 166 35.23 -2.64 -11.02
N CYS C 167 34.29 -3.04 -11.86
CA CYS C 167 34.27 -2.83 -13.33
C CYS C 167 33.06 -1.98 -13.69
N VAL C 168 33.24 -0.90 -14.45
CA VAL C 168 32.09 -0.07 -14.95
C VAL C 168 31.86 -0.42 -16.42
N VAL C 169 30.67 -0.95 -16.72
CA VAL C 169 30.11 -1.04 -18.10
C VAL C 169 29.31 0.24 -18.32
N ALA C 170 29.84 1.16 -19.16
CA ALA C 170 29.21 2.47 -19.44
C ALA C 170 28.45 2.38 -20.77
N MET C 171 27.13 2.56 -20.71
CA MET C 171 26.25 2.60 -21.90
C MET C 171 26.26 4.02 -22.46
N GLY C 172 27.20 4.32 -23.37
CA GLY C 172 27.35 5.65 -24.01
C GLY C 172 26.49 5.79 -25.26
N ARG C 173 26.54 6.95 -25.94
CA ARG C 173 25.80 7.16 -27.22
C ARG C 173 26.72 6.98 -28.43
N GLY C 174 27.51 5.91 -28.41
CA GLY C 174 28.36 5.50 -29.54
C GLY C 174 29.56 4.70 -29.07
N GLY C 175 30.44 4.32 -30.00
CA GLY C 175 31.55 3.39 -29.78
C GLY C 175 31.47 2.15 -30.68
N PRO C 176 32.53 1.32 -30.69
CA PRO C 176 32.63 0.18 -31.60
C PRO C 176 31.50 -0.83 -31.35
N ARG C 177 31.14 -1.61 -32.36
CA ARG C 177 30.05 -2.61 -32.26
C ARG C 177 30.43 -3.67 -31.21
N GLU C 178 31.69 -4.09 -31.19
CA GLU C 178 32.24 -4.95 -30.10
C GLU C 178 32.74 -4.02 -28.98
N PRO C 179 32.21 -4.12 -27.74
CA PRO C 179 32.59 -3.17 -26.68
C PRO C 179 34.09 -3.12 -26.43
N GLU C 180 34.63 -1.91 -26.23
CA GLU C 180 36.08 -1.70 -26.00
C GLU C 180 36.37 -1.73 -24.49
N ILE C 181 37.48 -2.35 -24.12
CA ILE C 181 37.94 -2.53 -22.72
C ILE C 181 39.05 -1.52 -22.45
N VAL C 182 38.97 -0.80 -21.34
CA VAL C 182 40.04 0.12 -20.85
C VAL C 182 40.55 -0.40 -19.51
N GLU C 183 41.84 -0.75 -19.42
CA GLU C 183 42.48 -1.31 -18.20
C GLU C 183 43.07 -0.16 -17.37
N GLY C 184 42.21 0.72 -16.85
CA GLY C 184 42.60 1.85 -16.00
C GLY C 184 43.15 1.41 -14.64
N ASN C 185 43.05 0.11 -14.31
CA ASN C 185 43.69 -0.47 -13.10
C ASN C 185 45.16 -0.84 -13.39
N LYS C 186 45.56 -0.97 -14.65
CA LYS C 186 46.95 -1.38 -15.06
C LYS C 186 47.70 -0.25 -15.78
N ILE C 187 46.99 0.70 -16.39
CA ILE C 187 47.60 1.76 -17.25
C ILE C 187 47.52 3.11 -16.51
N GLU C 188 48.61 3.89 -16.57
CA GLU C 188 48.62 5.34 -16.23
C GLU C 188 48.09 6.12 -17.44
N ILE C 189 46.82 6.52 -17.42
CA ILE C 189 46.14 7.20 -18.57
C ILE C 189 46.53 8.68 -18.56
N THR C 190 47.42 9.08 -19.48
CA THR C 190 47.94 10.47 -19.61
C THR C 190 47.29 11.18 -20.80
N ALA C 191 47.43 12.50 -20.85
CA ALA C 191 46.99 13.38 -21.95
C ALA C 191 47.56 12.88 -23.29
N GLU C 192 48.84 12.51 -23.34
CA GLU C 192 49.54 12.04 -24.56
C GLU C 192 48.93 10.69 -24.99
N TYR C 193 48.59 9.82 -24.03
CA TYR C 193 47.97 8.51 -24.32
C TYR C 193 46.56 8.73 -24.89
N LEU C 194 45.78 9.63 -24.30
CA LEU C 194 44.40 9.94 -24.77
C LEU C 194 44.46 10.51 -26.19
N LEU C 195 45.46 11.34 -26.53
CA LEU C 195 45.64 11.88 -27.90
C LEU C 195 46.01 10.75 -28.86
N GLU C 196 46.85 9.80 -28.42
CA GLU C 196 47.21 8.60 -29.23
C GLU C 196 45.92 7.83 -29.55
N GLN C 197 44.99 7.73 -28.58
CA GLN C 197 43.68 7.06 -28.78
C GLN C 197 42.81 7.89 -29.75
N ALA C 198 42.72 9.20 -29.53
CA ALA C 198 41.90 10.13 -30.36
C ALA C 198 42.37 10.08 -31.82
N ASP C 199 43.69 9.93 -32.05
CA ASP C 199 44.30 9.81 -33.40
C ASP C 199 43.90 8.48 -34.06
N LYS C 200 43.65 7.42 -33.27
CA LYS C 200 43.11 6.13 -33.79
C LYS C 200 41.60 6.23 -34.03
N GLY C 201 40.97 7.36 -33.67
CA GLY C 201 39.51 7.60 -33.80
C GLY C 201 38.71 7.04 -32.63
N VAL C 202 39.38 6.72 -31.50
CA VAL C 202 38.73 6.27 -30.23
C VAL C 202 38.11 7.48 -29.54
N HIS C 203 36.92 7.33 -28.96
CA HIS C 203 36.16 8.41 -28.27
C HIS C 203 36.71 8.57 -26.84
N ALA C 204 37.90 9.15 -26.72
CA ALA C 204 38.74 9.14 -25.49
C ALA C 204 38.13 10.00 -24.37
N ALA C 205 37.12 10.83 -24.66
CA ALA C 205 36.41 11.67 -23.64
C ALA C 205 35.10 10.99 -23.18
N SER C 206 34.86 9.73 -23.59
CA SER C 206 33.67 8.95 -23.19
C SER C 206 33.75 8.61 -21.70
N ASP C 207 32.62 8.20 -21.13
CA ASP C 207 32.49 7.97 -19.67
C ASP C 207 33.32 6.76 -19.24
N HIS C 208 33.46 5.72 -20.06
CA HIS C 208 34.31 4.55 -19.72
C HIS C 208 35.77 4.99 -19.62
N TRP C 209 36.22 5.87 -20.51
CA TRP C 209 37.57 6.47 -20.45
C TRP C 209 37.68 7.37 -19.22
N GLU C 210 36.66 8.19 -18.97
CA GLU C 210 36.65 9.09 -17.78
C GLU C 210 36.74 8.26 -16.51
N ASP C 211 35.85 7.29 -16.33
CA ASP C 211 35.82 6.43 -15.11
C ASP C 211 37.14 5.69 -14.96
N ALA C 212 37.74 5.21 -16.06
CA ALA C 212 39.04 4.49 -16.04
C ALA C 212 40.11 5.41 -15.44
N LEU C 213 40.18 6.67 -15.87
CA LEU C 213 41.19 7.66 -15.43
C LEU C 213 40.84 8.16 -14.01
N MET C 214 39.60 8.61 -13.80
CA MET C 214 39.17 9.30 -12.56
C MET C 214 39.18 8.32 -11.38
N SER C 215 38.98 7.02 -11.62
CA SER C 215 38.78 6.01 -10.53
C SER C 215 39.78 4.84 -10.62
N ARG C 216 40.72 4.86 -11.58
CA ARG C 216 41.81 3.86 -11.75
C ARG C 216 41.24 2.44 -11.73
N ILE C 217 40.28 2.17 -12.63
CA ILE C 217 39.51 0.89 -12.69
C ILE C 217 39.43 0.37 -14.13
N LEU C 218 39.09 -0.90 -14.23
CA LEU C 218 38.67 -1.58 -15.48
C LEU C 218 37.33 -1.02 -15.94
N THR C 219 37.18 -0.66 -17.20
CA THR C 219 35.87 -0.20 -17.75
C THR C 219 35.61 -0.82 -19.13
N VAL C 220 34.33 -1.00 -19.45
CA VAL C 220 33.85 -1.52 -20.76
C VAL C 220 32.99 -0.43 -21.40
N GLY C 221 33.39 -0.01 -22.61
CA GLY C 221 32.70 1.03 -23.39
C GLY C 221 31.64 0.43 -24.29
N CYS C 222 30.38 0.59 -23.89
CA CYS C 222 29.19 0.12 -24.66
C CYS C 222 28.49 1.29 -25.33
N ARG C 223 27.60 0.99 -26.27
CA ARG C 223 26.91 1.98 -27.13
C ARG C 223 25.41 1.69 -27.14
N ARG C 224 24.61 2.73 -27.43
CA ARG C 224 23.15 2.61 -27.62
C ARG C 224 22.65 3.77 -28.49
N CYS C 225 21.43 3.64 -29.00
CA CYS C 225 20.74 4.70 -29.76
C CYS C 225 19.32 4.84 -29.22
N GLY C 226 18.88 6.08 -29.04
CA GLY C 226 17.53 6.39 -28.53
C GLY C 226 17.42 6.12 -27.05
N GLY C 227 16.54 6.86 -26.40
CA GLY C 227 16.20 6.70 -24.97
C GLY C 227 14.75 7.09 -24.78
N GLY C 228 13.89 6.12 -24.57
CA GLY C 228 12.43 6.31 -24.54
C GLY C 228 11.98 7.02 -23.27
N MET C 229 10.68 7.19 -23.11
CA MET C 229 10.08 7.87 -21.95
C MET C 229 10.33 7.04 -20.69
N LEU C 230 10.09 5.73 -20.74
CA LEU C 230 10.27 4.81 -19.58
C LEU C 230 11.77 4.58 -19.35
N GLY C 231 12.57 4.70 -20.41
CA GLY C 231 14.04 4.64 -20.31
C GLY C 231 14.65 3.55 -21.19
N ASP C 232 13.84 2.85 -21.99
CA ASP C 232 14.32 1.76 -22.86
C ASP C 232 15.16 2.38 -23.99
N THR C 233 15.95 1.55 -24.66
CA THR C 233 16.84 2.00 -25.76
C THR C 233 16.49 1.20 -27.02
N PHE C 234 16.66 1.81 -28.19
CA PHE C 234 16.27 1.19 -29.49
C PHE C 234 17.20 0.01 -29.80
N ILE C 235 18.52 0.26 -29.85
CA ILE C 235 19.58 -0.79 -29.96
C ILE C 235 20.66 -0.53 -28.92
N THR C 236 21.33 -1.60 -28.46
CA THR C 236 22.53 -1.49 -27.58
C THR C 236 23.36 -2.78 -27.62
N ASN C 237 24.64 -2.69 -27.26
CA ASN C 237 25.53 -3.87 -27.09
C ASN C 237 25.85 -4.09 -25.59
N VAL C 238 25.05 -3.54 -24.69
CA VAL C 238 25.30 -3.60 -23.21
C VAL C 238 25.18 -5.04 -22.71
N LYS C 239 24.34 -5.88 -23.30
CA LYS C 239 24.23 -7.32 -22.93
C LYS C 239 25.61 -7.97 -23.15
N ARG C 240 26.23 -7.73 -24.31
CA ARG C 240 27.60 -8.22 -24.65
C ARG C 240 28.62 -7.61 -23.68
N GLY C 241 28.48 -6.34 -23.30
CA GLY C 241 29.36 -5.68 -22.32
C GLY C 241 29.35 -6.39 -20.98
N ALA C 242 28.16 -6.77 -20.50
CA ALA C 242 27.96 -7.48 -19.23
C ALA C 242 28.57 -8.89 -19.32
N GLU C 243 28.43 -9.56 -20.47
CA GLU C 243 29.06 -10.88 -20.75
C GLU C 243 30.58 -10.75 -20.69
N ILE C 244 31.15 -9.70 -21.28
CA ILE C 244 32.61 -9.38 -21.24
C ILE C 244 33.02 -9.15 -19.78
N ALA C 245 32.28 -8.32 -19.04
CA ALA C 245 32.58 -7.96 -17.63
C ALA C 245 32.66 -9.22 -16.75
N ASN C 246 31.86 -10.24 -17.03
CA ASN C 246 31.89 -11.53 -16.29
C ASN C 246 33.27 -12.19 -16.43
N LYS C 247 33.85 -12.18 -17.62
CA LYS C 247 35.09 -12.94 -17.97
C LYS C 247 36.33 -12.22 -17.46
N LEU C 248 36.28 -10.90 -17.29
CA LEU C 248 37.47 -10.07 -16.95
C LEU C 248 37.75 -10.12 -15.44
N ASP C 249 38.95 -9.68 -15.04
CA ASP C 249 39.45 -9.72 -13.65
C ASP C 249 38.83 -8.55 -12.86
N SER C 250 37.71 -8.81 -12.21
CA SER C 250 36.94 -7.87 -11.34
C SER C 250 35.99 -8.69 -10.46
N ASP C 251 35.45 -8.13 -9.38
CA ASP C 251 34.54 -8.88 -8.48
C ASP C 251 33.33 -8.03 -8.06
N PHE C 252 33.11 -6.88 -8.72
CA PHE C 252 31.87 -6.06 -8.61
C PHE C 252 31.64 -5.35 -9.94
N VAL C 253 30.38 -5.25 -10.39
CA VAL C 253 30.06 -4.59 -11.69
C VAL C 253 29.11 -3.41 -11.48
N ILE C 254 29.47 -2.25 -12.01
CA ILE C 254 28.58 -1.07 -12.14
C ILE C 254 28.10 -1.00 -13.58
N MET C 255 26.78 -1.03 -13.78
CA MET C 255 26.14 -0.74 -15.08
C MET C 255 25.71 0.74 -15.07
N GLU C 256 26.42 1.60 -15.81
CA GLU C 256 26.14 3.05 -15.85
C GLU C 256 25.32 3.39 -17.10
N GLY C 257 24.23 4.13 -16.90
CA GLY C 257 23.33 4.59 -17.97
C GLY C 257 23.88 5.78 -18.71
N SER C 258 23.06 6.31 -19.62
CA SER C 258 23.31 7.58 -20.35
C SER C 258 21.97 8.29 -20.54
N GLY C 259 21.96 9.62 -20.52
CA GLY C 259 20.74 10.42 -20.54
C GLY C 259 19.75 9.89 -19.52
N ALA C 260 18.47 9.77 -19.89
CA ALA C 260 17.43 9.19 -19.03
C ALA C 260 17.31 7.69 -19.31
N ALA C 261 18.19 7.11 -20.13
CA ALA C 261 18.11 5.69 -20.58
C ALA C 261 18.72 4.76 -19.52
N ILE C 262 18.16 3.54 -19.44
CA ILE C 262 18.39 2.53 -18.37
C ILE C 262 19.05 1.30 -19.00
N PRO C 263 20.27 0.89 -18.58
CA PRO C 263 20.89 -0.33 -19.09
C PRO C 263 19.98 -1.55 -18.94
N PRO C 264 19.72 -2.31 -20.03
CA PRO C 264 18.76 -3.41 -20.01
C PRO C 264 19.34 -4.72 -19.43
N VAL C 265 20.10 -4.61 -18.34
CA VAL C 265 20.77 -5.75 -17.68
C VAL C 265 20.34 -5.72 -16.21
N LYS C 266 19.95 -6.88 -15.67
CA LYS C 266 19.50 -7.01 -14.26
C LYS C 266 20.71 -6.76 -13.36
N THR C 267 20.51 -5.96 -12.31
CA THR C 267 21.51 -5.66 -11.26
C THR C 267 20.87 -5.93 -9.90
N ASN C 268 21.69 -6.18 -8.89
CA ASN C 268 21.21 -6.49 -7.52
C ASN C 268 20.55 -5.23 -6.94
N ARG C 269 21.16 -4.05 -7.13
CA ARG C 269 20.68 -2.78 -6.53
C ARG C 269 20.78 -1.63 -7.54
N GLN C 270 20.07 -0.53 -7.28
CA GLN C 270 20.07 0.66 -8.17
C GLN C 270 20.33 1.95 -7.37
N ILE C 271 21.21 2.78 -7.93
CA ILE C 271 21.43 4.20 -7.53
C ILE C 271 20.82 5.07 -8.61
N VAL C 272 19.94 5.99 -8.24
CA VAL C 272 19.25 6.91 -9.19
C VAL C 272 19.74 8.34 -8.90
N THR C 273 20.18 9.03 -9.94
CA THR C 273 20.65 10.43 -9.86
C THR C 273 19.52 11.34 -10.31
N VAL C 274 19.21 12.36 -9.53
CA VAL C 274 18.14 13.35 -9.87
C VAL C 274 18.71 14.77 -9.71
N GLY C 275 18.85 15.49 -10.82
CA GLY C 275 19.24 16.92 -10.81
C GLY C 275 18.09 17.79 -10.33
N ALA C 276 18.30 18.56 -9.26
CA ALA C 276 17.27 19.46 -8.70
C ALA C 276 17.05 20.65 -9.66
N ASN C 277 17.96 20.84 -10.61
CA ASN C 277 17.89 21.89 -11.67
C ASN C 277 16.79 21.58 -12.70
N GLN C 278 16.30 20.33 -12.79
CA GLN C 278 15.32 19.88 -13.80
C GLN C 278 13.91 20.29 -13.38
N PRO C 279 12.97 20.49 -14.35
CA PRO C 279 11.60 20.87 -14.00
C PRO C 279 10.92 19.83 -13.10
N MET C 280 10.15 20.27 -12.10
CA MET C 280 9.46 19.35 -11.14
C MET C 280 8.64 18.30 -11.91
N ILE C 281 7.99 18.67 -13.02
CA ILE C 281 7.09 17.74 -13.77
C ILE C 281 7.90 16.54 -14.26
N ASN C 282 9.19 16.72 -14.60
CA ASN C 282 10.08 15.62 -15.08
C ASN C 282 10.46 14.69 -13.91
N ILE C 283 10.36 15.17 -12.67
CA ILE C 283 10.68 14.44 -11.41
C ILE C 283 9.41 13.79 -10.85
N ASN C 284 8.30 14.53 -10.76
CA ASN C 284 7.07 14.10 -10.04
C ASN C 284 5.96 13.67 -11.00
N ASN C 285 6.18 13.73 -12.32
CA ASN C 285 5.19 13.27 -13.32
C ASN C 285 5.89 12.48 -14.42
N PHE C 286 5.12 12.00 -15.40
CA PHE C 286 5.61 11.10 -16.48
C PHE C 286 6.30 9.89 -15.83
N PHE C 287 7.51 9.54 -16.24
CA PHE C 287 8.22 8.34 -15.70
C PHE C 287 9.42 8.77 -14.83
N GLY C 288 9.41 10.00 -14.32
CA GLY C 288 10.30 10.39 -13.21
C GLY C 288 10.04 9.51 -11.98
N PRO C 289 8.79 9.46 -11.49
CA PRO C 289 8.43 8.61 -10.35
C PRO C 289 8.76 7.13 -10.57
N PHE C 290 8.65 6.63 -11.79
CA PHE C 290 9.04 5.25 -12.15
C PHE C 290 10.54 5.06 -11.88
N ARG C 291 11.38 5.97 -12.37
CA ARG C 291 12.86 5.88 -12.20
C ARG C 291 13.23 5.97 -10.72
N ILE C 292 12.66 6.94 -10.01
CA ILE C 292 12.90 7.13 -8.56
C ILE C 292 12.45 5.87 -7.81
N GLY C 293 11.38 5.22 -8.26
CA GLY C 293 10.85 3.99 -7.64
C GLY C 293 11.79 2.79 -7.79
N LEU C 294 12.76 2.84 -8.71
CA LEU C 294 13.75 1.74 -8.92
C LEU C 294 14.86 1.84 -7.86
N ALA C 295 15.02 2.99 -7.20
CA ALA C 295 16.19 3.35 -6.39
C ALA C 295 16.21 2.61 -5.04
N ASP C 296 17.39 2.11 -4.65
CA ASP C 296 17.75 1.78 -3.24
C ASP C 296 18.35 3.04 -2.60
N LEU C 297 19.11 3.81 -3.36
CA LEU C 297 19.70 5.10 -2.95
C LEU C 297 19.46 6.14 -4.05
N VAL C 298 18.93 7.30 -3.69
CA VAL C 298 18.76 8.46 -4.62
C VAL C 298 19.80 9.51 -4.25
N ILE C 299 20.68 9.84 -5.19
CA ILE C 299 21.54 11.06 -5.09
C ILE C 299 20.79 12.21 -5.78
N ILE C 300 20.30 13.18 -5.01
CA ILE C 300 19.83 14.47 -5.56
C ILE C 300 21.07 15.34 -5.78
N THR C 301 21.21 15.91 -6.98
CA THR C 301 22.38 16.73 -7.38
C THR C 301 21.95 18.16 -7.69
N MET C 302 22.93 19.07 -7.81
CA MET C 302 22.75 20.52 -8.10
C MET C 302 21.91 21.18 -6.99
N CYS C 303 22.10 20.76 -5.74
CA CYS C 303 21.33 21.26 -4.56
C CYS C 303 21.96 22.55 -4.02
N GLU C 304 21.98 23.61 -4.84
CA GLU C 304 22.47 24.95 -4.46
C GLU C 304 21.99 26.00 -5.46
N GLU C 305 21.92 27.25 -5.02
CA GLU C 305 21.83 28.43 -5.92
C GLU C 305 23.11 28.47 -6.75
N PRO C 306 23.08 28.88 -8.04
CA PRO C 306 21.86 29.32 -8.72
C PRO C 306 20.99 28.19 -9.32
N MET C 307 21.41 26.93 -9.19
CA MET C 307 20.82 25.76 -9.93
C MET C 307 19.44 25.41 -9.38
N ALA C 308 19.23 25.47 -8.05
CA ALA C 308 17.92 25.19 -7.41
C ALA C 308 17.77 25.98 -6.10
N THR C 309 16.54 26.38 -5.76
CA THR C 309 16.23 27.12 -4.51
C THR C 309 16.07 26.11 -3.37
N THR C 310 16.17 26.56 -2.12
CA THR C 310 15.95 25.71 -0.91
C THR C 310 14.55 25.07 -0.99
N GLU C 311 13.54 25.82 -1.42
CA GLU C 311 12.13 25.35 -1.46
C GLU C 311 12.03 24.21 -2.48
N LYS C 312 12.69 24.37 -3.64
CA LYS C 312 12.73 23.34 -4.71
C LYS C 312 13.38 22.06 -4.18
N ILE C 313 14.56 22.20 -3.56
CA ILE C 313 15.34 21.07 -2.99
C ILE C 313 14.46 20.32 -1.97
N LYS C 314 13.74 21.03 -1.10
CA LYS C 314 12.84 20.42 -0.08
C LYS C 314 11.67 19.71 -0.76
N LYS C 315 11.15 20.25 -1.86
CA LYS C 315 9.99 19.67 -2.60
C LYS C 315 10.43 18.35 -3.24
N VAL C 316 11.61 18.34 -3.85
CA VAL C 316 12.23 17.13 -4.45
C VAL C 316 12.44 16.07 -3.36
N GLU C 317 13.13 16.43 -2.26
CA GLU C 317 13.39 15.53 -1.11
C GLU C 317 12.07 14.92 -0.62
N LYS C 318 11.06 15.76 -0.40
CA LYS C 318 9.76 15.34 0.19
C LYS C 318 9.07 14.37 -0.75
N PHE C 319 9.06 14.66 -2.04
CA PHE C 319 8.38 13.83 -3.07
C PHE C 319 9.05 12.45 -3.12
N ILE C 320 10.39 12.41 -3.19
CA ILE C 320 11.16 11.13 -3.29
C ILE C 320 10.81 10.25 -2.09
N LYS C 321 10.77 10.82 -0.89
CA LYS C 321 10.43 10.07 0.35
C LYS C 321 8.97 9.59 0.35
N GLU C 322 8.07 10.36 -0.26
CA GLU C 322 6.63 9.97 -0.36
C GLU C 322 6.53 8.72 -1.25
N ILE C 323 7.15 8.72 -2.43
CA ILE C 323 6.92 7.66 -3.47
C ILE C 323 7.88 6.48 -3.25
N ASN C 324 8.98 6.69 -2.56
CA ASN C 324 9.98 5.62 -2.27
C ASN C 324 10.44 5.79 -0.82
N PRO C 325 9.58 5.46 0.18
CA PRO C 325 9.87 5.76 1.57
C PRO C 325 11.05 4.96 2.16
N SER C 326 11.36 3.80 1.59
CA SER C 326 12.48 2.94 2.08
C SER C 326 13.81 3.31 1.38
N ALA C 327 13.83 4.25 0.44
CA ALA C 327 15.10 4.67 -0.22
C ALA C 327 15.87 5.60 0.71
N ASN C 328 17.19 5.48 0.70
CA ASN C 328 18.11 6.47 1.31
C ASN C 328 18.23 7.61 0.29
N VAL C 329 18.24 8.86 0.77
CA VAL C 329 18.22 10.07 -0.11
C VAL C 329 19.33 11.01 0.36
N ILE C 330 20.24 11.39 -0.54
CA ILE C 330 21.42 12.24 -0.22
C ILE C 330 21.41 13.43 -1.16
N PRO C 331 21.12 14.67 -0.67
CA PRO C 331 21.27 15.87 -1.48
C PRO C 331 22.73 16.36 -1.53
N THR C 332 23.19 16.73 -2.74
CA THR C 332 24.62 16.99 -3.03
C THR C 332 24.81 18.18 -3.97
N VAL C 333 26.05 18.66 -3.99
CA VAL C 333 26.59 19.64 -4.97
C VAL C 333 27.89 19.07 -5.50
N PHE C 334 28.33 19.53 -6.67
CA PHE C 334 29.58 19.05 -7.31
C PHE C 334 30.68 20.08 -7.10
N ARG C 335 31.88 19.60 -6.78
CA ARG C 335 33.09 20.44 -6.62
C ARG C 335 34.27 19.78 -7.34
N PRO C 336 35.20 20.58 -7.91
CA PRO C 336 36.32 20.02 -8.67
C PRO C 336 37.33 19.25 -7.84
N LYS C 337 37.91 18.21 -8.43
CA LYS C 337 39.10 17.51 -7.88
C LYS C 337 40.06 17.18 -9.01
N PRO C 338 41.17 17.92 -9.15
CA PRO C 338 42.23 17.58 -10.09
C PRO C 338 42.78 16.16 -9.85
N VAL C 339 43.02 15.42 -10.93
CA VAL C 339 43.72 14.10 -10.89
C VAL C 339 45.21 14.41 -11.12
N GLY C 340 45.79 15.09 -10.14
CA GLY C 340 47.16 15.64 -10.18
C GLY C 340 47.30 16.82 -9.23
N ASN C 341 48.44 17.50 -9.26
CA ASN C 341 48.77 18.59 -8.31
C ASN C 341 48.67 19.92 -9.06
N VAL C 342 47.93 20.89 -8.50
CA VAL C 342 47.77 22.26 -9.07
C VAL C 342 48.15 23.34 -8.04
N GLU C 343 48.83 22.97 -6.95
CA GLU C 343 49.14 23.92 -5.84
C GLU C 343 50.07 25.03 -6.36
N GLY C 344 49.63 26.29 -6.21
CA GLY C 344 50.39 27.50 -6.58
C GLY C 344 50.56 27.68 -8.08
N LYS C 345 49.85 26.90 -8.90
CA LYS C 345 49.98 26.98 -10.38
C LYS C 345 49.00 28.02 -10.94
N LYS C 346 49.39 28.66 -12.04
CA LYS C 346 48.50 29.45 -12.92
C LYS C 346 47.70 28.48 -13.79
N VAL C 347 46.38 28.46 -13.63
CA VAL C 347 45.48 27.41 -14.19
C VAL C 347 44.54 28.03 -15.22
N LEU C 348 44.49 27.43 -16.42
CA LEU C 348 43.38 27.61 -17.40
C LEU C 348 42.39 26.47 -17.20
N PHE C 349 41.17 26.79 -16.73
CA PHE C 349 40.13 25.80 -16.35
C PHE C 349 39.16 25.60 -17.51
N ALA C 350 38.94 24.34 -17.92
CA ALA C 350 38.03 23.96 -19.02
C ALA C 350 36.95 23.03 -18.50
N THR C 351 35.67 23.39 -18.69
CA THR C 351 34.53 22.63 -18.11
C THR C 351 33.33 22.67 -19.05
N THR C 352 32.37 21.76 -18.83
CA THR C 352 31.03 21.73 -19.46
C THR C 352 30.01 22.43 -18.57
N ALA C 353 30.40 22.90 -17.39
CA ALA C 353 29.50 23.48 -16.36
C ALA C 353 28.81 24.75 -16.88
N PRO C 354 27.59 25.08 -16.40
CA PRO C 354 26.97 26.37 -16.70
C PRO C 354 27.85 27.56 -16.31
N LYS C 355 27.80 28.65 -17.08
CA LYS C 355 28.57 29.90 -16.81
C LYS C 355 28.23 30.44 -15.42
N VAL C 356 26.99 30.28 -14.98
CA VAL C 356 26.48 30.84 -13.69
C VAL C 356 27.12 30.15 -12.47
N VAL C 357 27.75 28.97 -12.61
CA VAL C 357 28.41 28.26 -11.47
C VAL C 357 29.95 28.30 -11.58
N VAL C 358 30.51 28.74 -12.71
CA VAL C 358 32.00 28.78 -12.92
C VAL C 358 32.68 29.54 -11.78
N GLY C 359 32.12 30.67 -11.32
CA GLY C 359 32.71 31.48 -10.24
C GLY C 359 32.89 30.68 -8.97
N LYS C 360 31.89 29.89 -8.60
CA LYS C 360 31.88 29.02 -7.40
C LYS C 360 32.96 27.95 -7.54
N LEU C 361 33.10 27.35 -8.73
CA LEU C 361 34.10 26.28 -8.98
C LEU C 361 35.50 26.89 -8.90
N VAL C 362 35.70 28.08 -9.48
CA VAL C 362 37.00 28.82 -9.45
C VAL C 362 37.33 29.17 -7.99
N ASN C 363 36.36 29.75 -7.28
CA ASN C 363 36.49 30.15 -5.85
C ASN C 363 36.91 28.93 -5.02
N TYR C 364 36.32 27.76 -5.25
CA TYR C 364 36.66 26.49 -4.58
C TYR C 364 38.08 26.06 -4.97
N LEU C 365 38.41 26.02 -6.26
CA LEU C 365 39.75 25.58 -6.76
C LEU C 365 40.85 26.38 -6.07
N GLU C 366 40.72 27.71 -6.08
CA GLU C 366 41.74 28.65 -5.54
C GLU C 366 41.81 28.48 -4.02
N SER C 367 40.67 28.39 -3.33
CA SER C 367 40.59 28.33 -1.84
C SER C 367 41.15 27.01 -1.32
N LYS C 368 40.89 25.90 -2.02
CA LYS C 368 41.24 24.55 -1.51
C LYS C 368 42.67 24.20 -1.94
N TYR C 369 43.01 24.36 -3.22
CA TYR C 369 44.28 23.84 -3.78
C TYR C 369 45.31 24.96 -3.93
N GLY C 370 44.95 26.22 -3.64
CA GLY C 370 45.87 27.37 -3.65
C GLY C 370 46.39 27.72 -5.03
N CYS C 371 45.68 27.32 -6.10
CA CYS C 371 46.00 27.68 -7.51
C CYS C 371 45.50 29.10 -7.81
N ASP C 372 45.87 29.63 -8.98
CA ASP C 372 45.48 30.97 -9.48
C ASP C 372 44.84 30.77 -10.86
N VAL C 373 43.51 30.88 -10.97
CA VAL C 373 42.80 30.61 -12.26
C VAL C 373 42.89 31.87 -13.13
N VAL C 374 43.71 31.82 -14.19
CA VAL C 374 44.03 32.96 -15.10
C VAL C 374 42.86 33.21 -16.08
N GLY C 375 42.03 32.20 -16.31
CA GLY C 375 40.85 32.29 -17.19
C GLY C 375 40.14 30.94 -17.27
N VAL C 376 38.90 30.96 -17.79
CA VAL C 376 38.04 29.76 -17.88
C VAL C 376 37.47 29.63 -19.29
N THR C 377 37.31 28.40 -19.78
CA THR C 377 36.38 28.07 -20.89
C THR C 377 35.29 27.13 -20.37
N PRO C 378 34.02 27.60 -20.31
CA PRO C 378 32.87 26.72 -20.08
C PRO C 378 32.33 26.08 -21.37
N HIS C 379 33.13 26.06 -22.44
CA HIS C 379 32.67 25.72 -23.81
C HIS C 379 33.29 24.40 -24.32
N LEU C 380 33.58 23.42 -23.45
CA LEU C 380 34.10 22.10 -23.89
C LEU C 380 33.12 21.42 -24.85
N SER C 381 31.85 21.81 -24.84
CA SER C 381 30.75 21.25 -25.68
C SER C 381 30.64 21.96 -27.05
N ASN C 382 31.37 23.05 -27.27
CA ASN C 382 31.19 23.96 -28.44
C ASN C 382 32.55 24.25 -29.08
N ARG C 383 32.92 23.52 -30.13
CA ARG C 383 34.30 23.47 -30.69
C ARG C 383 34.75 24.86 -31.17
N PRO C 384 33.94 25.66 -31.92
CA PRO C 384 34.35 27.01 -32.29
C PRO C 384 34.66 27.95 -31.11
N LEU C 385 33.74 28.06 -30.14
CA LEU C 385 33.89 29.00 -28.99
C LEU C 385 35.04 28.51 -28.10
N LEU C 386 35.23 27.19 -28.00
CA LEU C 386 36.34 26.55 -27.25
C LEU C 386 37.69 27.06 -27.79
N ARG C 387 37.90 27.01 -29.12
CA ARG C 387 39.18 27.45 -29.72
C ARG C 387 39.42 28.94 -29.47
N ARG C 388 38.36 29.76 -29.54
CA ARG C 388 38.44 31.22 -29.24
C ARG C 388 38.93 31.43 -27.80
N ASP C 389 38.34 30.72 -26.82
CA ASP C 389 38.73 30.83 -25.39
C ASP C 389 40.17 30.32 -25.20
N LEU C 390 40.53 29.21 -25.85
CA LEU C 390 41.89 28.62 -25.74
C LEU C 390 42.92 29.64 -26.24
N LYS C 391 42.75 30.19 -27.45
CA LYS C 391 43.70 31.19 -28.04
C LYS C 391 43.86 32.38 -27.09
N LYS C 392 42.77 32.83 -26.45
CA LYS C 392 42.78 33.98 -25.51
C LYS C 392 43.66 33.69 -24.29
N TYR C 393 43.54 32.51 -23.68
CA TYR C 393 44.10 32.23 -22.32
C TYR C 393 45.33 31.32 -22.35
N ILE C 394 45.58 30.57 -23.44
CA ILE C 394 46.55 29.42 -23.48
C ILE C 394 47.94 29.86 -23.01
N ASN C 395 48.39 31.06 -23.36
CA ASN C 395 49.78 31.54 -23.09
C ASN C 395 49.95 31.88 -21.59
N LYS C 396 48.87 32.17 -20.87
CA LYS C 396 48.89 32.81 -19.52
C LYS C 396 49.03 31.79 -18.39
N ALA C 397 48.77 30.50 -18.67
CA ALA C 397 48.68 29.43 -17.65
C ALA C 397 49.95 28.56 -17.62
N ASP C 398 50.27 28.00 -16.45
CA ASP C 398 51.28 26.92 -16.26
C ASP C 398 50.70 25.61 -16.82
N LEU C 399 49.45 25.31 -16.48
CA LEU C 399 48.77 24.05 -16.87
C LEU C 399 47.30 24.31 -17.19
N MET C 400 46.73 23.41 -18.00
CA MET C 400 45.27 23.36 -18.30
C MET C 400 44.64 22.28 -17.41
N LEU C 401 43.64 22.69 -16.63
CA LEU C 401 42.80 21.78 -15.82
C LEU C 401 41.49 21.56 -16.57
N THR C 402 41.22 20.35 -17.05
CA THR C 402 40.06 20.08 -17.94
C THR C 402 39.26 18.87 -17.44
N GLU C 403 37.93 18.97 -17.50
CA GLU C 403 37.04 17.78 -17.45
C GLU C 403 37.43 16.86 -18.60
N LEU C 404 37.35 15.54 -18.39
CA LEU C 404 37.53 14.55 -19.49
C LEU C 404 36.15 14.27 -20.10
N LYS C 405 35.60 15.30 -20.76
CA LYS C 405 34.22 15.34 -21.31
C LYS C 405 34.24 16.12 -22.64
N ALA C 406 33.40 15.73 -23.60
CA ALA C 406 33.14 16.44 -24.88
C ALA C 406 34.46 16.63 -25.65
N ALA C 407 34.81 17.85 -26.07
CA ALA C 407 35.98 18.10 -26.96
C ALA C 407 37.29 18.30 -26.16
N ALA C 408 37.36 17.74 -24.94
CA ALA C 408 38.50 17.92 -24.00
C ALA C 408 39.78 17.28 -24.55
N VAL C 409 39.69 16.19 -25.32
CA VAL C 409 40.90 15.48 -25.83
C VAL C 409 41.25 16.05 -27.21
N ASP C 410 40.36 15.87 -28.20
CA ASP C 410 40.70 16.08 -29.63
C ASP C 410 40.91 17.58 -29.94
N VAL C 411 40.33 18.50 -29.16
CA VAL C 411 40.59 19.96 -29.32
C VAL C 411 41.48 20.43 -28.17
N ALA C 412 40.95 20.52 -26.95
CA ALA C 412 41.57 21.26 -25.82
C ALA C 412 42.93 20.64 -25.44
N THR C 413 43.00 19.32 -25.25
CA THR C 413 44.28 18.64 -24.88
C THR C 413 45.26 18.79 -26.04
N ARG C 414 44.81 18.62 -27.29
CA ARG C 414 45.67 18.71 -28.49
C ARG C 414 46.35 20.08 -28.55
N VAL C 415 45.57 21.16 -28.41
CA VAL C 415 46.08 22.57 -28.41
C VAL C 415 47.09 22.74 -27.26
N ALA C 416 46.74 22.27 -26.05
CA ALA C 416 47.53 22.46 -24.82
C ALA C 416 48.87 21.72 -24.90
N ILE C 417 48.88 20.49 -25.46
CA ILE C 417 50.11 19.66 -25.58
C ILE C 417 51.03 20.28 -26.63
N GLU C 418 50.48 20.73 -27.76
CA GLU C 418 51.26 21.36 -28.86
C GLU C 418 51.74 22.75 -28.44
N ALA C 419 51.04 23.42 -27.51
CA ALA C 419 51.45 24.71 -26.90
C ALA C 419 52.41 24.48 -25.72
N GLY C 420 52.66 23.22 -25.34
CA GLY C 420 53.67 22.84 -24.32
C GLY C 420 53.20 23.03 -22.88
N LEU C 421 51.88 23.05 -22.63
CA LEU C 421 51.31 23.09 -21.26
C LEU C 421 51.30 21.67 -20.67
N ASP C 422 51.34 21.57 -19.34
CA ASP C 422 50.90 20.35 -18.61
C ASP C 422 49.38 20.32 -18.64
N VAL C 423 48.79 19.12 -18.75
CA VAL C 423 47.31 18.94 -18.76
C VAL C 423 46.93 18.01 -17.61
N VAL C 424 46.11 18.52 -16.69
CA VAL C 424 45.56 17.76 -15.53
C VAL C 424 44.06 17.59 -15.74
N TYR C 425 43.56 16.36 -15.66
CA TYR C 425 42.12 16.06 -15.80
C TYR C 425 41.43 16.27 -14.46
N CYS C 426 40.18 16.76 -14.54
CA CYS C 426 39.40 17.23 -13.37
C CYS C 426 38.14 16.37 -13.21
N ASP C 427 38.02 15.72 -12.05
CA ASP C 427 36.79 15.00 -11.65
C ASP C 427 35.84 16.05 -11.06
N ASN C 428 34.57 15.69 -10.99
CA ASN C 428 33.52 16.44 -10.24
C ASN C 428 33.07 15.52 -9.11
N ILE C 429 33.20 15.98 -7.87
CA ILE C 429 33.01 15.15 -6.65
C ILE C 429 31.67 15.52 -6.04
N PRO C 430 30.78 14.54 -5.75
CA PRO C 430 29.55 14.81 -5.01
C PRO C 430 29.88 15.09 -3.54
N VAL C 431 29.56 16.31 -3.10
CA VAL C 431 29.73 16.80 -1.70
C VAL C 431 28.34 16.92 -1.09
N VAL C 432 28.12 16.31 0.07
CA VAL C 432 26.81 16.39 0.79
C VAL C 432 26.72 17.78 1.41
N ILE C 433 25.56 18.42 1.27
CA ILE C 433 25.32 19.85 1.65
C ILE C 433 25.13 19.97 3.17
N ASP C 434 24.72 18.89 3.85
CA ASP C 434 24.18 18.90 5.24
C ASP C 434 24.52 17.57 5.92
N GLU C 435 25.30 17.59 7.01
CA GLU C 435 25.75 16.36 7.74
C GLU C 435 24.56 15.60 8.35
N SER C 436 23.40 16.24 8.56
CA SER C 436 22.18 15.57 9.10
C SER C 436 21.66 14.54 8.11
N TYR C 437 21.99 14.67 6.81
CA TYR C 437 21.66 13.68 5.74
C TYR C 437 22.68 12.52 5.71
N GLY C 438 23.73 12.59 6.51
CA GLY C 438 24.73 11.52 6.65
C GLY C 438 25.83 11.67 5.61
N ASN C 439 26.63 10.63 5.47
CA ASN C 439 27.87 10.58 4.65
C ASN C 439 27.58 9.80 3.36
N ILE C 440 28.03 10.29 2.21
CA ILE C 440 27.73 9.66 0.88
C ILE C 440 28.48 8.33 0.74
N ASP C 441 29.71 8.19 1.25
CA ASP C 441 30.47 6.91 1.19
C ASP C 441 29.71 5.81 1.94
N ASP C 442 29.24 6.11 3.15
CA ASP C 442 28.43 5.19 4.00
C ASP C 442 27.16 4.77 3.24
N ALA C 443 26.52 5.71 2.54
CA ALA C 443 25.28 5.48 1.77
C ALA C 443 25.58 4.52 0.61
N ILE C 444 26.69 4.73 -0.08
CA ILE C 444 27.15 3.83 -1.19
C ILE C 444 27.50 2.45 -0.61
N ILE C 445 28.24 2.41 0.50
CA ILE C 445 28.68 1.14 1.14
C ILE C 445 27.44 0.31 1.50
N GLU C 446 26.42 0.94 2.06
CA GLU C 446 25.15 0.26 2.42
C GLU C 446 24.63 -0.49 1.19
N VAL C 447 24.56 0.19 0.03
CA VAL C 447 23.96 -0.35 -1.23
C VAL C 447 24.88 -1.45 -1.75
N VAL C 448 26.19 -1.26 -1.66
CA VAL C 448 27.20 -2.25 -2.11
C VAL C 448 27.04 -3.53 -1.27
N GLU C 449 26.90 -3.39 0.05
CA GLU C 449 26.71 -4.54 0.98
C GLU C 449 25.40 -5.26 0.67
N MET C 450 24.34 -4.52 0.36
CA MET C 450 23.05 -5.12 -0.06
C MET C 450 23.23 -5.91 -1.35
N ALA C 451 24.00 -5.37 -2.31
CA ALA C 451 24.23 -6.02 -3.62
C ALA C 451 25.01 -7.33 -3.40
N ILE C 452 26.04 -7.30 -2.56
CA ILE C 452 26.86 -8.50 -2.21
C ILE C 452 25.95 -9.53 -1.51
N ASP C 453 25.20 -9.12 -0.49
CA ASP C 453 24.28 -10.00 0.27
C ASP C 453 23.28 -10.64 -0.69
N ASP C 454 22.65 -9.84 -1.57
CA ASP C 454 21.65 -10.32 -2.56
C ASP C 454 22.28 -11.38 -3.45
N PHE C 455 23.49 -11.11 -3.95
CA PHE C 455 24.20 -11.99 -4.91
C PHE C 455 24.52 -13.33 -4.23
N LYS C 456 25.00 -13.31 -2.98
CA LYS C 456 25.36 -14.51 -2.18
C LYS C 456 24.14 -15.39 -1.93
N ASN C 457 22.91 -14.84 -1.91
CA ASN C 457 21.69 -15.55 -1.46
C ASN C 457 20.69 -15.83 -2.60
N ASN C 458 20.72 -15.08 -3.69
CA ASN C 458 19.80 -15.27 -4.84
C ASN C 458 20.34 -16.38 -5.76
N ARG C 459 21.64 -16.66 -5.69
CA ARG C 459 22.31 -17.75 -6.45
C ARG C 459 21.74 -19.11 -6.02
N GLY D 1 0.77 -6.72 -46.00
CA GLY D 1 0.09 -5.65 -46.78
C GLY D 1 1.06 -4.86 -47.64
N GLU D 2 1.46 -3.68 -47.16
CA GLU D 2 2.31 -2.68 -47.88
C GLU D 2 3.33 -2.12 -46.89
N THR D 3 4.44 -1.56 -47.37
CA THR D 3 5.43 -0.86 -46.50
C THR D 3 4.82 0.43 -45.95
N LYS D 4 5.12 0.72 -44.68
CA LYS D 4 4.77 2.01 -44.02
C LYS D 4 5.96 2.96 -44.13
N LYS D 5 5.68 4.21 -44.50
CA LYS D 5 6.71 5.26 -44.73
C LYS D 5 7.08 5.90 -43.39
N MET D 6 8.35 5.75 -42.99
CA MET D 6 8.85 6.15 -41.65
C MET D 6 9.82 7.32 -41.81
N ILE D 7 9.68 8.35 -40.97
CA ILE D 7 10.69 9.43 -40.78
C ILE D 7 11.36 9.20 -39.43
N CYS D 8 12.70 9.28 -39.40
CA CYS D 8 13.50 9.08 -38.16
C CYS D 8 13.90 10.45 -37.60
N LEU D 9 13.66 10.67 -36.31
CA LEU D 9 14.18 11.86 -35.58
C LEU D 9 15.44 11.42 -34.83
N VAL D 10 16.56 12.10 -35.08
CA VAL D 10 17.92 11.77 -34.55
C VAL D 10 18.55 13.04 -34.00
N ASP D 11 19.68 12.93 -33.29
CA ASP D 11 20.34 14.11 -32.67
C ASP D 11 21.86 14.00 -32.77
N GLY D 12 22.54 15.12 -32.49
CA GLY D 12 24.01 15.23 -32.48
C GLY D 12 24.59 14.95 -31.09
N GLU D 13 23.79 14.35 -30.21
CA GLU D 13 24.26 13.84 -28.90
C GLU D 13 24.60 12.35 -29.05
N HIS D 14 24.31 11.75 -30.21
CA HIS D 14 24.81 10.41 -30.59
C HIS D 14 25.96 10.55 -31.58
N TYR D 15 26.98 9.69 -31.51
CA TYR D 15 28.02 9.55 -32.56
C TYR D 15 27.37 8.89 -33.78
N PHE D 16 27.66 9.40 -34.98
CA PHE D 16 26.85 9.14 -36.20
C PHE D 16 26.72 7.64 -36.48
N PRO D 17 27.78 6.80 -36.41
CA PRO D 17 27.66 5.38 -36.75
C PRO D 17 26.56 4.58 -36.04
N VAL D 18 26.23 4.89 -34.78
CA VAL D 18 25.16 4.17 -34.04
C VAL D 18 23.78 4.61 -34.59
N VAL D 19 23.66 5.86 -35.04
CA VAL D 19 22.44 6.41 -35.70
C VAL D 19 22.30 5.76 -37.08
N LYS D 20 23.39 5.71 -37.86
CA LYS D 20 23.43 5.06 -39.19
C LYS D 20 22.97 3.60 -39.04
N ASP D 21 23.53 2.88 -38.06
CA ASP D 21 23.18 1.46 -37.79
C ASP D 21 21.68 1.37 -37.46
N SER D 22 21.15 2.28 -36.65
CA SER D 22 19.73 2.28 -36.24
C SER D 22 18.83 2.48 -37.45
N ILE D 23 19.17 3.46 -38.30
CA ILE D 23 18.35 3.78 -39.51
C ILE D 23 18.39 2.59 -40.47
N GLU D 24 19.56 1.98 -40.68
CA GLU D 24 19.73 0.80 -41.56
C GLU D 24 18.92 -0.38 -41.00
N ILE D 25 18.85 -0.54 -39.67
CA ILE D 25 18.09 -1.64 -39.02
C ILE D 25 16.59 -1.41 -39.24
N LEU D 26 16.12 -0.17 -39.08
CA LEU D 26 14.68 0.19 -39.28
C LEU D 26 14.31 0.01 -40.76
N ASP D 27 15.15 0.49 -41.67
CA ASP D 27 14.88 0.45 -43.13
C ASP D 27 14.88 -0.99 -43.62
N ASP D 28 15.73 -1.84 -43.06
CA ASP D 28 15.91 -3.26 -43.50
C ASP D 28 14.79 -4.15 -42.93
N LEU D 29 13.89 -3.60 -42.10
CA LEU D 29 12.67 -4.32 -41.66
C LEU D 29 11.74 -4.55 -42.85
N GLU D 30 11.02 -5.67 -42.83
CA GLU D 30 9.88 -5.93 -43.72
C GLU D 30 8.74 -4.99 -43.31
N HIS D 31 7.98 -4.47 -44.29
CA HIS D 31 6.79 -3.60 -44.11
C HIS D 31 7.18 -2.21 -43.53
N ILE D 32 8.47 -1.82 -43.53
CA ILE D 32 8.87 -0.42 -43.21
C ILE D 32 9.87 0.07 -44.27
N ASP D 33 9.72 1.30 -44.73
CA ASP D 33 10.73 2.04 -45.53
C ASP D 33 11.03 3.37 -44.84
N VAL D 34 12.29 3.61 -44.48
CA VAL D 34 12.71 4.95 -43.98
C VAL D 34 12.81 5.87 -45.20
N VAL D 35 12.04 6.96 -45.21
CA VAL D 35 11.91 7.88 -46.38
C VAL D 35 12.64 9.20 -46.11
N ALA D 36 12.84 9.61 -44.86
CA ALA D 36 13.62 10.82 -44.52
C ALA D 36 14.12 10.77 -43.08
N VAL D 37 15.09 11.61 -42.76
CA VAL D 37 15.70 11.71 -41.40
C VAL D 37 15.76 13.18 -41.01
N VAL D 38 15.33 13.52 -39.80
CA VAL D 38 15.41 14.92 -39.29
C VAL D 38 16.35 14.93 -38.07
N PHE D 39 17.41 15.72 -38.13
CA PHE D 39 18.28 16.04 -36.97
C PHE D 39 17.59 17.11 -36.12
N ILE D 40 17.11 16.76 -34.92
CA ILE D 40 16.23 17.64 -34.09
C ILE D 40 17.05 18.44 -33.07
N GLY D 41 18.38 18.32 -33.06
CA GLY D 41 19.25 19.21 -32.25
C GLY D 41 20.50 18.50 -31.75
N GLY D 42 21.31 19.22 -30.96
CA GLY D 42 22.59 18.76 -30.39
C GLY D 42 23.73 18.89 -31.38
N THR D 43 24.96 19.06 -30.89
CA THR D 43 26.16 19.35 -31.72
C THR D 43 27.41 18.59 -31.25
N GLU D 44 27.52 18.22 -29.97
CA GLU D 44 28.79 17.75 -29.34
C GLU D 44 29.45 16.63 -30.15
N LYS D 45 28.66 15.66 -30.63
CA LYS D 45 29.17 14.43 -31.29
C LYS D 45 29.05 14.56 -32.81
N LEU D 46 28.65 15.72 -33.31
CA LEU D 46 28.46 16.03 -34.75
C LEU D 46 29.82 16.55 -35.28
N GLN D 47 30.80 15.66 -35.35
CA GLN D 47 32.25 15.98 -35.40
C GLN D 47 32.64 16.67 -36.72
N ILE D 48 31.93 16.41 -37.83
CA ILE D 48 32.35 16.81 -39.20
C ILE D 48 31.34 17.81 -39.81
N GLU D 49 31.84 18.71 -40.66
CA GLU D 49 31.18 19.97 -41.08
C GLU D 49 29.95 19.75 -41.99
N ASP D 50 30.06 18.96 -43.07
CA ASP D 50 29.16 19.06 -44.25
C ASP D 50 27.79 18.44 -43.94
N PRO D 51 26.69 19.24 -43.93
CA PRO D 51 25.36 18.69 -43.65
C PRO D 51 24.94 17.54 -44.60
N LYS D 52 25.40 17.57 -45.86
CA LYS D 52 24.96 16.57 -46.88
C LYS D 52 25.96 15.40 -46.94
N GLU D 53 27.03 15.38 -46.15
CA GLU D 53 27.84 14.14 -45.93
C GLU D 53 26.92 13.09 -45.27
N TYR D 54 26.13 13.53 -44.28
CA TYR D 54 25.20 12.67 -43.50
C TYR D 54 24.19 12.03 -44.44
N SER D 55 23.64 12.79 -45.39
CA SER D 55 22.68 12.29 -46.42
C SER D 55 23.36 11.28 -47.36
N GLU D 56 24.58 11.57 -47.80
CA GLU D 56 25.39 10.71 -48.71
C GLU D 56 25.63 9.35 -48.02
N LYS D 57 26.01 9.37 -46.73
CA LYS D 57 26.39 8.15 -45.95
C LYS D 57 25.15 7.30 -45.61
N LEU D 58 23.98 7.93 -45.43
CA LEU D 58 22.71 7.23 -45.09
C LEU D 58 22.02 6.69 -46.36
N GLY D 59 22.21 7.33 -47.51
CA GLY D 59 21.42 7.07 -48.73
C GLY D 59 19.98 7.51 -48.54
N LYS D 60 19.75 8.51 -47.68
CA LYS D 60 18.42 9.07 -47.32
C LYS D 60 18.51 10.59 -47.30
N PRO D 61 17.41 11.32 -47.62
CA PRO D 61 17.41 12.77 -47.46
C PRO D 61 17.44 13.10 -45.96
N VAL D 62 18.17 14.17 -45.60
CA VAL D 62 18.40 14.58 -44.19
C VAL D 62 18.07 16.07 -44.03
N PHE D 63 17.38 16.43 -42.96
CA PHE D 63 16.86 17.79 -42.69
C PHE D 63 17.35 18.24 -41.31
N PHE D 64 17.61 19.55 -41.18
CA PHE D 64 18.14 20.23 -39.96
C PHE D 64 17.25 21.43 -39.63
N GLY D 65 17.27 21.89 -38.38
CA GLY D 65 16.63 23.14 -37.96
C GLY D 65 17.48 24.35 -38.29
N PRO D 66 16.91 25.58 -38.18
CA PRO D 66 17.71 26.81 -38.27
C PRO D 66 18.64 27.00 -37.07
N ASP D 67 18.23 26.50 -35.89
CA ASP D 67 18.91 26.67 -34.59
C ASP D 67 19.15 25.28 -33.99
N PRO D 68 20.41 24.81 -33.79
CA PRO D 68 20.63 23.49 -33.20
C PRO D 68 20.26 23.38 -31.71
N LYS D 69 19.90 24.47 -31.04
CA LYS D 69 19.47 24.49 -29.63
C LYS D 69 17.93 24.40 -29.50
N LYS D 70 17.20 24.36 -30.61
CA LYS D 70 15.71 24.35 -30.60
C LYS D 70 15.20 23.17 -31.44
N ILE D 71 14.10 22.54 -31.00
CA ILE D 71 13.40 21.46 -31.76
C ILE D 71 12.82 22.09 -33.02
N PRO D 72 13.14 21.58 -34.23
CA PRO D 72 12.67 22.20 -35.47
C PRO D 72 11.24 21.73 -35.81
N TYR D 73 10.28 22.11 -34.97
CA TYR D 73 8.85 21.70 -35.05
C TYR D 73 8.32 21.89 -36.46
N ASP D 74 8.57 23.06 -37.05
CA ASP D 74 8.06 23.46 -38.39
C ASP D 74 8.64 22.52 -39.46
N VAL D 75 9.92 22.17 -39.35
CA VAL D 75 10.62 21.26 -40.30
C VAL D 75 10.02 19.86 -40.18
N ILE D 76 9.76 19.40 -38.94
CA ILE D 76 9.17 18.06 -38.68
C ILE D 76 7.79 18.00 -39.36
N LYS D 77 6.95 19.00 -39.12
CA LYS D 77 5.57 19.13 -39.71
C LYS D 77 5.66 19.09 -41.23
N LYS D 78 6.52 19.93 -41.81
CA LYS D 78 6.71 20.08 -43.28
C LYS D 78 7.20 18.75 -43.89
N CYS D 79 8.10 18.04 -43.20
CA CYS D 79 8.69 16.75 -43.66
C CYS D 79 7.63 15.63 -43.60
N VAL D 80 6.83 15.56 -42.53
CA VAL D 80 5.75 14.54 -42.41
C VAL D 80 4.76 14.71 -43.58
N LYS D 81 4.40 15.96 -43.90
CA LYS D 81 3.51 16.29 -45.04
C LYS D 81 4.20 15.92 -46.35
N LYS D 82 5.40 16.44 -46.59
CA LYS D 82 6.14 16.28 -47.87
C LYS D 82 6.28 14.79 -48.24
N TYR D 83 6.60 13.92 -47.28
CA TYR D 83 6.86 12.47 -47.52
C TYR D 83 5.60 11.62 -47.23
N ASN D 84 4.55 12.28 -46.75
CA ASN D 84 3.22 11.68 -46.46
C ASN D 84 3.42 10.46 -45.56
N ALA D 85 4.13 10.66 -44.45
CA ALA D 85 4.66 9.59 -43.57
C ALA D 85 3.53 8.94 -42.77
N ASP D 86 3.63 7.62 -42.60
CA ASP D 86 2.75 6.79 -41.74
C ASP D 86 3.25 6.81 -40.29
N ILE D 87 4.57 6.86 -40.09
CA ILE D 87 5.24 6.72 -38.77
C ILE D 87 6.33 7.78 -38.64
N VAL D 88 6.45 8.37 -37.46
CA VAL D 88 7.68 9.12 -37.04
C VAL D 88 8.29 8.39 -35.85
N MET D 89 9.55 7.97 -36.01
CA MET D 89 10.31 7.17 -35.03
C MET D 89 11.33 8.08 -34.33
N ASP D 90 11.27 8.13 -33.00
CA ASP D 90 12.09 9.03 -32.14
C ASP D 90 13.30 8.24 -31.62
N LEU D 91 14.50 8.57 -32.13
CA LEU D 91 15.79 7.97 -31.71
C LEU D 91 16.60 9.03 -30.94
N SER D 92 15.92 9.85 -30.13
CA SER D 92 16.55 10.90 -29.28
C SER D 92 16.38 10.56 -27.79
N ASP D 93 16.83 11.46 -26.91
CA ASP D 93 16.86 11.31 -25.44
C ASP D 93 17.16 12.68 -24.84
N GLU D 94 17.03 12.81 -23.52
CA GLU D 94 17.62 13.93 -22.74
C GLU D 94 19.06 14.11 -23.22
N PRO D 95 19.59 15.34 -23.38
CA PRO D 95 18.90 16.59 -23.06
C PRO D 95 18.09 17.20 -24.21
N VAL D 96 18.18 16.61 -25.40
CA VAL D 96 17.57 17.17 -26.65
C VAL D 96 16.04 17.14 -26.55
N VAL D 97 15.46 16.07 -26.02
CA VAL D 97 14.01 15.99 -25.73
C VAL D 97 13.77 15.61 -24.27
N ASP D 98 12.85 16.31 -23.62
CA ASP D 98 12.21 15.86 -22.35
C ASP D 98 10.78 15.42 -22.70
N TYR D 99 10.00 15.05 -21.71
CA TYR D 99 8.60 14.57 -21.88
C TYR D 99 7.79 15.67 -22.57
N THR D 100 7.96 16.92 -22.15
CA THR D 100 7.19 18.08 -22.65
C THR D 100 7.43 18.23 -24.16
N LYS D 101 8.70 18.23 -24.56
CA LYS D 101 9.12 18.35 -25.97
C LYS D 101 8.56 17.16 -26.77
N ARG D 102 8.59 15.95 -26.20
CA ARG D 102 8.05 14.74 -26.89
C ARG D 102 6.55 14.90 -27.13
N PHE D 103 5.80 15.43 -26.17
CA PHE D 103 4.33 15.63 -26.33
C PHE D 103 4.09 16.76 -27.33
N ARG D 104 4.97 17.76 -27.43
CA ARG D 104 4.88 18.81 -28.48
C ARG D 104 5.12 18.19 -29.85
N ILE D 105 6.13 17.34 -30.00
CA ILE D 105 6.42 16.62 -31.27
C ILE D 105 5.25 15.69 -31.59
N ALA D 106 4.80 14.91 -30.61
CA ALA D 106 3.66 13.99 -30.74
C ALA D 106 2.44 14.74 -31.29
N SER D 107 2.12 15.89 -30.71
CA SER D 107 0.92 16.70 -31.04
C SER D 107 0.96 17.11 -32.51
N ILE D 108 2.14 17.42 -33.05
CA ILE D 108 2.34 17.80 -34.48
C ILE D 108 2.16 16.56 -35.36
N VAL D 109 2.89 15.49 -35.06
CA VAL D 109 2.93 14.24 -35.88
C VAL D 109 1.53 13.61 -35.92
N LEU D 110 0.84 13.52 -34.78
CA LEU D 110 -0.48 12.85 -34.70
C LEU D 110 -1.53 13.68 -35.44
N LYS D 111 -1.40 15.02 -35.47
CA LYS D 111 -2.35 15.91 -36.19
C LYS D 111 -2.23 15.67 -37.69
N GLU D 112 -1.04 15.36 -38.19
CA GLU D 112 -0.80 15.06 -39.63
C GLU D 112 -1.17 13.61 -39.93
N GLY D 113 -1.73 12.86 -38.97
CA GLY D 113 -2.24 11.49 -39.18
C GLY D 113 -1.16 10.43 -39.17
N ALA D 114 0.05 10.76 -38.69
CA ALA D 114 1.16 9.79 -38.54
C ALA D 114 1.21 9.24 -37.11
N VAL D 115 1.63 7.98 -36.97
CA VAL D 115 1.98 7.37 -35.66
C VAL D 115 3.23 8.07 -35.13
N TYR D 116 3.28 8.36 -33.84
CA TYR D 116 4.52 8.80 -33.15
C TYR D 116 4.95 7.68 -32.19
N GLN D 117 6.20 7.24 -32.31
CA GLN D 117 6.71 6.12 -31.48
C GLN D 117 8.19 6.30 -31.20
N GLY D 118 8.66 5.62 -30.15
CA GLY D 118 10.09 5.54 -29.77
C GLY D 118 10.43 4.16 -29.25
N ALA D 119 11.49 4.05 -28.46
CA ALA D 119 12.01 2.79 -27.91
C ALA D 119 10.93 2.06 -27.09
N ASP D 120 10.09 2.77 -26.33
CA ASP D 120 9.20 2.17 -25.29
C ASP D 120 7.78 2.73 -25.35
N PHE D 121 7.44 3.56 -26.34
CA PHE D 121 6.12 4.25 -26.40
C PHE D 121 5.62 4.31 -27.85
N LYS D 122 4.30 4.28 -28.00
CA LYS D 122 3.61 4.42 -29.30
C LYS D 122 2.29 5.17 -29.09
N PHE D 123 2.02 6.16 -29.96
CA PHE D 123 0.73 6.91 -29.98
C PHE D 123 0.09 6.80 -31.38
N GLU D 124 -1.20 6.50 -31.39
CA GLU D 124 -2.02 6.31 -32.62
C GLU D 124 -2.73 7.62 -32.92
N PRO D 125 -2.72 8.11 -34.17
CA PRO D 125 -3.48 9.31 -34.55
C PRO D 125 -4.99 8.99 -34.55
N LEU D 126 -5.83 10.03 -34.43
CA LEU D 126 -7.31 9.90 -34.42
C LEU D 126 -7.79 9.36 -35.76
N THR D 127 -8.60 8.29 -35.77
CA THR D 127 -9.40 7.91 -36.97
C THR D 127 -10.46 8.98 -37.18
N GLU D 128 -10.73 9.35 -38.44
CA GLU D 128 -11.68 10.46 -38.72
C GLU D 128 -12.39 10.18 -40.04
N TYR D 129 -13.64 9.71 -39.93
CA TYR D 129 -14.49 9.29 -41.07
C TYR D 129 -15.12 10.54 -41.69
N ASP D 130 -14.96 10.72 -43.01
CA ASP D 130 -15.55 11.85 -43.76
C ASP D 130 -16.89 11.39 -44.31
N VAL D 131 -17.97 11.52 -43.52
CA VAL D 131 -19.30 10.92 -43.83
C VAL D 131 -20.43 11.96 -43.78
N LEU D 132 -20.24 13.17 -43.24
CA LEU D 132 -21.33 14.16 -43.10
C LEU D 132 -21.63 14.85 -44.45
N GLU D 133 -22.91 14.99 -44.78
CA GLU D 133 -23.40 15.63 -46.03
C GLU D 133 -24.03 16.98 -45.71
N LYS D 134 -23.60 17.61 -44.60
CA LYS D 134 -24.17 18.87 -44.07
C LYS D 134 -23.04 19.71 -43.45
N PRO D 135 -23.16 21.05 -43.38
CA PRO D 135 -22.16 21.86 -42.69
C PRO D 135 -22.16 21.48 -41.21
N SER D 136 -21.01 21.56 -40.54
CA SER D 136 -20.87 20.92 -39.21
C SER D 136 -19.78 21.53 -38.32
N ILE D 137 -19.99 21.38 -37.01
CA ILE D 137 -19.06 21.78 -35.93
C ILE D 137 -18.87 20.58 -35.00
N LYS D 138 -17.64 20.34 -34.57
CA LYS D 138 -17.31 19.43 -33.45
C LYS D 138 -17.27 20.25 -32.15
N ILE D 139 -17.97 19.82 -31.11
CA ILE D 139 -17.87 20.45 -29.76
C ILE D 139 -17.23 19.43 -28.82
N ILE D 140 -15.98 19.68 -28.44
CA ILE D 140 -15.13 18.73 -27.67
C ILE D 140 -14.54 19.49 -26.48
N GLY D 141 -13.95 18.76 -25.52
CA GLY D 141 -13.42 19.39 -24.31
C GLY D 141 -12.29 18.61 -23.69
N THR D 142 -11.79 19.15 -22.59
CA THR D 142 -10.60 18.69 -21.83
C THR D 142 -11.02 17.82 -20.63
N GLY D 143 -12.32 17.69 -20.32
CA GLY D 143 -12.78 16.90 -19.18
C GLY D 143 -14.30 16.80 -19.07
N LYS D 144 -14.79 16.22 -17.97
CA LYS D 144 -16.24 16.11 -17.63
C LYS D 144 -16.63 17.30 -16.72
N ARG D 145 -17.90 17.71 -16.79
CA ARG D 145 -18.51 18.86 -16.06
C ARG D 145 -17.66 20.13 -16.25
N ILE D 146 -17.12 20.36 -17.46
CA ILE D 146 -16.50 21.68 -17.85
C ILE D 146 -17.44 22.46 -18.77
N GLY D 147 -18.54 21.86 -19.25
CA GLY D 147 -19.61 22.59 -19.97
C GLY D 147 -19.71 22.27 -21.46
N LYS D 148 -19.17 21.14 -21.93
CA LYS D 148 -19.30 20.75 -23.36
C LYS D 148 -20.78 20.75 -23.74
N THR D 149 -21.62 20.08 -22.95
CA THR D 149 -23.09 19.97 -23.18
C THR D 149 -23.71 21.37 -23.11
N ALA D 150 -23.39 22.14 -22.08
CA ALA D 150 -23.95 23.50 -21.85
C ALA D 150 -23.66 24.38 -23.07
N VAL D 151 -22.40 24.36 -23.55
CA VAL D 151 -21.95 25.13 -24.75
C VAL D 151 -22.70 24.60 -25.97
N SER D 152 -22.85 23.29 -26.09
CA SER D 152 -23.48 22.61 -27.24
C SER D 152 -24.97 22.96 -27.35
N ALA D 153 -25.71 22.88 -26.26
CA ALA D 153 -27.14 23.27 -26.21
C ALA D 153 -27.27 24.73 -26.63
N TYR D 154 -26.43 25.61 -26.09
CA TYR D 154 -26.44 27.07 -26.39
C TYR D 154 -26.18 27.29 -27.88
N ALA D 155 -25.12 26.68 -28.42
CA ALA D 155 -24.69 26.80 -29.83
C ALA D 155 -25.86 26.39 -30.74
N ALA D 156 -26.57 25.31 -30.39
CA ALA D 156 -27.75 24.83 -31.12
C ALA D 156 -28.82 25.92 -31.16
N ARG D 157 -29.12 26.58 -30.03
CA ARG D 157 -30.15 27.65 -29.98
C ARG D 157 -29.70 28.84 -30.82
N VAL D 158 -28.42 29.21 -30.74
CA VAL D 158 -27.83 30.33 -31.54
C VAL D 158 -28.00 30.00 -33.03
N ILE D 159 -27.69 28.77 -33.44
CA ILE D 159 -27.78 28.32 -34.86
C ILE D 159 -29.26 28.35 -35.29
N HIS D 160 -30.19 27.98 -34.41
CA HIS D 160 -31.65 28.02 -34.69
C HIS D 160 -32.09 29.47 -34.93
N LYS D 161 -31.72 30.38 -34.02
CA LYS D 161 -32.04 31.82 -34.12
C LYS D 161 -31.46 32.40 -35.43
N HIS D 162 -30.37 31.82 -35.93
CA HIS D 162 -29.68 32.23 -37.19
C HIS D 162 -30.33 31.55 -38.41
N LYS D 163 -31.54 30.99 -38.24
CA LYS D 163 -32.43 30.50 -39.33
C LYS D 163 -31.89 29.20 -39.98
N TYR D 164 -31.07 28.43 -39.24
CA TYR D 164 -30.73 27.03 -39.58
C TYR D 164 -31.49 26.09 -38.64
N ASN D 165 -31.59 24.82 -39.02
CA ASN D 165 -32.21 23.73 -38.23
C ASN D 165 -31.12 22.74 -37.82
N PRO D 166 -30.48 22.94 -36.65
CA PRO D 166 -29.37 22.10 -36.23
C PRO D 166 -29.79 20.75 -35.64
N CYS D 167 -28.94 19.75 -35.83
CA CYS D 167 -29.03 18.41 -35.22
C CYS D 167 -27.77 18.14 -34.40
N VAL D 168 -27.91 17.65 -33.15
CA VAL D 168 -26.73 17.25 -32.33
C VAL D 168 -26.63 15.71 -32.32
N VAL D 169 -25.53 15.19 -32.84
CA VAL D 169 -25.07 13.79 -32.60
C VAL D 169 -24.19 13.80 -31.35
N ALA D 170 -24.69 13.29 -30.22
CA ALA D 170 -23.98 13.25 -28.94
C ALA D 170 -23.30 11.90 -28.74
N MET D 171 -21.97 11.88 -28.65
CA MET D 171 -21.17 10.67 -28.33
C MET D 171 -21.14 10.48 -26.80
N GLY D 172 -22.13 9.78 -26.25
CA GLY D 172 -22.31 9.58 -24.80
C GLY D 172 -21.57 8.35 -24.30
N ARG D 173 -21.70 8.03 -23.01
CA ARG D 173 -20.89 6.98 -22.34
C ARG D 173 -21.72 5.68 -22.20
N GLY D 174 -22.52 5.37 -23.22
CA GLY D 174 -23.42 4.20 -23.27
C GLY D 174 -24.65 4.51 -24.11
N GLY D 175 -25.52 3.51 -24.29
CA GLY D 175 -26.72 3.63 -25.13
C GLY D 175 -26.91 2.42 -26.02
N PRO D 176 -28.04 2.35 -26.76
CA PRO D 176 -28.33 1.22 -27.64
C PRO D 176 -27.28 1.11 -28.75
N ARG D 177 -27.09 -0.08 -29.31
CA ARG D 177 -26.09 -0.32 -30.38
C ARG D 177 -26.50 0.48 -31.62
N GLU D 178 -27.79 0.55 -31.94
CA GLU D 178 -28.33 1.44 -32.99
C GLU D 178 -28.60 2.79 -32.34
N PRO D 179 -28.01 3.91 -32.82
CA PRO D 179 -28.24 5.22 -32.22
C PRO D 179 -29.72 5.59 -32.14
N GLU D 180 -30.15 6.13 -30.99
CA GLU D 180 -31.57 6.51 -30.78
C GLU D 180 -31.77 7.98 -31.15
N ILE D 181 -32.90 8.26 -31.78
CA ILE D 181 -33.26 9.59 -32.34
C ILE D 181 -34.30 10.20 -31.40
N VAL D 182 -34.09 11.46 -31.01
CA VAL D 182 -35.05 12.22 -30.15
C VAL D 182 -35.49 13.46 -30.94
N GLU D 183 -36.80 13.56 -31.21
CA GLU D 183 -37.39 14.65 -32.04
C GLU D 183 -37.83 15.79 -31.11
N GLY D 184 -36.88 16.43 -30.43
CA GLY D 184 -37.14 17.57 -29.53
C GLY D 184 -37.63 18.81 -30.27
N ASN D 185 -37.59 18.78 -31.60
CA ASN D 185 -38.11 19.83 -32.52
C ASN D 185 -39.62 19.63 -32.72
N LYS D 186 -40.17 18.43 -32.47
CA LYS D 186 -41.60 18.08 -32.71
C LYS D 186 -42.32 17.72 -31.39
N ILE D 187 -41.59 17.26 -30.38
CA ILE D 187 -42.16 16.65 -29.14
C ILE D 187 -41.91 17.61 -27.98
N GLU D 188 -42.93 17.84 -27.15
CA GLU D 188 -42.80 18.58 -25.85
C GLU D 188 -42.35 17.56 -24.80
N ILE D 189 -41.05 17.56 -24.47
CA ILE D 189 -40.42 16.57 -23.54
C ILE D 189 -40.73 16.99 -22.10
N THR D 190 -41.68 16.29 -21.46
CA THR D 190 -42.10 16.53 -20.06
C THR D 190 -41.42 15.53 -19.11
N ALA D 191 -41.46 15.82 -17.81
CA ALA D 191 -40.95 14.95 -16.73
C ALA D 191 -41.63 13.57 -16.80
N GLU D 192 -42.93 13.55 -17.05
CA GLU D 192 -43.75 12.31 -17.14
C GLU D 192 -43.31 11.50 -18.37
N TYR D 193 -42.98 12.17 -19.48
CA TYR D 193 -42.48 11.52 -20.71
C TYR D 193 -41.11 10.91 -20.45
N LEU D 194 -40.22 11.64 -19.77
CA LEU D 194 -38.86 11.15 -19.45
C LEU D 194 -38.95 9.92 -18.53
N LEU D 195 -39.90 9.89 -17.58
CA LEU D 195 -40.12 8.71 -16.69
C LEU D 195 -40.64 7.54 -17.52
N GLU D 196 -41.53 7.80 -18.48
CA GLU D 196 -42.03 6.76 -19.43
C GLU D 196 -40.82 6.16 -20.17
N GLN D 197 -39.84 6.97 -20.57
CA GLN D 197 -38.63 6.51 -21.28
C GLN D 197 -37.75 5.72 -20.30
N ALA D 198 -37.52 6.22 -19.09
CA ALA D 198 -36.67 5.56 -18.07
C ALA D 198 -37.24 4.17 -17.73
N ASP D 199 -38.57 4.05 -17.70
CA ASP D 199 -39.30 2.77 -17.43
C ASP D 199 -39.13 1.82 -18.63
N LYS D 200 -38.96 2.33 -19.85
CA LYS D 200 -38.64 1.53 -21.07
C LYS D 200 -37.14 1.17 -21.09
N GLY D 201 -36.36 1.63 -20.11
CA GLY D 201 -34.91 1.34 -19.98
C GLY D 201 -34.02 2.31 -20.75
N VAL D 202 -34.58 3.42 -21.24
CA VAL D 202 -33.88 4.48 -22.02
C VAL D 202 -33.10 5.37 -21.04
N HIS D 203 -31.89 5.79 -21.41
CA HIS D 203 -31.00 6.67 -20.60
C HIS D 203 -31.44 8.13 -20.75
N ALA D 204 -32.57 8.50 -20.14
CA ALA D 204 -33.33 9.74 -20.40
C ALA D 204 -32.58 10.99 -19.90
N ALA D 205 -31.52 10.85 -19.10
CA ALA D 205 -30.69 11.99 -18.62
C ALA D 205 -29.42 12.15 -19.47
N SER D 206 -29.33 11.45 -20.61
CA SER D 206 -28.17 11.55 -21.54
C SER D 206 -28.15 12.92 -22.21
N ASP D 207 -27.02 13.27 -22.82
CA ASP D 207 -26.79 14.62 -23.42
C ASP D 207 -27.72 14.84 -24.62
N HIS D 208 -28.01 13.82 -25.41
CA HIS D 208 -28.92 13.95 -26.58
C HIS D 208 -30.34 14.27 -26.07
N TRP D 209 -30.77 13.65 -24.96
CA TRP D 209 -32.05 13.97 -24.30
C TRP D 209 -32.00 15.38 -23.74
N GLU D 210 -30.90 15.75 -23.08
CA GLU D 210 -30.75 17.10 -22.50
C GLU D 210 -30.82 18.13 -23.64
N ASP D 211 -29.98 18.00 -24.67
CA ASP D 211 -29.94 18.96 -25.81
C ASP D 211 -31.32 19.05 -26.49
N ALA D 212 -32.04 17.92 -26.61
CA ALA D 212 -33.38 17.87 -27.23
C ALA D 212 -34.33 18.77 -26.43
N LEU D 213 -34.32 18.65 -25.10
CA LEU D 213 -35.22 19.41 -24.19
C LEU D 213 -34.74 20.86 -24.09
N MET D 214 -33.45 21.07 -23.79
CA MET D 214 -32.89 22.40 -23.47
C MET D 214 -32.93 23.31 -24.71
N SER D 215 -32.85 22.76 -25.93
CA SER D 215 -32.68 23.56 -27.17
C SER D 215 -33.78 23.26 -28.20
N ARG D 216 -34.77 22.41 -27.87
CA ARG D 216 -35.95 22.09 -28.73
C ARG D 216 -35.47 21.72 -30.15
N ILE D 217 -34.60 20.71 -30.23
CA ILE D 217 -33.94 20.27 -31.50
C ILE D 217 -33.99 18.74 -31.64
N LEU D 218 -33.78 18.29 -32.87
CA LEU D 218 -33.54 16.88 -33.22
C LEU D 218 -32.15 16.48 -32.70
N THR D 219 -32.04 15.33 -32.04
CA THR D 219 -30.73 14.82 -31.54
C THR D 219 -30.61 13.32 -31.79
N VAL D 220 -29.37 12.85 -31.96
CA VAL D 220 -29.03 11.42 -32.15
C VAL D 220 -28.11 10.99 -31.01
N GLY D 221 -28.53 9.97 -30.27
CA GLY D 221 -27.82 9.42 -29.11
C GLY D 221 -26.88 8.31 -29.52
N CYS D 222 -25.58 8.61 -29.58
CA CYS D 222 -24.50 7.64 -29.84
C CYS D 222 -23.81 7.24 -28.53
N ARG D 223 -23.01 6.17 -28.60
CA ARG D 223 -22.29 5.59 -27.44
C ARG D 223 -20.81 5.40 -27.79
N ARG D 224 -19.98 5.34 -26.76
CA ARG D 224 -18.56 4.96 -26.88
C ARG D 224 -18.09 4.33 -25.57
N CYS D 225 -16.92 3.66 -25.62
CA CYS D 225 -16.23 3.14 -24.42
C CYS D 225 -14.75 3.56 -24.50
N GLY D 226 -14.20 4.02 -23.38
CA GLY D 226 -12.80 4.44 -23.30
C GLY D 226 -12.58 5.78 -23.96
N GLY D 227 -11.55 6.50 -23.52
CA GLY D 227 -11.14 7.81 -24.04
C GLY D 227 -9.67 7.99 -23.78
N GLY D 228 -8.85 7.88 -24.83
CA GLY D 228 -7.38 7.85 -24.71
C GLY D 228 -6.81 9.22 -24.41
N MET D 229 -5.49 9.30 -24.37
CA MET D 229 -4.76 10.54 -24.05
C MET D 229 -4.99 11.58 -25.16
N LEU D 230 -4.87 11.18 -26.42
CA LEU D 230 -5.04 12.08 -27.59
C LEU D 230 -6.53 12.38 -27.78
N GLY D 231 -7.39 11.47 -27.34
CA GLY D 231 -8.86 11.64 -27.34
C GLY D 231 -9.60 10.59 -28.15
N ASP D 232 -8.90 9.58 -28.68
CA ASP D 232 -9.51 8.47 -29.45
C ASP D 232 -10.34 7.62 -28.49
N THR D 233 -11.23 6.80 -29.04
CA THR D 233 -12.17 5.96 -28.25
C THR D 233 -12.00 4.51 -28.70
N PHE D 234 -12.24 3.55 -27.80
CA PHE D 234 -11.98 2.11 -28.08
C PHE D 234 -13.01 1.59 -29.09
N ILE D 235 -14.30 1.71 -28.78
CA ILE D 235 -15.43 1.42 -29.72
C ILE D 235 -16.42 2.59 -29.68
N THR D 236 -17.12 2.82 -30.79
CA THR D 236 -18.23 3.81 -30.86
C THR D 236 -19.13 3.52 -32.06
N ASN D 237 -20.37 4.01 -32.03
CA ASN D 237 -21.33 3.94 -33.17
C ASN D 237 -21.55 5.35 -33.75
N VAL D 238 -20.64 6.29 -33.51
CA VAL D 238 -20.76 7.72 -33.98
C VAL D 238 -20.76 7.79 -35.51
N LYS D 239 -20.03 6.91 -36.21
CA LYS D 239 -20.04 6.88 -37.70
C LYS D 239 -21.47 6.61 -38.18
N ARG D 240 -22.14 5.62 -37.58
CA ARG D 240 -23.56 5.26 -37.86
C ARG D 240 -24.48 6.45 -37.51
N GLY D 241 -24.20 7.15 -36.40
CA GLY D 241 -24.99 8.32 -35.98
C GLY D 241 -24.93 9.44 -37.00
N ALA D 242 -23.74 9.70 -37.56
CA ALA D 242 -23.51 10.71 -38.61
C ALA D 242 -24.23 10.31 -39.90
N GLU D 243 -24.24 9.01 -40.24
CA GLU D 243 -24.98 8.46 -41.41
C GLU D 243 -26.49 8.70 -41.22
N ILE D 244 -27.00 8.44 -40.01
CA ILE D 244 -28.42 8.71 -39.64
C ILE D 244 -28.70 10.21 -39.77
N ALA D 245 -27.85 11.07 -39.20
CA ALA D 245 -28.03 12.54 -39.18
C ALA D 245 -28.13 13.10 -40.61
N ASN D 246 -27.46 12.48 -41.59
CA ASN D 246 -27.54 12.90 -43.02
C ASN D 246 -28.98 12.78 -43.52
N LYS D 247 -29.66 11.68 -43.18
CA LYS D 247 -30.98 11.29 -43.74
C LYS D 247 -32.11 12.09 -43.06
N LEU D 248 -31.91 12.57 -41.84
CA LEU D 248 -32.97 13.22 -41.04
C LEU D 248 -33.12 14.70 -41.40
N ASP D 249 -34.21 15.31 -40.91
CA ASP D 249 -34.65 16.68 -41.26
C ASP D 249 -33.87 17.70 -40.43
N SER D 250 -32.74 18.15 -40.97
CA SER D 250 -31.82 19.18 -40.38
C SER D 250 -30.90 19.71 -41.48
N ASP D 251 -30.27 20.86 -41.26
CA ASP D 251 -29.37 21.47 -42.29
C ASP D 251 -28.07 22.00 -41.66
N PHE D 252 -27.80 21.65 -40.40
CA PHE D 252 -26.48 21.84 -39.72
C PHE D 252 -26.31 20.72 -38.70
N VAL D 253 -25.09 20.21 -38.55
CA VAL D 253 -24.81 19.09 -37.60
C VAL D 253 -23.75 19.50 -36.58
N ILE D 254 -24.07 19.29 -35.29
CA ILE D 254 -23.10 19.40 -34.17
C ILE D 254 -22.70 17.98 -33.76
N MET D 255 -21.42 17.66 -33.86
CA MET D 255 -20.84 16.40 -33.32
C MET D 255 -20.26 16.70 -31.93
N GLU D 256 -20.95 16.25 -30.88
CA GLU D 256 -20.59 16.59 -29.48
C GLU D 256 -19.85 15.42 -28.84
N GLY D 257 -18.71 15.70 -28.22
CA GLY D 257 -17.89 14.71 -27.53
C GLY D 257 -18.44 14.34 -26.16
N SER D 258 -17.67 13.51 -25.44
CA SER D 258 -17.87 13.16 -24.02
C SER D 258 -16.49 13.04 -23.36
N GLY D 259 -16.38 13.42 -22.08
CA GLY D 259 -15.09 13.50 -21.38
C GLY D 259 -14.08 14.25 -22.22
N ALA D 260 -12.85 13.76 -22.30
CA ALA D 260 -11.78 14.33 -23.15
C ALA D 260 -11.81 13.68 -24.53
N ALA D 261 -12.78 12.80 -24.80
CA ALA D 261 -12.85 11.99 -26.05
C ALA D 261 -13.44 12.83 -27.20
N ILE D 262 -12.95 12.56 -28.42
CA ILE D 262 -13.20 13.34 -29.67
C ILE D 262 -13.97 12.47 -30.67
N PRO D 263 -15.18 12.85 -31.11
CA PRO D 263 -15.91 12.09 -32.12
C PRO D 263 -15.09 11.85 -33.38
N PRO D 264 -14.98 10.58 -33.85
CA PRO D 264 -14.11 10.24 -34.98
C PRO D 264 -14.78 10.51 -36.35
N VAL D 265 -15.46 11.65 -36.46
CA VAL D 265 -16.14 12.07 -37.71
C VAL D 265 -15.60 13.45 -38.08
N LYS D 266 -15.26 13.65 -39.35
CA LYS D 266 -14.70 14.92 -39.85
C LYS D 266 -15.81 15.99 -39.80
N THR D 267 -15.45 17.18 -39.34
CA THR D 267 -16.35 18.37 -39.28
C THR D 267 -15.64 19.57 -39.92
N ASN D 268 -16.40 20.57 -40.34
CA ASN D 268 -15.85 21.75 -41.03
C ASN D 268 -15.04 22.59 -40.03
N ARG D 269 -15.57 22.79 -38.81
CA ARG D 269 -14.97 23.66 -37.78
C ARG D 269 -15.10 23.01 -36.39
N GLN D 270 -14.35 23.50 -35.40
CA GLN D 270 -14.30 22.90 -34.04
C GLN D 270 -14.37 24.00 -32.98
N ILE D 271 -15.22 23.76 -31.97
CA ILE D 271 -15.28 24.53 -30.70
C ILE D 271 -14.69 23.64 -29.62
N VAL D 272 -13.68 24.15 -28.90
CA VAL D 272 -13.00 23.40 -27.81
C VAL D 272 -13.33 24.08 -26.48
N THR D 273 -13.78 23.27 -25.51
CA THR D 273 -14.17 23.75 -24.17
C THR D 273 -13.01 23.48 -23.21
N VAL D 274 -12.58 24.49 -22.44
CA VAL D 274 -11.46 24.32 -21.47
C VAL D 274 -11.88 24.92 -20.12
N GLY D 275 -12.06 24.05 -19.11
CA GLY D 275 -12.35 24.47 -17.73
C GLY D 275 -11.10 25.05 -17.07
N ALA D 276 -11.19 26.29 -16.59
CA ALA D 276 -10.05 26.97 -15.92
C ALA D 276 -9.77 26.31 -14.56
N ASN D 277 -10.72 25.52 -14.07
CA ASN D 277 -10.64 24.75 -12.79
C ASN D 277 -9.63 23.58 -12.89
N GLN D 278 -9.24 23.16 -14.11
CA GLN D 278 -8.37 21.98 -14.33
C GLN D 278 -6.90 22.34 -14.13
N PRO D 279 -6.04 21.38 -13.73
CA PRO D 279 -4.61 21.66 -13.56
C PRO D 279 -3.97 22.20 -14.84
N MET D 280 -3.09 23.20 -14.73
CA MET D 280 -2.41 23.81 -15.90
C MET D 280 -1.72 22.73 -16.74
N ILE D 281 -1.14 21.69 -16.13
CA ILE D 281 -0.39 20.63 -16.87
C ILE D 281 -1.33 19.93 -17.85
N ASN D 282 -2.61 19.79 -17.52
CA ASN D 282 -3.63 19.14 -18.41
C ASN D 282 -3.99 20.08 -19.57
N ILE D 283 -3.75 21.38 -19.44
CA ILE D 283 -4.04 22.45 -20.45
C ILE D 283 -2.79 22.70 -21.29
N ASN D 284 -1.61 22.86 -20.67
CA ASN D 284 -0.38 23.34 -21.36
C ASN D 284 0.62 22.19 -21.57
N ASN D 285 0.30 20.97 -21.13
CA ASN D 285 1.19 19.80 -21.36
C ASN D 285 0.35 18.58 -21.77
N PHE D 286 0.99 17.45 -22.03
CA PHE D 286 0.38 16.22 -22.59
C PHE D 286 -0.36 16.62 -23.89
N PHE D 287 -1.63 16.24 -24.06
CA PHE D 287 -2.40 16.51 -25.30
C PHE D 287 -3.48 17.57 -25.05
N GLY D 288 -3.36 18.37 -23.99
CA GLY D 288 -4.12 19.63 -23.87
C GLY D 288 -3.81 20.55 -25.05
N PRO D 289 -2.52 20.91 -25.29
CA PRO D 289 -2.15 21.76 -26.41
C PRO D 289 -2.59 21.22 -27.78
N PHE D 290 -2.62 19.88 -27.94
CA PHE D 290 -3.15 19.24 -29.17
C PHE D 290 -4.63 19.62 -29.33
N ARG D 291 -5.45 19.44 -28.28
CA ARG D 291 -6.90 19.73 -28.33
C ARG D 291 -7.13 21.22 -28.59
N ILE D 292 -6.42 22.09 -27.87
CA ILE D 292 -6.52 23.57 -28.05
C ILE D 292 -6.12 23.92 -29.49
N GLY D 293 -5.15 23.23 -30.06
CA GLY D 293 -4.68 23.45 -31.44
C GLY D 293 -5.72 23.08 -32.50
N LEU D 294 -6.76 22.31 -32.15
CA LEU D 294 -7.83 21.92 -33.11
C LEU D 294 -8.88 23.04 -33.23
N ALA D 295 -8.90 23.98 -32.29
CA ALA D 295 -10.01 24.95 -32.09
C ALA D 295 -10.01 26.06 -33.15
N ASP D 296 -11.19 26.39 -33.65
CA ASP D 296 -11.48 27.68 -34.33
C ASP D 296 -11.96 28.69 -33.28
N LEU D 297 -12.71 28.20 -32.30
CA LEU D 297 -13.17 28.99 -31.13
C LEU D 297 -12.91 28.19 -29.86
N VAL D 298 -12.25 28.79 -28.87
CA VAL D 298 -12.08 28.17 -27.52
C VAL D 298 -13.02 28.88 -26.56
N ILE D 299 -13.95 28.13 -25.95
CA ILE D 299 -14.70 28.63 -24.77
C ILE D 299 -13.92 28.20 -23.52
N ILE D 300 -13.33 29.17 -22.82
CA ILE D 300 -12.77 28.94 -21.46
C ILE D 300 -13.95 29.03 -20.49
N THR D 301 -14.12 28.02 -19.63
CA THR D 301 -15.26 27.95 -18.69
C THR D 301 -14.76 27.99 -17.25
N MET D 302 -15.69 28.20 -16.31
CA MET D 302 -15.43 28.27 -14.85
C MET D 302 -14.48 29.43 -14.53
N CYS D 303 -14.59 30.55 -15.26
CA CYS D 303 -13.71 31.75 -15.10
C CYS D 303 -14.19 32.63 -13.92
N GLU D 304 -14.17 32.09 -12.71
CA GLU D 304 -14.55 32.82 -11.47
C GLU D 304 -14.05 32.07 -10.22
N GLU D 305 -13.87 32.80 -9.12
CA GLU D 305 -13.78 32.21 -7.76
C GLU D 305 -15.12 31.51 -7.48
N PRO D 306 -15.17 30.37 -6.76
CA PRO D 306 -14.00 29.69 -6.21
C PRO D 306 -13.23 28.79 -7.18
N MET D 307 -13.68 28.64 -8.43
CA MET D 307 -13.20 27.60 -9.37
C MET D 307 -11.81 27.94 -9.90
N ALA D 308 -11.52 29.21 -10.19
CA ALA D 308 -10.21 29.65 -10.72
C ALA D 308 -9.92 31.11 -10.34
N THR D 309 -8.64 31.43 -10.12
CA THR D 309 -8.18 32.79 -9.74
C THR D 309 -8.00 33.61 -11.01
N THR D 310 -7.98 34.94 -10.91
CA THR D 310 -7.75 35.86 -12.05
C THR D 310 -6.43 35.51 -12.73
N GLU D 311 -5.37 35.20 -11.96
CA GLU D 311 -4.01 34.94 -12.50
C GLU D 311 -4.05 33.64 -13.30
N LYS D 312 -4.78 32.63 -12.81
CA LYS D 312 -4.97 31.33 -13.50
C LYS D 312 -5.68 31.56 -14.84
N ILE D 313 -6.80 32.28 -14.81
CA ILE D 313 -7.62 32.60 -16.01
C ILE D 313 -6.74 33.30 -17.03
N LYS D 314 -5.91 34.26 -16.61
CA LYS D 314 -4.98 35.02 -17.51
C LYS D 314 -3.92 34.08 -18.08
N LYS D 315 -3.44 33.10 -17.30
CA LYS D 315 -2.40 32.14 -17.76
C LYS D 315 -2.99 31.22 -18.83
N VAL D 316 -4.22 30.74 -18.61
CA VAL D 316 -4.98 29.90 -19.58
C VAL D 316 -5.19 30.72 -20.87
N GLU D 317 -5.74 31.94 -20.77
CA GLU D 317 -5.97 32.86 -21.92
C GLU D 317 -4.65 33.07 -22.68
N LYS D 318 -3.57 33.37 -21.98
CA LYS D 318 -2.25 33.73 -22.57
C LYS D 318 -1.72 32.52 -23.32
N PHE D 319 -1.80 31.32 -22.72
CA PHE D 319 -1.27 30.08 -23.32
C PHE D 319 -2.04 29.78 -24.62
N ILE D 320 -3.38 29.83 -24.57
CA ILE D 320 -4.26 29.52 -25.74
C ILE D 320 -3.87 30.44 -26.90
N LYS D 321 -3.70 31.75 -26.63
CA LYS D 321 -3.35 32.75 -27.65
C LYS D 321 -1.94 32.50 -28.19
N GLU D 322 -1.02 32.00 -27.36
CA GLU D 322 0.38 31.70 -27.77
C GLU D 322 0.35 30.55 -28.78
N ILE D 323 -0.35 29.44 -28.47
CA ILE D 323 -0.25 28.18 -29.28
C ILE D 323 -1.31 28.15 -30.38
N ASN D 324 -2.38 28.94 -30.26
CA ASN D 324 -3.43 29.04 -31.30
C ASN D 324 -3.85 30.50 -31.47
N PRO D 325 -2.98 31.36 -32.03
CA PRO D 325 -3.27 32.79 -32.14
C PRO D 325 -4.39 33.10 -33.14
N SER D 326 -4.66 32.19 -34.09
CA SER D 326 -5.74 32.31 -35.10
C SER D 326 -7.14 32.09 -34.48
N ALA D 327 -7.23 31.44 -33.33
CA ALA D 327 -8.51 31.07 -32.71
C ALA D 327 -9.11 32.29 -32.00
N ASN D 328 -10.43 32.41 -32.03
CA ASN D 328 -11.17 33.32 -31.13
C ASN D 328 -11.28 32.64 -29.76
N VAL D 329 -11.16 33.38 -28.67
CA VAL D 329 -11.09 32.83 -27.28
C VAL D 329 -12.04 33.63 -26.39
N ILE D 330 -12.99 32.99 -25.75
CA ILE D 330 -14.07 33.66 -24.96
C ILE D 330 -14.10 33.04 -23.56
N PRO D 331 -13.71 33.81 -22.51
CA PRO D 331 -13.85 33.36 -21.12
C PRO D 331 -15.27 33.54 -20.58
N THR D 332 -15.77 32.52 -19.87
CA THR D 332 -17.19 32.41 -19.47
C THR D 332 -17.35 31.82 -18.07
N VAL D 333 -18.56 31.97 -17.54
CA VAL D 333 -19.07 31.30 -16.32
C VAL D 333 -20.45 30.72 -16.65
N PHE D 334 -20.93 29.77 -15.86
CA PHE D 334 -22.26 29.14 -16.07
C PHE D 334 -23.25 29.71 -15.06
N ARG D 335 -24.47 29.99 -15.53
CA ARG D 335 -25.59 30.45 -14.68
C ARG D 335 -26.86 29.67 -15.04
N PRO D 336 -27.75 29.36 -14.06
CA PRO D 336 -28.96 28.57 -14.32
C PRO D 336 -30.00 29.28 -15.20
N LYS D 337 -30.69 28.51 -16.03
CA LYS D 337 -31.91 28.96 -16.75
C LYS D 337 -32.94 27.84 -16.75
N PRO D 338 -34.00 27.94 -15.91
CA PRO D 338 -35.10 26.96 -15.94
C PRO D 338 -35.76 26.89 -17.32
N VAL D 339 -36.10 25.68 -17.77
CA VAL D 339 -36.90 25.43 -19.00
C VAL D 339 -38.36 25.36 -18.54
N GLY D 340 -38.86 26.53 -18.10
CA GLY D 340 -40.19 26.70 -17.49
C GLY D 340 -40.21 27.94 -16.62
N ASN D 341 -41.32 28.15 -15.92
CA ASN D 341 -41.53 29.33 -15.04
C ASN D 341 -41.35 28.89 -13.59
N VAL D 342 -40.52 29.63 -12.84
CA VAL D 342 -40.27 29.39 -11.38
C VAL D 342 -40.49 30.69 -10.59
N GLU D 343 -41.12 31.72 -11.18
CA GLU D 343 -41.25 33.05 -10.56
C GLU D 343 -42.10 32.95 -9.30
N GLY D 344 -41.54 33.37 -8.15
CA GLY D 344 -42.21 33.41 -6.83
C GLY D 344 -42.45 32.03 -6.23
N LYS D 345 -41.91 30.96 -6.82
CA LYS D 345 -42.16 29.57 -6.35
C LYS D 345 -41.14 29.16 -5.27
N LYS D 346 -41.56 28.25 -4.40
CA LYS D 346 -40.68 27.55 -3.42
C LYS D 346 -40.00 26.40 -4.16
N VAL D 347 -38.68 26.46 -4.29
CA VAL D 347 -37.90 25.59 -5.22
C VAL D 347 -36.96 24.68 -4.43
N LEU D 348 -37.01 23.37 -4.70
CA LEU D 348 -35.96 22.40 -4.35
C LEU D 348 -35.04 22.23 -5.58
N PHE D 349 -33.78 22.67 -5.46
CA PHE D 349 -32.82 22.78 -6.60
C PHE D 349 -31.89 21.56 -6.56
N ALA D 350 -31.79 20.86 -7.69
CA ALA D 350 -30.96 19.64 -7.84
C ALA D 350 -29.92 19.86 -8.95
N THR D 351 -28.64 19.67 -8.63
CA THR D 351 -27.52 19.96 -9.56
C THR D 351 -26.39 18.95 -9.36
N THR D 352 -25.50 18.89 -10.34
CA THR D 352 -24.21 18.14 -10.31
C THR D 352 -23.07 19.09 -9.92
N ALA D 353 -23.35 20.38 -9.71
CA ALA D 353 -22.34 21.44 -9.50
C ALA D 353 -21.55 21.18 -8.21
N PRO D 354 -20.29 21.68 -8.12
CA PRO D 354 -19.54 21.66 -6.86
C PRO D 354 -20.30 22.33 -5.72
N LYS D 355 -20.14 21.83 -4.49
CA LYS D 355 -20.85 22.35 -3.29
C LYS D 355 -20.44 23.82 -3.07
N VAL D 356 -19.20 24.17 -3.41
CA VAL D 356 -18.61 25.53 -3.19
C VAL D 356 -19.27 26.58 -4.11
N VAL D 357 -19.99 26.21 -5.17
CA VAL D 357 -20.65 27.20 -6.10
C VAL D 357 -22.18 27.23 -5.91
N VAL D 358 -22.76 26.28 -5.16
CA VAL D 358 -24.24 26.22 -4.93
C VAL D 358 -24.77 27.57 -4.44
N GLY D 359 -24.09 28.22 -3.48
CA GLY D 359 -24.52 29.52 -2.92
C GLY D 359 -24.71 30.58 -3.99
N LYS D 360 -23.74 30.67 -4.91
CA LYS D 360 -23.74 31.63 -6.05
C LYS D 360 -24.92 31.31 -6.99
N LEU D 361 -25.16 30.03 -7.27
CA LEU D 361 -26.24 29.60 -8.19
C LEU D 361 -27.59 29.92 -7.54
N VAL D 362 -27.74 29.66 -6.24
CA VAL D 362 -28.98 29.94 -5.47
C VAL D 362 -29.21 31.46 -5.44
N ASN D 363 -28.17 32.22 -5.09
CA ASN D 363 -28.20 33.71 -5.05
C ASN D 363 -28.67 34.26 -6.41
N TYR D 364 -28.15 33.71 -7.52
CA TYR D 364 -28.55 34.08 -8.90
C TYR D 364 -30.02 33.70 -9.15
N LEU D 365 -30.42 32.46 -8.85
CA LEU D 365 -31.80 31.94 -9.09
C LEU D 365 -32.81 32.87 -8.39
N GLU D 366 -32.60 33.17 -7.12
CA GLU D 366 -33.52 33.98 -6.28
C GLU D 366 -33.53 35.42 -6.80
N SER D 367 -32.37 35.99 -7.12
CA SER D 367 -32.22 37.41 -7.55
C SER D 367 -32.85 37.63 -8.92
N LYS D 368 -32.71 36.67 -9.85
CA LYS D 368 -33.14 36.85 -11.27
C LYS D 368 -34.60 36.43 -11.42
N TYR D 369 -35.01 35.26 -10.91
CA TYR D 369 -36.33 34.67 -11.19
C TYR D 369 -37.29 34.91 -10.01
N GLY D 370 -36.82 35.51 -8.90
CA GLY D 370 -37.66 35.88 -7.75
C GLY D 370 -38.23 34.69 -7.01
N CYS D 371 -37.61 33.51 -7.16
CA CYS D 371 -37.99 32.25 -6.47
C CYS D 371 -37.41 32.24 -5.06
N ASP D 372 -37.84 31.26 -4.25
CA ASP D 372 -37.33 31.02 -2.87
C ASP D 372 -36.79 29.60 -2.83
N VAL D 373 -35.46 29.42 -2.79
CA VAL D 373 -34.85 28.06 -2.77
C VAL D 373 -34.90 27.53 -1.34
N VAL D 374 -35.79 26.58 -1.07
CA VAL D 374 -36.07 26.02 0.29
C VAL D 374 -35.02 24.95 0.63
N GLY D 375 -34.31 24.42 -0.35
CA GLY D 375 -33.22 23.44 -0.16
C GLY D 375 -32.52 23.06 -1.44
N VAL D 376 -31.33 22.47 -1.35
CA VAL D 376 -30.51 22.06 -2.53
C VAL D 376 -30.02 20.61 -2.36
N THR D 377 -29.94 19.87 -3.45
CA THR D 377 -29.12 18.64 -3.55
C THR D 377 -28.06 18.83 -4.63
N PRO D 378 -26.76 18.85 -4.26
CA PRO D 378 -25.67 18.74 -5.25
C PRO D 378 -25.31 17.29 -5.59
N HIS D 379 -26.19 16.34 -5.29
CA HIS D 379 -25.89 14.87 -5.31
C HIS D 379 -26.69 14.16 -6.41
N LEU D 380 -26.97 14.81 -7.54
CA LEU D 380 -27.58 14.14 -8.72
C LEU D 380 -26.69 12.98 -9.20
N SER D 381 -25.40 12.98 -8.85
CA SER D 381 -24.38 11.96 -9.22
C SER D 381 -24.37 10.75 -8.26
N ASN D 382 -25.09 10.82 -7.13
CA ASN D 382 -24.93 9.88 -5.98
C ASN D 382 -26.31 9.47 -5.45
N ARG D 383 -26.83 8.33 -5.89
CA ARG D 383 -28.27 7.96 -5.71
C ARG D 383 -28.65 7.89 -4.22
N PRO D 384 -27.87 7.24 -3.33
CA PRO D 384 -28.22 7.24 -1.90
C PRO D 384 -28.27 8.64 -1.25
N LEU D 385 -27.25 9.48 -1.44
CA LEU D 385 -27.19 10.83 -0.80
C LEU D 385 -28.24 11.75 -1.44
N LEU D 386 -28.58 11.53 -2.71
CA LEU D 386 -29.69 12.24 -3.42
C LEU D 386 -30.99 11.99 -2.67
N ARG D 387 -31.33 10.72 -2.37
CA ARG D 387 -32.60 10.37 -1.67
C ARG D 387 -32.60 10.98 -0.25
N ARG D 388 -31.46 11.01 0.44
CA ARG D 388 -31.31 11.66 1.77
C ARG D 388 -31.70 13.14 1.67
N ASP D 389 -31.16 13.86 0.68
CA ASP D 389 -31.45 15.31 0.46
C ASP D 389 -32.92 15.49 0.08
N LEU D 390 -33.46 14.61 -0.78
CA LEU D 390 -34.87 14.69 -1.23
C LEU D 390 -35.80 14.52 -0.02
N LYS D 391 -35.62 13.48 0.80
CA LYS D 391 -36.45 13.22 2.01
C LYS D 391 -36.42 14.44 2.93
N LYS D 392 -35.27 15.11 3.07
CA LYS D 392 -35.11 16.31 3.95
C LYS D 392 -35.98 17.46 3.44
N TYR D 393 -35.97 17.75 2.14
CA TYR D 393 -36.49 19.02 1.57
C TYR D 393 -37.84 18.86 0.83
N ILE D 394 -38.20 17.64 0.40
CA ILE D 394 -39.26 17.40 -0.63
C ILE D 394 -40.58 18.08 -0.24
N ASN D 395 -40.98 18.08 1.04
CA ASN D 395 -42.31 18.56 1.48
C ASN D 395 -42.38 20.10 1.40
N LYS D 396 -41.25 20.79 1.45
CA LYS D 396 -41.16 22.27 1.63
C LYS D 396 -41.30 23.03 0.31
N ALA D 397 -41.17 22.35 -0.84
CA ALA D 397 -41.10 23.00 -2.17
C ALA D 397 -42.41 22.86 -2.94
N ASP D 398 -42.71 23.85 -3.79
CA ASP D 398 -43.77 23.80 -4.83
C ASP D 398 -43.31 22.87 -5.95
N LEU D 399 -42.07 23.04 -6.40
CA LEU D 399 -41.51 22.32 -7.58
C LEU D 399 -40.04 21.97 -7.35
N MET D 400 -39.58 20.93 -8.05
CA MET D 400 -38.16 20.55 -8.13
C MET D 400 -37.57 21.10 -9.44
N LEU D 401 -36.53 21.92 -9.31
CA LEU D 401 -35.74 22.45 -10.44
C LEU D 401 -34.47 21.61 -10.55
N THR D 402 -34.31 20.83 -11.63
CA THR D 402 -33.19 19.85 -11.74
C THR D 402 -32.46 19.98 -13.07
N GLU D 403 -31.12 19.88 -13.04
CA GLU D 403 -30.32 19.60 -14.25
C GLU D 403 -30.81 18.26 -14.83
N LEU D 404 -30.84 18.11 -16.16
CA LEU D 404 -31.23 16.82 -16.80
C LEU D 404 -29.94 16.03 -17.02
N LYS D 405 -29.31 15.61 -15.91
CA LYS D 405 -27.96 14.99 -15.83
C LYS D 405 -28.00 13.89 -14.76
N ALA D 406 -27.23 12.81 -14.97
CA ALA D 406 -26.99 11.73 -13.98
C ALA D 406 -28.34 11.12 -13.54
N ALA D 407 -28.63 11.03 -12.24
CA ALA D 407 -29.83 10.36 -11.67
C ALA D 407 -31.07 11.28 -11.64
N ALA D 408 -31.12 12.30 -12.50
CA ALA D 408 -32.19 13.34 -12.50
C ALA D 408 -33.55 12.73 -12.86
N VAL D 409 -33.59 11.68 -13.68
CA VAL D 409 -34.89 11.08 -14.12
C VAL D 409 -35.24 9.93 -13.18
N ASP D 410 -34.43 8.87 -13.16
CA ASP D 410 -34.79 7.57 -12.53
C ASP D 410 -34.92 7.70 -11.00
N VAL D 411 -34.23 8.65 -10.37
CA VAL D 411 -34.38 8.92 -8.91
C VAL D 411 -35.14 10.24 -8.73
N ALA D 412 -34.51 11.39 -9.00
CA ALA D 412 -34.99 12.72 -8.57
C ALA D 412 -36.39 13.03 -9.16
N THR D 413 -36.59 12.86 -10.47
CA THR D 413 -37.90 13.11 -11.12
C THR D 413 -38.94 12.14 -10.54
N ARG D 414 -38.57 10.87 -10.41
CA ARG D 414 -39.49 9.81 -9.92
C ARG D 414 -39.99 10.17 -8.51
N VAL D 415 -39.09 10.52 -7.60
CA VAL D 415 -39.42 10.93 -6.19
C VAL D 415 -40.31 12.17 -6.21
N ALA D 416 -39.99 13.18 -7.03
CA ALA D 416 -40.71 14.48 -7.09
C ALA D 416 -42.13 14.28 -7.63
N ILE D 417 -42.30 13.42 -8.64
CA ILE D 417 -43.63 13.12 -9.27
C ILE D 417 -44.48 12.30 -8.27
N GLU D 418 -43.90 11.32 -7.58
CA GLU D 418 -44.61 10.49 -6.56
C GLU D 418 -44.94 11.31 -5.32
N ALA D 419 -44.17 12.37 -5.03
CA ALA D 419 -44.45 13.36 -3.96
C ALA D 419 -45.45 14.43 -4.44
N GLY D 420 -45.80 14.43 -5.74
CA GLY D 420 -46.84 15.31 -6.33
C GLY D 420 -46.34 16.71 -6.65
N LEU D 421 -45.02 16.92 -6.77
CA LEU D 421 -44.44 18.25 -7.15
C LEU D 421 -44.47 18.40 -8.67
N ASP D 422 -44.43 19.64 -9.14
CA ASP D 422 -44.06 20.01 -10.53
C ASP D 422 -42.54 19.81 -10.67
N VAL D 423 -42.08 19.41 -11.86
CA VAL D 423 -40.64 19.24 -12.17
C VAL D 423 -40.27 20.15 -13.35
N VAL D 424 -39.33 21.07 -13.14
CA VAL D 424 -38.78 21.97 -14.19
C VAL D 424 -37.31 21.61 -14.41
N TYR D 425 -36.90 21.37 -15.65
CA TYR D 425 -35.48 21.04 -15.98
C TYR D 425 -34.70 22.34 -16.16
N CYS D 426 -33.44 22.32 -15.75
CA CYS D 426 -32.57 23.51 -15.63
C CYS D 426 -31.37 23.41 -16.59
N ASP D 427 -31.24 24.37 -17.51
CA ASP D 427 -30.05 24.50 -18.37
C ASP D 427 -28.98 25.26 -17.58
N ASN D 428 -27.75 25.16 -18.04
CA ASN D 428 -26.59 25.98 -17.58
C ASN D 428 -26.16 26.83 -18.79
N ILE D 429 -26.16 28.14 -18.64
CA ILE D 429 -25.94 29.10 -19.76
C ILE D 429 -24.52 29.64 -19.67
N PRO D 430 -23.69 29.57 -20.74
CA PRO D 430 -22.40 30.24 -20.76
C PRO D 430 -22.61 31.75 -20.88
N VAL D 431 -22.19 32.48 -19.84
CA VAL D 431 -22.26 33.96 -19.73
C VAL D 431 -20.84 34.49 -19.83
N VAL D 432 -20.60 35.47 -20.72
CA VAL D 432 -19.24 36.07 -20.87
C VAL D 432 -19.00 36.97 -19.65
N ILE D 433 -17.84 36.84 -19.02
CA ILE D 433 -17.50 37.55 -17.75
C ILE D 433 -17.08 38.98 -18.05
N ASP D 434 -16.57 39.24 -19.26
CA ASP D 434 -15.75 40.44 -19.57
C ASP D 434 -16.11 40.90 -20.97
N GLU D 435 -16.74 42.07 -21.06
CA GLU D 435 -17.25 42.64 -22.35
C GLU D 435 -16.10 43.04 -23.25
N SER D 436 -14.85 43.15 -22.76
CA SER D 436 -13.63 43.37 -23.58
C SER D 436 -13.43 42.22 -24.59
N TYR D 437 -13.94 41.03 -24.26
CA TYR D 437 -13.83 39.80 -25.09
C TYR D 437 -15.01 39.72 -26.07
N GLY D 438 -16.00 40.61 -25.96
CA GLY D 438 -17.15 40.66 -26.89
C GLY D 438 -18.22 39.62 -26.59
N ASN D 439 -19.01 39.22 -27.60
CA ASN D 439 -20.30 38.50 -27.44
C ASN D 439 -20.11 37.04 -27.87
N ILE D 440 -20.60 36.08 -27.07
CA ILE D 440 -20.41 34.62 -27.35
C ILE D 440 -21.24 34.20 -28.57
N ASP D 441 -22.46 34.72 -28.76
CA ASP D 441 -23.33 34.35 -29.92
C ASP D 441 -22.63 34.75 -31.22
N ASP D 442 -22.07 35.96 -31.27
CA ASP D 442 -21.32 36.48 -32.45
C ASP D 442 -20.12 35.56 -32.75
N ALA D 443 -19.43 35.11 -31.70
CA ALA D 443 -18.25 34.22 -31.80
C ALA D 443 -18.66 32.87 -32.36
N ILE D 444 -19.80 32.32 -31.91
CA ILE D 444 -20.36 31.03 -32.42
C ILE D 444 -20.78 31.23 -33.89
N ILE D 445 -21.48 32.34 -34.19
CA ILE D 445 -21.99 32.61 -35.56
C ILE D 445 -20.79 32.71 -36.52
N GLU D 446 -19.72 33.36 -36.13
CA GLU D 446 -18.48 33.45 -36.96
C GLU D 446 -18.06 32.02 -37.38
N VAL D 447 -18.00 31.09 -36.42
CA VAL D 447 -17.52 29.70 -36.65
C VAL D 447 -18.56 28.96 -37.49
N VAL D 448 -19.85 29.18 -37.24
CA VAL D 448 -20.98 28.57 -37.99
C VAL D 448 -20.89 29.03 -39.46
N GLU D 449 -20.67 30.32 -39.69
CA GLU D 449 -20.54 30.91 -41.04
C GLU D 449 -19.32 30.32 -41.75
N MET D 450 -18.21 30.14 -41.03
CA MET D 450 -17.00 29.47 -41.59
C MET D 450 -17.36 28.02 -41.98
N ALA D 451 -18.12 27.31 -41.14
CA ALA D 451 -18.50 25.90 -41.39
C ALA D 451 -19.37 25.82 -42.66
N ILE D 452 -20.34 26.73 -42.79
CA ILE D 452 -21.25 26.82 -43.98
C ILE D 452 -20.41 27.13 -45.22
N ASP D 453 -19.57 28.16 -45.14
CA ASP D 453 -18.69 28.60 -46.25
C ASP D 453 -17.78 27.44 -46.67
N ASP D 454 -17.12 26.77 -45.71
CA ASP D 454 -16.21 25.61 -45.97
C ASP D 454 -16.97 24.52 -46.72
N PHE D 455 -18.19 24.21 -46.27
CA PHE D 455 -19.04 23.13 -46.84
C PHE D 455 -19.41 23.48 -48.29
N LYS D 456 -19.81 24.73 -48.55
CA LYS D 456 -20.20 25.24 -49.90
C LYS D 456 -19.00 25.19 -50.86
N ASN D 457 -17.78 25.41 -50.34
CA ASN D 457 -16.55 25.53 -51.16
C ASN D 457 -15.97 24.14 -51.42
N ASN D 458 -14.81 24.07 -52.07
CA ASN D 458 -14.29 22.86 -52.74
C ASN D 458 -14.17 21.69 -51.75
N ARG D 459 -14.31 20.45 -52.25
CA ARG D 459 -14.34 19.21 -51.42
C ARG D 459 -13.35 18.17 -51.99
PB ADP E . -11.96 -30.44 8.03
O1B ADP E . -11.80 -28.94 8.05
O2B ADP E . -12.18 -31.06 9.40
O3B ADP E . -10.88 -31.12 7.26
PA ADP E . -14.21 -31.94 6.98
O1A ADP E . -14.63 -31.97 5.55
O2A ADP E . -13.45 -33.10 7.56
O3A ADP E . -13.34 -30.63 7.23
O5' ADP E . -15.48 -31.69 7.93
C5' ADP E . -16.61 -30.88 7.54
C4' ADP E . -17.59 -30.94 8.68
O4' ADP E . -18.82 -30.23 8.34
C3' ADP E . -18.03 -32.35 9.09
O3' ADP E . -17.99 -32.47 10.50
C2' ADP E . -19.47 -32.44 8.55
O2' ADP E . -20.28 -33.35 9.24
C1' ADP E . -19.92 -31.00 8.78
N9 ADP E . -21.07 -30.54 8.01
C8 ADP E . -21.58 -31.04 6.84
N7 ADP E . -22.57 -30.34 6.36
C5 ADP E . -22.72 -29.29 7.26
C6 ADP E . -23.59 -28.20 7.31
N6 ADP E . -24.50 -27.95 6.37
N1 ADP E . -23.47 -27.32 8.33
C2 ADP E . -22.52 -27.57 9.25
N3 ADP E . -21.63 -28.56 9.30
C4 ADP E . -21.79 -29.40 8.28
H5'1 ADP E . -17.01 -31.24 6.72
H5'2 ADP E . -16.32 -29.95 7.38
H4' ADP E . -17.18 -30.49 9.45
H3' ADP E . -17.46 -33.04 8.66
HO3' ADP E . -18.53 -31.87 10.81
H2' ADP E . -19.46 -32.65 7.57
HO2' ADP E . -21.02 -33.38 8.89
H1' ADP E . -20.08 -30.85 9.74
H8 ADP E . -21.25 -31.83 6.43
HN61 ADP E . -24.97 -27.19 6.39
HN62 ADP E . -24.62 -28.52 5.71
H2 ADP E . -22.46 -26.93 9.95
C1 EDO F . 17.07 -9.59 22.22
O1 EDO F . 17.60 -9.92 20.94
C2 EDO F . 15.58 -9.63 22.33
O2 EDO F . 15.05 -9.45 23.63
H11 EDO F . 17.37 -8.67 22.45
H12 EDO F . 17.45 -10.18 22.89
HO1 EDO F . 18.20 -10.03 20.75
H21 EDO F . 15.27 -10.49 21.99
H22 EDO F . 15.20 -8.94 21.75
HO2 EDO F . 15.69 -9.26 24.16
C3 DG2 G . -25.40 -35.33 23.37
C4 DG2 G . -25.45 -36.83 23.61
O2 DG2 G . -25.75 -34.63 24.57
O5 DG2 G . -26.72 -37.19 24.17
O7 DG2 G . -23.95 -34.08 21.96
O8 DG2 G . -23.01 -35.53 23.37
O9 DG2 G . -26.60 -32.74 25.98
O10 DG2 G . -24.73 -32.37 24.32
O11 DG2 G . -27.07 -32.81 23.50
P1 DG2 G . -26.06 -33.04 24.60
C7 DG2 G . -24.01 -34.94 22.86
P6 DG2 G . -27.93 -37.54 23.17
O15 DG2 G . -27.97 -36.43 22.14
O14 DG2 G . -27.55 -38.89 22.58
O13 DG2 G . -29.19 -37.58 24.04
H1 DG2 G . -26.06 -35.11 22.66
H2 DG2 G . -24.73 -37.11 24.23
H3 DG2 G . -25.33 -37.31 22.76
C3 DG2 H . -7.45 -34.28 10.65
C4 DG2 H . -8.65 -35.20 10.62
O2 DG2 H . -7.86 -32.99 11.10
O5 DG2 H . -9.06 -35.59 11.94
O7 DG2 H . -5.69 -35.86 10.92
O8 DG2 H . -6.29 -34.65 12.70
O9 DG2 H . -10.30 -32.47 10.55
O10 DG2 H . -8.65 -30.62 10.97
O11 DG2 H . -8.52 -32.02 8.83
P1 DG2 H . -8.88 -31.98 10.32
C7 DG2 H . -6.37 -34.98 11.49
P6 DG2 H . -10.06 -36.88 12.06
O15 DG2 H . -11.15 -36.61 11.04
O14 DG2 H . -10.62 -36.96 13.50
O13 DG2 H . -9.20 -38.06 11.68
H1 DG2 H . -7.11 -34.19 9.72
H2 DG2 H . -8.46 -36.02 10.10
H3 DG2 H . -9.42 -34.74 10.19
C1 EDO I . -18.87 -14.35 17.09
O1 EDO I . -18.38 -13.66 15.95
C2 EDO I . -20.24 -13.93 17.44
O2 EDO I . -20.35 -12.53 17.56
H11 EDO I . -18.28 -14.16 17.85
H12 EDO I . -18.85 -15.31 16.92
HO1 EDO I . -17.61 -13.94 15.75
H21 EDO I . -20.50 -14.34 18.29
H22 EDO I . -20.86 -14.24 16.74
HO2 EDO I . -19.60 -12.17 17.37
MG MG J . -9.65 -32.57 7.31
MG MG K . 25.96 -7.01 17.20
C1 EDO L . 13.16 -26.27 22.86
O1 EDO L . 13.27 -24.98 23.48
C2 EDO L . 12.81 -26.30 21.40
O2 EDO L . 11.45 -26.10 21.06
H11 EDO L . 12.48 -26.78 23.35
H12 EDO L . 14.02 -26.73 22.98
HO1 EDO L . 13.25 -24.90 24.22
H21 EDO L . 13.09 -27.18 21.04
H22 EDO L . 13.36 -25.63 20.94
HO2 EDO L . 11.01 -25.88 21.74
C3 DG2 M . -6.37 16.89 15.24
C4 DG2 M . -6.14 18.25 14.62
O2 DG2 M . -6.62 15.92 14.23
O5 DG2 M . -6.44 19.22 15.63
O7 DG2 M . -4.04 16.43 15.59
O8 DG2 M . -5.43 16.22 17.33
O9 DG2 M . -7.99 14.50 12.70
O10 DG2 M . -9.01 15.43 14.83
O11 DG2 M . -8.46 16.97 12.91
P1 DG2 M . -8.11 15.68 13.63
C7 DG2 M . -5.18 16.48 16.13
P6 DG2 M . -7.08 20.61 15.19
O15 DG2 M . -6.08 21.19 14.21
O14 DG2 M . -7.23 21.42 16.46
O13 DG2 M . -8.43 20.26 14.57
H1 DG2 M . -7.17 16.95 15.83
H2 DG2 M . -6.73 18.39 13.84
H3 DG2 M . -5.20 18.36 14.33
PB ADP N . -1.50 7.70 32.57
O1B ADP N . -1.02 8.18 31.24
O2B ADP N . -0.33 7.55 33.51
O3B ADP N . -2.32 6.46 32.45
PA ADP N . -2.54 10.32 33.41
O1A ADP N . -1.21 10.83 32.95
O2A ADP N . -3.01 10.64 34.79
O3A ADP N . -2.59 8.74 33.20
O5' ADP N . -3.61 10.83 32.36
C5' ADP N . -5.03 10.94 32.63
C4' ADP N . -5.67 11.49 31.37
O4' ADP N . -7.11 11.65 31.53
C3' ADP N . -5.15 12.86 30.92
O3' ADP N . -4.87 12.86 29.52
C2' ADP N . -6.31 13.79 31.24
O2' ADP N . -6.30 14.96 30.45
C1' ADP N . -7.48 12.87 30.92
N9 ADP N . -8.79 13.24 31.47
C8 ADP N . -9.06 14.04 32.55
N7 ADP N . -10.34 14.08 32.84
C5 ADP N . -10.94 13.26 31.90
C6 ADP N . -12.27 12.89 31.67
N6 ADP N . -13.30 13.30 32.41
N1 ADP N . -12.53 12.03 30.65
C2 ADP N . -11.50 11.60 29.90
N3 ADP N . -10.20 11.87 30.03
C4 ADP N . -9.98 12.72 31.05
H5'1 ADP N . -5.18 11.55 33.39
H5'2 ADP N . -5.41 10.05 32.85
H4' ADP N . -5.52 10.84 30.66
H3' ADP N . -4.35 13.11 31.43
HO3' ADP N . -5.78 12.58 29.13
H2' ADP N . -6.32 14.03 32.20
HO2' ADP N . -6.98 15.42 30.68
H1' ADP N . -7.55 12.75 29.94
H8 ADP N . -8.40 14.50 33.04
HN61 ADP N . -14.10 12.97 32.27
HN62 ADP N . -13.16 13.90 33.04
H2 ADP N . -11.72 11.00 29.21
C1 EDO O . -14.62 -1.93 21.12
O1 EDO O . -13.81 -0.89 20.59
C2 EDO O . -15.32 -1.54 22.36
O2 EDO O . -15.97 -2.60 23.00
H11 EDO O . -14.05 -2.71 21.30
H12 EDO O . -15.28 -2.18 20.45
HO1 EDO O . -13.30 -1.26 19.91
H21 EDO O . -15.98 -0.84 22.14
H22 EDO O . -14.66 -1.14 22.97
HO2 EDO O . -15.71 -3.33 22.67
C1 EDO P . 14.93 -38.75 19.11
O1 EDO P . 16.04 -38.02 18.65
C2 EDO P . 14.14 -39.33 17.98
O2 EDO P . 13.00 -40.08 18.38
H11 EDO P . 14.35 -38.16 19.63
H12 EDO P . 15.23 -39.47 19.69
HO1 EDO P . 16.51 -37.66 19.40
H21 EDO P . 14.73 -39.91 17.46
H22 EDO P . 13.84 -38.59 17.40
HO2 EDO P . 12.98 -40.14 19.22
C1 EDO Q . -1.47 -18.05 44.49
O1 EDO Q . -1.67 -19.44 44.32
C2 EDO Q . -2.67 -17.26 44.13
O2 EDO Q . -2.42 -15.87 44.11
H11 EDO Q . -0.72 -17.77 43.93
H12 EDO Q . -1.24 -17.87 45.43
HO1 EDO Q . -1.04 -19.91 44.61
H21 EDO Q . -3.39 -17.46 44.77
H22 EDO Q . -2.98 -17.55 43.24
HO2 EDO Q . -1.62 -15.72 44.31
MG MG R . 1.61 8.25 33.74
MG MG S . 17.06 -33.56 27.00
P PO4 T . 2.35 7.03 30.84
O1 PO4 T . 1.87 8.32 30.26
O2 PO4 T . 3.80 6.81 30.43
O3 PO4 T . 1.47 5.92 30.31
O4 PO4 T . 2.20 7.08 32.36
PB ADP U . 26.11 12.95 -16.45
O1B ADP U . 26.18 13.78 -17.70
O2B ADP U . 24.72 12.85 -15.86
O3B ADP U . 26.76 11.58 -16.61
PA ADP U . 28.51 14.26 -15.53
O1A ADP U . 29.07 13.86 -16.85
O2A ADP U . 29.31 13.95 -14.31
O3A ADP U . 27.02 13.71 -15.36
O5' ADP U . 28.19 15.82 -15.59
C5' ADP U . 28.07 16.63 -14.40
C4' ADP U . 27.96 18.07 -14.85
O4' ADP U . 27.87 18.97 -13.72
C3' ADP U . 29.13 18.57 -15.70
O3' ADP U . 28.65 19.32 -16.82
C2' ADP U . 29.90 19.46 -14.71
O2' ADP U . 30.73 20.38 -15.37
C1' ADP U . 28.70 20.08 -13.99
N9 ADP U . 28.98 20.74 -12.72
C8 ADP U . 30.07 20.59 -11.90
N7 ADP U . 29.99 21.26 -10.78
C5 ADP U . 28.75 21.88 -10.85
C6 ADP U . 28.05 22.74 -9.97
N6 ADP U . 28.51 23.11 -8.79
N1 ADP U . 26.82 23.16 -10.33
C2 ADP U . 26.34 22.78 -11.52
N3 ADP U . 26.90 21.98 -12.43
C4 ADP U . 28.11 21.56 -12.03
H5'1 ADP U . 28.86 16.51 -13.82
H5'2 ADP U . 27.26 16.37 -13.89
H4' ADP U . 27.13 18.14 -15.38
H3' ADP U . 29.70 17.82 -16.00
HO3' ADP U . 28.14 19.93 -16.49
H2' ADP U . 30.43 18.90 -14.09
HO2' ADP U . 31.01 20.96 -14.88
H1' ADP U . 28.25 20.70 -14.59
H8 ADP U . 30.82 20.05 -12.13
HN61 ADP U . 28.02 23.59 -8.25
HN62 ADP U . 29.32 22.85 -8.54
H2 ADP U . 25.49 23.10 -11.74
C1 EDO V . -6.19 -4.31 -28.36
O1 EDO V . -4.91 -4.90 -28.55
C2 EDO V . -6.41 -3.02 -29.07
O2 EDO V . -5.92 -1.86 -28.42
H11 EDO V . -6.32 -4.16 -27.39
H12 EDO V . -6.87 -4.95 -28.66
HO1 EDO V . -4.65 -5.40 -27.91
H21 EDO V . -7.37 -2.91 -29.21
H22 EDO V . -5.99 -3.09 -29.95
HO2 EDO V . -5.42 -2.08 -27.76
C3 DG2 W . 27.04 10.64 -22.41
C4 DG2 W . 27.10 12.06 -22.96
O2 DG2 W . 25.84 10.47 -21.66
O5 DG2 W . 28.21 12.30 -23.83
O7 DG2 W . 26.22 9.63 -24.41
O8 DG2 W . 28.05 8.78 -23.48
O9 DG2 W . 24.09 11.26 -20.00
O10 DG2 W . 26.25 10.18 -19.20
O11 DG2 W . 26.22 12.51 -20.18
P1 DG2 W . 25.59 11.14 -20.19
C7 DG2 W . 27.11 9.59 -23.52
P6 DG2 W . 29.73 12.31 -23.26
O15 DG2 W . 30.54 13.02 -24.32
O14 DG2 W . 29.71 13.06 -21.95
O13 DG2 W . 30.15 10.86 -23.09
H1 DG2 W . 27.81 10.50 -21.81
H2 DG2 W . 27.16 12.70 -22.21
H3 DG2 W . 26.27 12.26 -23.46
C1 EDO X . 8.93 24.72 -12.11
O1 EDO X . 8.46 25.08 -10.84
C2 EDO X . 10.39 24.45 -12.16
O2 EDO X . 10.83 23.61 -11.12
H11 EDO X . 8.72 25.45 -12.75
H12 EDO X . 8.45 23.91 -12.41
HO1 EDO X . 7.74 25.32 -10.71
H21 EDO X . 10.88 25.30 -12.11
H22 EDO X . 10.62 24.03 -13.02
HO2 EDO X . 10.17 23.38 -10.63
C1 EDO Y . 3.08 7.79 -5.97
O1 EDO Y . 3.49 7.83 -7.34
C2 EDO Y . 2.50 9.08 -5.45
O2 EDO Y . 1.94 8.95 -4.16
H11 EDO Y . 3.86 7.55 -5.42
H12 EDO Y . 2.41 7.08 -5.86
HO1 EDO Y . 3.82 7.20 -7.58
H21 EDO Y . 1.80 9.38 -6.07
H22 EDO Y . 3.20 9.76 -5.43
HO2 EDO Y . 2.29 8.29 -3.75
MG MG Z . 27.71 10.74 -18.01
MG MG AA . -9.10 -13.83 -27.35
PB ADP BA . -20.01 18.49 -19.85
O1B ADP BA . -18.61 18.80 -20.38
O2B ADP BA . -19.97 17.46 -18.74
O3B ADP BA . -20.94 18.05 -20.94
PA ADP BA . -22.19 19.81 -18.57
O1A ADP BA . -23.09 20.87 -19.10
O2A ADP BA . -22.71 18.41 -18.60
O3A ADP BA . -20.73 19.81 -19.25
O5' ADP BA . -21.78 20.15 -17.06
C5' ADP BA . -21.47 21.52 -16.65
C4' ADP BA . -21.25 21.51 -15.15
O4' ADP BA . -21.07 22.85 -14.62
C3' ADP BA . -22.41 20.91 -14.34
O3' ADP BA . -21.92 20.03 -13.32
C2' ADP BA . -23.03 22.13 -13.66
O2' ADP BA . -23.75 21.77 -12.50
C1' ADP BA . -21.77 22.93 -13.40
N9 ADP BA . -21.93 24.33 -13.07
C8 ADP BA . -23.04 25.13 -13.22
N7 ADP BA . -22.84 26.38 -12.87
C5 ADP BA . -21.51 26.41 -12.45
C6 ADP BA . -20.69 27.45 -11.96
N6 ADP BA . -21.09 28.71 -11.83
N1 ADP BA . -19.41 27.14 -11.65
C2 ADP BA . -19.01 25.87 -11.80
N3 ADP BA . -19.68 24.82 -12.27
C4 ADP BA . -20.94 25.15 -12.58
H5'1 ADP BA . -22.22 22.12 -16.88
H5'2 ADP BA . -20.65 21.83 -17.11
H4' ADP BA . -20.43 20.99 -14.98
H3' ADP BA . -23.06 20.45 -14.92
HO3' ADP BA . -21.32 20.42 -12.93
H2' ADP BA . -23.63 22.61 -14.30
HO2' ADP BA . -23.99 22.40 -12.11
H1' ADP BA . -21.24 22.48 -12.70
H8 ADP BA . -23.86 24.81 -13.56
HN61 ADP BA . -20.52 29.32 -11.54
HN62 ADP BA . -21.90 28.93 -12.05
H2 ADP BA . -18.10 25.71 -11.56
C1 EDO CA . 9.56 -0.30 -35.52
O1 EDO CA . 8.32 -0.39 -36.23
C2 EDO CA . 9.43 -0.36 -34.02
O2 EDO CA . 10.66 -0.46 -33.34
H11 EDO CA . 10.00 0.54 -35.76
H12 EDO CA . 10.14 -1.04 -35.81
HO1 EDO CA . 8.31 0.06 -36.92
H21 EDO CA . 8.88 -1.14 -33.79
H22 EDO CA . 8.97 0.44 -33.71
HO2 EDO CA . 11.30 -0.54 -33.90
C3 DG2 DA . -21.84 12.24 -20.30
C4 DG2 DA . -21.73 11.76 -18.86
O2 DG2 DA . -20.51 12.58 -20.77
O5 DG2 DA . -22.61 12.52 -18.03
O7 DG2 DA . -23.47 11.61 -21.95
O8 DG2 DA . -22.37 9.99 -20.92
O9 DG2 DA . -18.31 13.90 -20.58
O10 DG2 DA . -20.24 14.44 -19.07
O11 DG2 DA . -20.37 15.00 -21.52
P1 DG2 DA . -19.82 14.05 -20.47
C7 DG2 DA . -22.61 11.19 -21.15
P6 DG2 DA . -24.12 12.00 -17.76
O15 DG2 DA . -24.71 11.64 -19.12
O14 DG2 DA . -24.00 10.81 -16.81
O13 DG2 DA . -24.85 13.17 -17.12
H1 DG2 DA . -22.39 13.06 -20.29
H2 DG2 DA . -20.80 11.88 -18.54
H3 DG2 DA . -21.95 10.81 -18.79
C3 DG2 EA . -19.12 14.10 0.04
C4 DG2 EA . -20.11 13.12 0.65
O2 DG2 EA . -17.82 13.92 0.60
O5 DG2 EA . -21.40 13.74 0.62
O7 DG2 EA . -18.63 14.94 -2.12
O8 DG2 EA . -19.53 12.92 -1.98
O9 DG2 EA . -17.89 15.75 2.30
O10 DG2 EA . -15.70 14.62 1.71
O11 DG2 EA . -16.84 16.14 0.04
P1 DG2 EA . -17.02 15.18 1.20
C7 DG2 EA . -19.09 13.98 -1.48
P6 DG2 EA . -21.86 14.61 1.89
O15 DG2 EA . -22.87 15.60 1.38
O14 DG2 EA . -22.46 13.61 2.87
O13 DG2 EA . -20.61 15.27 2.42
C1 EDO FA . -4.09 24.46 -10.51
O1 EDO FA . -4.58 25.78 -10.59
C2 EDO FA . -2.69 24.39 -10.97
O2 EDO FA . -2.52 24.96 -12.24
H11 EDO FA . -4.64 23.88 -11.06
H12 EDO FA . -4.14 24.16 -9.58
HO1 EDO FA . -5.45 25.87 -10.40
H21 EDO FA . -2.41 23.45 -10.99
H22 EDO FA . -2.11 24.86 -10.33
HO2 EDO FA . -3.26 25.24 -12.53
MG MG GA . -21.73 16.58 -21.87
MG MG HA . 12.13 -1.83 -44.91
#